data_5VWU
#
_entry.id   5VWU
#
_cell.length_a   218.247
_cell.length_b   218.247
_cell.length_c   318.004
_cell.angle_alpha   90.000
_cell.angle_beta   90.000
_cell.angle_gamma   120.000
#
_symmetry.space_group_name_H-M   'P 65 2 2'
#
loop_
_entity.id
_entity.type
_entity.pdbx_description
1 polymer 'UDP-galactopyranose mutase'
2 non-polymer 'FLAVIN-ADENINE DINUCLEOTIDE'
3 non-polymer '1,4-DIHYDRONICOTINAMIDE ADENINE DINUCLEOTIDE'
4 non-polymer 'SULFATE ION'
5 water water
#
_entity_poly.entity_id   1
_entity_poly.type   'polypeptide(L)'
_entity_poly.pdbx_seq_one_letter_code
;AIAMTHPDISVDVLVIGAGPTGLGAAKRLNQIDGPSWMIVDSNETPGGLASTDVTPEGFLYDVGGHVIFSHYKYFDDCLD
EALPKEDDWYTHQRISYVRCQGQWVPYPFQNNISMLPKEEQVKCIDGMIDAALEARVANTKPKTFDEWIVRMMGTGIADL
FMRPYNFKVWAVPTTKMQCAWLGERVAAPNLKAVTTNVILGKTAGNWGPNATFRFPARGGTGGIWIAVANTLPKEKTRFG
EKGKVTKVNANNKTVTLQDGTTIGYKKLVSTMAVDFLAEAMNDQELVGLTKQLFYSSTHVIGVGVRGSRPERIGDKCWLY
FPEDNCPFYRATIFSNYSPYNQPEASAALPTMQLADGSRPQSTEAKEGPYWSIMLEVSESSMKPVNQETILADCIQGLVN
TEMLKPTDEIVSTYHRRFDHGYPTPTLEREGTLTQILPKLQDKDIWSRGRFGSWRYEVGNQDHSFMLGVEAVDNIVNGAV
ELTLNYPDFVNGRQNTERRLVDGAQVFAKSKAQ
;
_entity_poly.pdbx_strand_id   A,B,C,D
#
loop_
_chem_comp.id
_chem_comp.type
_chem_comp.name
_chem_comp.formula
FAD non-polymer 'FLAVIN-ADENINE DINUCLEOTIDE' 'C27 H33 N9 O15 P2'
NAI non-polymer '1,4-DIHYDRONICOTINAMIDE ADENINE DINUCLEOTIDE' 'C21 H29 N7 O14 P2'
SO4 non-polymer 'SULFATE ION' 'O4 S -2'
#
# COMPACT_ATOMS: atom_id res chain seq x y z
N HIS A 6 -22.51 0.79 -64.93
CA HIS A 6 -22.69 -0.61 -65.28
C HIS A 6 -21.33 -1.32 -65.50
N PRO A 7 -20.81 -1.99 -64.44
CA PRO A 7 -19.57 -2.79 -64.56
C PRO A 7 -19.79 -4.26 -64.90
N ASP A 8 -18.71 -5.06 -64.91
CA ASP A 8 -18.79 -6.43 -65.45
C ASP A 8 -19.62 -7.35 -64.56
N ILE A 9 -19.39 -7.33 -63.26
CA ILE A 9 -20.20 -8.08 -62.31
C ILE A 9 -20.66 -7.12 -61.22
N SER A 10 -21.80 -7.43 -60.61
CA SER A 10 -22.32 -6.66 -59.49
C SER A 10 -22.69 -7.59 -58.35
N VAL A 11 -22.22 -7.26 -57.15
CA VAL A 11 -22.55 -8.01 -55.95
C VAL A 11 -22.85 -7.02 -54.84
N ASP A 12 -23.59 -7.51 -53.84
CA ASP A 12 -23.87 -6.69 -52.66
C ASP A 12 -22.63 -6.57 -51.79
N VAL A 13 -22.02 -7.71 -51.44
CA VAL A 13 -20.83 -7.76 -50.58
C VAL A 13 -19.75 -8.51 -51.34
N LEU A 14 -18.63 -7.84 -51.60
CA LEU A 14 -17.47 -8.44 -52.23
C LEU A 14 -16.44 -8.72 -51.16
N VAL A 15 -15.89 -9.93 -51.17
CA VAL A 15 -14.89 -10.36 -50.21
C VAL A 15 -13.56 -10.52 -50.94
N ILE A 16 -12.56 -9.74 -50.56
CA ILE A 16 -11.23 -9.87 -51.14
C ILE A 16 -10.38 -10.72 -50.21
N GLY A 17 -9.93 -11.86 -50.71
CA GLY A 17 -9.03 -12.76 -49.99
C GLY A 17 -9.77 -14.01 -49.51
N ALA A 18 -9.11 -15.16 -49.67
CA ALA A 18 -9.69 -16.43 -49.28
C ALA A 18 -8.80 -17.18 -48.31
N GLY A 19 -8.06 -16.45 -47.48
CA GLY A 19 -7.49 -17.02 -46.28
C GLY A 19 -8.59 -17.16 -45.25
N PRO A 20 -8.24 -17.55 -44.02
CA PRO A 20 -9.28 -17.80 -43.01
C PRO A 20 -10.29 -16.67 -42.81
N THR A 21 -9.85 -15.41 -42.80
CA THR A 21 -10.79 -14.32 -42.63
C THR A 21 -11.82 -14.30 -43.76
N GLY A 22 -11.36 -14.24 -45.01
CA GLY A 22 -12.29 -14.16 -46.12
C GLY A 22 -13.24 -15.34 -46.19
N LEU A 23 -12.70 -16.54 -45.92
CA LEU A 23 -13.54 -17.72 -45.90
C LEU A 23 -14.58 -17.63 -44.79
N GLY A 24 -14.19 -17.09 -43.63
CA GLY A 24 -15.19 -16.77 -42.62
C GLY A 24 -16.28 -15.87 -43.15
N ALA A 25 -15.87 -14.77 -43.79
CA ALA A 25 -16.81 -13.88 -44.43
C ALA A 25 -17.67 -14.63 -45.43
N ALA A 26 -17.05 -15.49 -46.25
CA ALA A 26 -17.81 -16.22 -47.26
C ALA A 26 -18.76 -17.23 -46.62
N LYS A 27 -18.29 -17.96 -45.60
CA LYS A 27 -19.14 -18.98 -44.98
C LYS A 27 -20.42 -18.36 -44.41
N ARG A 28 -20.30 -17.20 -43.77
CA ARG A 28 -21.46 -16.57 -43.15
C ARG A 28 -22.40 -15.98 -44.20
N LEU A 29 -21.86 -15.30 -45.21
CA LEU A 29 -22.69 -14.82 -46.31
C LEU A 29 -23.44 -15.97 -46.99
N ASN A 30 -22.76 -17.09 -47.18
CA ASN A 30 -23.38 -18.24 -47.83
C ASN A 30 -24.39 -18.92 -46.91
N GLN A 31 -24.20 -18.81 -45.60
CA GLN A 31 -25.19 -19.33 -44.65
C GLN A 31 -26.42 -18.43 -44.62
N ILE A 32 -26.23 -17.12 -44.39
CA ILE A 32 -27.33 -16.17 -44.41
C ILE A 32 -28.12 -16.33 -45.71
N ASP A 33 -27.40 -16.48 -46.82
CA ASP A 33 -28.01 -16.65 -48.14
C ASP A 33 -29.01 -15.54 -48.43
N GLY A 34 -28.60 -14.32 -48.18
CA GLY A 34 -29.44 -13.18 -48.45
C GLY A 34 -28.87 -12.32 -49.54
N PRO A 35 -28.03 -11.36 -49.17
CA PRO A 35 -27.39 -10.52 -50.17
C PRO A 35 -26.50 -11.35 -51.07
N SER A 36 -26.39 -10.92 -52.32
CA SER A 36 -25.48 -11.57 -53.25
C SER A 36 -24.04 -11.29 -52.82
N TRP A 37 -23.12 -12.13 -53.28
CA TRP A 37 -21.75 -11.96 -52.83
C TRP A 37 -20.81 -12.74 -53.74
N MET A 38 -19.54 -12.38 -53.67
CA MET A 38 -18.48 -13.07 -54.39
C MET A 38 -17.19 -12.92 -53.60
N ILE A 39 -16.33 -13.93 -53.69
CA ILE A 39 -15.02 -13.92 -53.02
C ILE A 39 -13.93 -14.14 -54.06
N VAL A 40 -12.87 -13.32 -54.00
CA VAL A 40 -11.76 -13.37 -54.96
C VAL A 40 -10.46 -13.57 -54.19
N ASP A 41 -9.48 -14.18 -54.88
CA ASP A 41 -8.14 -14.35 -54.34
C ASP A 41 -7.18 -14.56 -55.49
N SER A 42 -5.99 -13.96 -55.36
CA SER A 42 -4.97 -14.08 -56.39
C SER A 42 -4.35 -15.48 -56.46
N ASN A 43 -4.46 -16.26 -55.40
CA ASN A 43 -3.95 -17.63 -55.36
C ASN A 43 -5.07 -18.61 -55.75
N GLU A 44 -4.72 -19.59 -56.58
CA GLU A 44 -5.71 -20.59 -56.98
C GLU A 44 -6.11 -21.50 -55.83
N THR A 45 -5.32 -21.55 -54.77
CA THR A 45 -5.60 -22.44 -53.65
C THR A 45 -6.03 -21.61 -52.44
N PRO A 46 -7.19 -21.86 -51.87
CA PRO A 46 -7.62 -21.08 -50.71
C PRO A 46 -6.77 -21.37 -49.49
N GLY A 47 -6.79 -20.43 -48.56
CA GLY A 47 -6.11 -20.64 -47.30
C GLY A 47 -5.12 -19.57 -46.92
N GLY A 48 -4.75 -18.71 -47.87
CA GLY A 48 -3.81 -17.62 -47.60
C GLY A 48 -2.58 -18.10 -46.86
N LEU A 49 -2.11 -17.29 -45.95
CA LEU A 49 -0.95 -17.76 -45.19
C LEU A 49 -1.30 -18.89 -44.21
N ALA A 50 -2.47 -19.51 -44.20
CA ALA A 50 -2.68 -20.73 -43.42
C ALA A 50 -2.58 -21.97 -44.29
N SER A 51 -1.97 -21.84 -45.46
CA SER A 51 -1.78 -22.88 -46.43
C SER A 51 -0.65 -23.82 -46.03
N THR A 52 -0.54 -24.94 -46.76
CA THR A 52 0.50 -25.92 -46.50
C THR A 52 1.29 -26.15 -47.79
N ASP A 53 2.61 -26.02 -47.70
CA ASP A 53 3.51 -26.26 -48.82
C ASP A 53 4.08 -27.66 -48.73
N VAL A 54 4.62 -28.14 -49.85
CA VAL A 54 5.28 -29.44 -49.85
C VAL A 54 6.58 -29.35 -50.66
N THR A 55 7.66 -29.89 -50.11
CA THR A 55 8.92 -29.93 -50.83
C THR A 55 8.88 -31.00 -51.92
N PRO A 56 9.75 -30.89 -52.94
CA PRO A 56 9.82 -31.93 -53.99
C PRO A 56 10.02 -33.33 -53.44
N GLU A 57 10.51 -33.44 -52.22
CA GLU A 57 10.79 -34.73 -51.61
C GLU A 57 9.60 -35.31 -50.84
N GLY A 58 8.51 -34.57 -50.70
CA GLY A 58 7.31 -35.09 -50.09
C GLY A 58 7.05 -34.69 -48.66
N PHE A 59 7.72 -33.66 -48.15
CA PHE A 59 7.54 -33.19 -46.79
C PHE A 59 6.62 -31.97 -46.76
N LEU A 60 5.58 -32.02 -45.95
CA LEU A 60 4.65 -30.90 -45.80
C LEU A 60 5.15 -29.94 -44.72
N TYR A 61 4.92 -28.64 -44.95
CA TYR A 61 5.21 -27.60 -43.97
C TYR A 61 4.07 -26.61 -43.99
N ASP A 62 3.44 -26.38 -42.83
CA ASP A 62 2.47 -25.30 -42.70
C ASP A 62 3.23 -23.97 -42.78
N VAL A 63 2.57 -22.94 -43.28
CA VAL A 63 3.17 -21.60 -43.23
C VAL A 63 2.87 -20.94 -41.90
N GLY A 64 1.58 -20.91 -41.60
CA GLY A 64 1.03 -20.16 -40.47
C GLY A 64 0.45 -21.03 -39.38
N GLY A 65 1.23 -21.99 -38.91
CA GLY A 65 1.00 -22.81 -37.74
C GLY A 65 -0.34 -23.52 -37.75
N HIS A 66 -0.83 -23.75 -36.53
CA HIS A 66 -2.02 -24.54 -36.27
C HIS A 66 -2.73 -24.03 -35.01
N VAL A 67 -4.04 -24.16 -35.01
CA VAL A 67 -4.87 -23.73 -33.90
C VAL A 67 -4.78 -24.75 -32.78
N ILE A 68 -4.43 -24.30 -31.59
CA ILE A 68 -4.34 -25.20 -30.45
C ILE A 68 -5.57 -25.09 -29.55
N PHE A 69 -6.34 -24.00 -29.68
CA PHE A 69 -7.57 -23.80 -28.94
C PHE A 69 -8.54 -22.95 -29.75
N SER A 70 -9.78 -23.42 -29.87
CA SER A 70 -10.83 -22.68 -30.58
C SER A 70 -11.73 -21.94 -29.59
N HIS A 71 -12.06 -20.69 -29.89
CA HIS A 71 -12.88 -19.88 -29.01
C HIS A 71 -14.35 -19.82 -29.41
N TYR A 72 -14.76 -20.46 -30.49
CA TYR A 72 -16.10 -20.24 -31.03
C TYR A 72 -16.71 -21.56 -31.51
N LYS A 73 -17.91 -21.87 -31.04
CA LYS A 73 -18.64 -22.99 -31.61
C LYS A 73 -18.86 -22.80 -33.11
N TYR A 74 -18.85 -21.56 -33.60
CA TYR A 74 -19.06 -21.34 -35.03
C TYR A 74 -17.85 -21.82 -35.81
N PHE A 75 -16.65 -21.50 -35.33
CA PHE A 75 -15.44 -22.02 -35.94
C PHE A 75 -15.45 -23.55 -35.97
N ASP A 76 -15.80 -24.16 -34.83
CA ASP A 76 -15.89 -25.61 -34.73
C ASP A 76 -16.88 -26.19 -35.75
N ASP A 77 -18.06 -25.58 -35.88
CA ASP A 77 -19.05 -26.09 -36.83
C ASP A 77 -18.51 -26.10 -38.26
N CYS A 78 -17.70 -25.11 -38.62
CA CYS A 78 -17.23 -25.02 -40.00
C CYS A 78 -16.12 -26.05 -40.27
N LEU A 79 -15.28 -26.32 -39.27
CA LEU A 79 -14.30 -27.40 -39.39
C LEU A 79 -15.00 -28.75 -39.45
N ASP A 80 -15.97 -29.00 -38.56
CA ASP A 80 -16.70 -30.27 -38.57
C ASP A 80 -17.37 -30.51 -39.92
N GLU A 81 -17.98 -29.48 -40.50
CA GLU A 81 -18.55 -29.61 -41.83
C GLU A 81 -17.48 -29.96 -42.86
N ALA A 82 -16.32 -29.30 -42.78
CA ALA A 82 -15.30 -29.44 -43.80
C ALA A 82 -14.63 -30.80 -43.73
N LEU A 83 -14.39 -31.30 -42.52
CA LEU A 83 -13.69 -32.56 -42.30
C LEU A 83 -14.52 -33.37 -41.30
N PRO A 84 -15.55 -34.10 -41.79
CA PRO A 84 -16.54 -34.68 -40.88
C PRO A 84 -16.24 -36.06 -40.30
N LYS A 85 -15.28 -36.78 -40.86
CA LYS A 85 -14.98 -38.15 -40.43
C LYS A 85 -13.96 -38.14 -39.29
N GLU A 86 -14.10 -39.05 -38.35
CA GLU A 86 -13.19 -39.06 -37.21
C GLU A 86 -11.75 -39.27 -37.66
N ASP A 87 -11.54 -39.96 -38.78
CA ASP A 87 -10.18 -40.18 -39.27
C ASP A 87 -9.71 -39.07 -40.19
N ASP A 88 -10.40 -37.92 -40.23
CA ASP A 88 -9.87 -36.72 -40.85
C ASP A 88 -8.98 -35.94 -39.91
N TRP A 89 -8.94 -36.31 -38.63
CA TRP A 89 -8.26 -35.56 -37.58
C TRP A 89 -7.42 -36.47 -36.69
N TYR A 90 -6.37 -35.90 -36.12
CA TYR A 90 -5.64 -36.49 -35.01
C TYR A 90 -5.74 -35.57 -33.80
N THR A 91 -5.79 -36.17 -32.61
CA THR A 91 -5.89 -35.43 -31.35
C THR A 91 -4.58 -35.54 -30.59
N HIS A 92 -4.06 -34.40 -30.14
CA HIS A 92 -2.81 -34.35 -29.40
C HIS A 92 -2.98 -33.46 -28.17
N GLN A 93 -2.08 -33.64 -27.22
CA GLN A 93 -2.13 -32.83 -26.02
C GLN A 93 -1.55 -31.44 -26.26
N ARG A 94 -2.23 -30.47 -25.67
CA ARG A 94 -1.87 -29.07 -25.77
C ARG A 94 -0.76 -28.83 -24.75
N ILE A 95 0.47 -28.68 -25.24
CA ILE A 95 1.61 -28.48 -24.36
C ILE A 95 2.68 -27.76 -25.19
N SER A 96 3.68 -27.21 -24.51
CA SER A 96 4.84 -26.64 -25.19
C SER A 96 6.01 -26.63 -24.22
N TYR A 97 7.23 -26.49 -24.75
CA TYR A 97 8.41 -26.42 -23.90
C TYR A 97 9.28 -25.22 -24.29
N VAL A 98 9.99 -24.69 -23.29
CA VAL A 98 10.99 -23.66 -23.48
C VAL A 98 12.36 -24.30 -23.34
N ARG A 99 13.23 -24.05 -24.29
CA ARG A 99 14.60 -24.55 -24.27
C ARG A 99 15.45 -23.54 -23.52
N CYS A 100 15.92 -23.93 -22.34
CA CYS A 100 16.68 -23.01 -21.49
C CYS A 100 17.76 -23.83 -20.80
N GLN A 101 19.02 -23.56 -21.16
CA GLN A 101 20.19 -24.15 -20.51
C GLN A 101 20.15 -25.68 -20.45
N GLY A 102 20.16 -26.30 -21.64
CA GLY A 102 20.17 -27.75 -21.73
C GLY A 102 18.89 -28.45 -21.33
N GLN A 103 17.83 -27.71 -20.95
CA GLN A 103 16.61 -28.28 -20.40
C GLN A 103 15.40 -27.92 -21.27
N TRP A 104 14.44 -28.83 -21.33
CA TRP A 104 13.12 -28.57 -21.92
C TRP A 104 12.19 -28.26 -20.76
N VAL A 105 11.88 -26.98 -20.55
CA VAL A 105 11.12 -26.53 -19.40
C VAL A 105 9.64 -26.46 -19.80
N PRO A 106 8.79 -27.29 -19.23
CA PRO A 106 7.36 -27.27 -19.61
C PRO A 106 6.73 -25.91 -19.43
N TYR A 107 5.69 -25.66 -20.23
CA TYR A 107 4.89 -24.46 -20.11
C TYR A 107 3.87 -24.62 -19.00
N PRO A 108 3.62 -23.56 -18.22
CA PRO A 108 4.26 -22.24 -18.29
C PRO A 108 5.65 -22.19 -17.63
N PHE A 109 6.57 -21.46 -18.24
CA PHE A 109 7.97 -21.44 -17.81
C PHE A 109 8.12 -21.25 -16.30
N GLN A 110 7.48 -20.22 -15.74
CA GLN A 110 7.75 -19.90 -14.34
C GLN A 110 7.34 -21.04 -13.42
N ASN A 111 6.29 -21.80 -13.77
CA ASN A 111 5.87 -22.89 -12.90
C ASN A 111 6.81 -24.07 -12.95
N ASN A 112 7.93 -23.96 -13.65
CA ASN A 112 8.80 -25.12 -13.80
C ASN A 112 10.26 -24.76 -13.67
N ILE A 113 10.57 -23.61 -13.04
CA ILE A 113 11.98 -23.21 -12.95
C ILE A 113 12.77 -24.14 -12.04
N SER A 114 12.12 -25.07 -11.33
CA SER A 114 12.86 -26.04 -10.54
C SER A 114 13.86 -26.84 -11.36
N MET A 115 13.71 -26.83 -12.70
CA MET A 115 14.65 -27.52 -13.56
C MET A 115 15.96 -26.79 -13.73
N LEU A 116 16.02 -25.51 -13.40
CA LEU A 116 17.24 -24.72 -13.56
C LEU A 116 18.14 -24.92 -12.36
N PRO A 117 19.41 -24.55 -12.45
CA PRO A 117 20.28 -24.62 -11.27
C PRO A 117 19.69 -23.83 -10.09
N LYS A 118 19.97 -24.32 -8.89
CA LYS A 118 19.40 -23.72 -7.69
C LYS A 118 19.71 -22.22 -7.57
N GLU A 119 20.96 -21.81 -7.77
CA GLU A 119 21.26 -20.37 -7.66
C GLU A 119 20.42 -19.57 -8.63
N GLU A 120 20.05 -20.16 -9.77
CA GLU A 120 19.19 -19.42 -10.70
C GLU A 120 17.75 -19.38 -10.24
N GLN A 121 17.28 -20.44 -9.58
CA GLN A 121 15.99 -20.38 -8.91
C GLN A 121 15.96 -19.24 -7.90
N VAL A 122 17.04 -19.06 -7.13
CA VAL A 122 17.09 -17.98 -6.17
C VAL A 122 16.92 -16.63 -6.85
N LYS A 123 17.65 -16.39 -7.95
CA LYS A 123 17.54 -15.11 -8.63
C LYS A 123 16.13 -14.91 -9.17
N CYS A 124 15.50 -15.97 -9.65
CA CYS A 124 14.13 -15.86 -10.16
C CYS A 124 13.14 -15.57 -9.04
N ILE A 125 13.17 -16.36 -7.96
CA ILE A 125 12.22 -16.15 -6.87
C ILE A 125 12.46 -14.77 -6.25
N ASP A 126 13.72 -14.38 -6.06
CA ASP A 126 14.01 -13.08 -5.50
C ASP A 126 13.38 -11.97 -6.35
N GLY A 127 13.54 -12.05 -7.67
CA GLY A 127 12.91 -11.07 -8.55
C GLY A 127 11.39 -11.11 -8.48
N MET A 128 10.81 -12.30 -8.36
CA MET A 128 9.37 -12.39 -8.28
C MET A 128 8.86 -11.89 -6.93
N ILE A 129 9.65 -12.02 -5.86
CA ILE A 129 9.26 -11.45 -4.58
C ILE A 129 9.15 -9.93 -4.70
N ASP A 130 10.12 -9.32 -5.38
CA ASP A 130 10.10 -7.89 -5.64
C ASP A 130 8.83 -7.49 -6.40
N ALA A 131 8.47 -8.25 -7.43
CA ALA A 131 7.25 -7.97 -8.19
C ALA A 131 6.01 -8.18 -7.33
N ALA A 132 5.99 -9.23 -6.51
CA ALA A 132 4.82 -9.47 -5.68
C ALA A 132 4.60 -8.31 -4.72
N LEU A 133 5.68 -7.78 -4.14
CA LEU A 133 5.54 -6.66 -3.22
C LEU A 133 5.13 -5.38 -3.94
N GLU A 134 5.65 -5.12 -5.13
CA GLU A 134 5.21 -3.92 -5.84
C GLU A 134 3.75 -4.02 -6.27
N ALA A 135 3.32 -5.18 -6.76
CA ALA A 135 1.93 -5.36 -7.16
C ALA A 135 0.98 -5.07 -6.02
N ARG A 136 1.41 -5.31 -4.80
CA ARG A 136 0.57 -5.08 -3.64
C ARG A 136 0.22 -3.59 -3.47
N VAL A 137 0.98 -2.68 -4.07
CA VAL A 137 0.70 -1.26 -3.92
C VAL A 137 0.57 -0.59 -5.29
N ALA A 138 0.50 -1.39 -6.34
CA ALA A 138 0.31 -0.82 -7.67
C ALA A 138 -1.04 -0.14 -7.80
N ASN A 139 -1.06 1.01 -8.46
CA ASN A 139 -2.32 1.65 -8.81
C ASN A 139 -2.31 2.15 -10.25
N THR A 140 -1.39 1.67 -11.08
CA THR A 140 -1.38 1.99 -12.49
C THR A 140 -1.32 0.70 -13.30
N LYS A 141 -1.80 0.79 -14.55
CA LYS A 141 -1.62 -0.31 -15.48
C LYS A 141 -0.25 -0.19 -16.14
N PRO A 142 0.36 -1.30 -16.52
CA PRO A 142 1.62 -1.21 -17.27
C PRO A 142 1.38 -0.55 -18.63
N LYS A 143 2.37 0.21 -19.08
CA LYS A 143 2.24 0.91 -20.34
C LYS A 143 2.95 0.22 -21.49
N THR A 144 3.98 -0.57 -21.22
CA THR A 144 4.72 -1.28 -22.26
C THR A 144 4.75 -2.78 -22.02
N PHE A 145 4.98 -3.52 -23.09
CA PHE A 145 5.16 -4.96 -23.00
C PHE A 145 6.21 -5.32 -21.95
N ASP A 146 7.35 -4.64 -21.96
CA ASP A 146 8.41 -4.94 -21.00
C ASP A 146 7.95 -4.68 -19.57
N GLU A 147 7.28 -3.56 -19.33
CA GLU A 147 6.72 -3.32 -18.01
C GLU A 147 5.77 -4.42 -17.61
N TRP A 148 4.96 -4.91 -18.55
CA TRP A 148 4.01 -5.99 -18.25
C TRP A 148 4.74 -7.26 -17.85
N ILE A 149 5.82 -7.58 -18.56
CA ILE A 149 6.59 -8.79 -18.27
C ILE A 149 7.21 -8.72 -16.88
N VAL A 150 7.90 -7.62 -16.59
CA VAL A 150 8.55 -7.47 -15.29
C VAL A 150 7.53 -7.50 -14.17
N ARG A 151 6.41 -6.81 -14.33
CA ARG A 151 5.44 -6.82 -13.23
C ARG A 151 4.85 -8.21 -13.05
N MET A 152 4.79 -9.00 -14.11
CA MET A 152 4.22 -10.34 -14.05
C MET A 152 5.21 -11.36 -13.53
N MET A 153 6.46 -11.27 -13.95
CA MET A 153 7.44 -12.34 -13.73
C MET A 153 8.61 -11.91 -12.87
N GLY A 154 8.85 -10.62 -12.73
CA GLY A 154 10.05 -10.15 -12.08
C GLY A 154 11.28 -10.22 -12.99
N THR A 155 12.32 -9.50 -12.58
CA THR A 155 13.49 -9.34 -13.43
C THR A 155 14.14 -10.67 -13.79
N GLY A 156 14.38 -11.52 -12.79
CA GLY A 156 15.08 -12.77 -13.06
C GLY A 156 14.45 -13.61 -14.16
N ILE A 157 13.17 -13.90 -14.04
CA ILE A 157 12.46 -14.71 -15.01
C ILE A 157 12.27 -13.95 -16.32
N ALA A 158 12.18 -12.62 -16.25
CA ALA A 158 12.04 -11.89 -17.50
C ALA A 158 13.27 -12.07 -18.35
N ASP A 159 14.45 -12.03 -17.72
CA ASP A 159 15.70 -12.10 -18.48
C ASP A 159 15.97 -13.50 -19.03
N LEU A 160 15.46 -14.54 -18.38
CA LEU A 160 15.68 -15.91 -18.87
C LEU A 160 14.81 -16.25 -20.06
N PHE A 161 13.58 -15.77 -20.09
CA PHE A 161 12.68 -16.25 -21.12
C PHE A 161 11.98 -15.10 -21.87
N MET A 162 11.01 -14.44 -21.23
CA MET A 162 10.11 -13.57 -22.00
C MET A 162 10.82 -12.40 -22.69
N ARG A 163 11.83 -11.78 -22.05
CA ARG A 163 12.54 -10.69 -22.72
C ARG A 163 13.29 -11.16 -23.96
N PRO A 164 14.33 -12.01 -23.85
CA PRO A 164 15.06 -12.39 -25.08
C PRO A 164 14.18 -13.11 -26.08
N TYR A 165 13.19 -13.87 -25.62
CA TYR A 165 12.37 -14.62 -26.56
C TYR A 165 11.56 -13.67 -27.44
N ASN A 166 10.95 -12.65 -26.84
CA ASN A 166 10.10 -11.76 -27.60
C ASN A 166 10.88 -10.88 -28.55
N PHE A 167 12.11 -10.50 -28.20
CA PHE A 167 12.95 -9.84 -29.19
C PHE A 167 13.14 -10.75 -30.41
N LYS A 168 13.42 -12.05 -30.20
CA LYS A 168 13.58 -12.94 -31.34
C LYS A 168 12.27 -13.11 -32.12
N VAL A 169 11.12 -12.99 -31.47
CA VAL A 169 9.84 -13.16 -32.15
C VAL A 169 9.45 -11.91 -32.92
N TRP A 170 9.45 -10.76 -32.24
CA TRP A 170 8.91 -9.54 -32.80
C TRP A 170 9.94 -8.73 -33.54
N ALA A 171 11.21 -9.04 -33.34
CA ALA A 171 12.30 -8.32 -33.98
C ALA A 171 12.22 -6.81 -33.68
N VAL A 172 11.61 -6.46 -32.55
CA VAL A 172 11.72 -5.15 -31.90
C VAL A 172 11.77 -5.37 -30.40
N PRO A 173 12.34 -4.42 -29.64
CA PRO A 173 12.43 -4.61 -28.18
C PRO A 173 11.09 -4.56 -27.46
N THR A 174 11.03 -5.25 -26.32
CA THR A 174 9.84 -5.24 -25.47
C THR A 174 9.46 -3.84 -24.99
N THR A 175 10.41 -2.90 -24.94
CA THR A 175 10.13 -1.55 -24.49
C THR A 175 9.37 -0.72 -25.51
N LYS A 176 9.31 -1.17 -26.77
CA LYS A 176 8.67 -0.45 -27.86
C LYS A 176 7.31 -1.02 -28.23
N MET A 177 6.78 -1.95 -27.44
CA MET A 177 5.51 -2.57 -27.72
C MET A 177 4.48 -2.26 -26.63
N GLN A 178 3.22 -2.21 -27.02
CA GLN A 178 2.14 -2.10 -26.07
C GLN A 178 1.90 -3.46 -25.40
N CYS A 179 0.99 -3.50 -24.44
CA CYS A 179 0.71 -4.75 -23.74
C CYS A 179 -0.79 -5.05 -23.57
N ALA A 180 -1.67 -4.15 -24.02
CA ALA A 180 -3.11 -4.41 -23.94
C ALA A 180 -3.51 -5.67 -24.69
N TRP A 181 -2.73 -6.05 -25.70
CA TRP A 181 -3.04 -7.22 -26.52
C TRP A 181 -2.92 -8.53 -25.76
N LEU A 182 -2.24 -8.51 -24.61
CA LEU A 182 -2.05 -9.74 -23.83
C LEU A 182 -3.26 -10.11 -23.03
N GLY A 183 -4.20 -9.20 -22.85
CA GLY A 183 -5.38 -9.44 -22.05
C GLY A 183 -5.49 -8.43 -20.93
N GLU A 184 -6.59 -8.55 -20.19
CA GLU A 184 -6.88 -7.69 -19.05
C GLU A 184 -6.55 -8.33 -17.70
N ARG A 185 -6.08 -9.60 -17.69
CA ARG A 185 -5.55 -10.20 -16.47
C ARG A 185 -4.49 -9.27 -15.86
N VAL A 186 -4.68 -8.93 -14.57
CA VAL A 186 -3.79 -8.01 -13.88
C VAL A 186 -2.36 -8.53 -13.92
N ALA A 187 -1.41 -7.62 -14.14
CA ALA A 187 0.00 -7.98 -14.29
C ALA A 187 0.63 -8.07 -12.89
N ALA A 188 0.55 -9.26 -12.31
CA ALA A 188 1.05 -9.57 -10.98
C ALA A 188 1.46 -11.04 -11.00
N PRO A 189 2.44 -11.43 -10.19
CA PRO A 189 2.89 -12.82 -10.19
C PRO A 189 2.09 -13.69 -9.22
N ASN A 190 1.99 -14.99 -9.56
CA ASN A 190 1.46 -15.94 -8.60
C ASN A 190 2.65 -16.51 -7.84
N LEU A 191 3.09 -15.74 -6.84
CA LEU A 191 4.27 -16.09 -6.06
C LEU A 191 4.11 -17.45 -5.37
N LYS A 192 2.93 -17.75 -4.82
CA LYS A 192 2.79 -19.03 -4.11
C LYS A 192 2.91 -20.21 -5.06
N ALA A 193 2.30 -20.11 -6.24
CA ALA A 193 2.41 -21.19 -7.21
C ALA A 193 3.87 -21.42 -7.62
N VAL A 194 4.60 -20.34 -7.91
CA VAL A 194 5.96 -20.50 -8.38
C VAL A 194 6.85 -21.08 -7.29
N THR A 195 6.73 -20.58 -6.05
CA THR A 195 7.57 -21.11 -4.98
C THR A 195 7.14 -22.50 -4.58
N THR A 196 5.81 -22.77 -4.57
CA THR A 196 5.36 -24.11 -4.21
C THR A 196 5.98 -25.16 -5.13
N ASN A 197 5.98 -24.89 -6.45
CA ASN A 197 6.57 -25.86 -7.36
C ASN A 197 8.08 -25.97 -7.13
N VAL A 198 8.75 -24.85 -6.84
CA VAL A 198 10.17 -24.92 -6.55
C VAL A 198 10.43 -25.78 -5.32
N ILE A 199 9.64 -25.58 -4.27
CA ILE A 199 9.80 -26.36 -3.05
C ILE A 199 9.48 -27.83 -3.30
N LEU A 200 8.36 -28.11 -3.97
CA LEU A 200 7.97 -29.50 -4.17
C LEU A 200 8.85 -30.21 -5.17
N GLY A 201 9.65 -29.48 -5.97
CA GLY A 201 10.43 -30.09 -7.04
C GLY A 201 9.62 -30.60 -8.21
N LYS A 202 8.37 -30.17 -8.32
CA LYS A 202 7.40 -30.66 -9.31
C LYS A 202 7.40 -29.85 -10.63
N ALA A 211 -6.99 -31.36 -22.07
CA ALA A 211 -6.51 -30.18 -22.78
C ALA A 211 -5.80 -30.58 -24.07
N THR A 212 -6.56 -30.67 -25.16
CA THR A 212 -6.07 -31.21 -26.42
C THR A 212 -6.32 -30.24 -27.55
N PHE A 213 -5.81 -30.61 -28.71
CA PHE A 213 -6.15 -29.94 -29.94
C PHE A 213 -6.20 -31.00 -31.03
N ARG A 214 -6.89 -30.69 -32.12
CA ARG A 214 -6.97 -31.59 -33.24
C ARG A 214 -6.23 -31.01 -34.43
N PHE A 215 -5.63 -31.90 -35.21
CA PHE A 215 -4.81 -31.52 -36.34
C PHE A 215 -5.23 -32.36 -37.53
N PRO A 216 -5.29 -31.77 -38.72
CA PRO A 216 -5.82 -32.51 -39.88
C PRO A 216 -4.95 -33.72 -40.17
N ALA A 217 -5.60 -34.86 -40.44
CA ALA A 217 -4.87 -36.08 -40.76
C ALA A 217 -4.06 -35.93 -42.04
N ARG A 218 -4.62 -35.23 -43.03
CA ARG A 218 -3.99 -35.06 -44.34
C ARG A 218 -4.04 -33.60 -44.77
N GLY A 219 -3.07 -33.22 -45.59
CA GLY A 219 -3.00 -31.93 -46.23
C GLY A 219 -2.42 -30.84 -45.37
N GLY A 220 -2.00 -31.17 -44.16
CA GLY A 220 -1.61 -30.16 -43.22
C GLY A 220 -2.76 -29.21 -42.91
N THR A 221 -2.38 -28.12 -42.25
CA THR A 221 -3.38 -27.15 -41.83
C THR A 221 -4.14 -26.58 -43.03
N GLY A 222 -3.42 -26.30 -44.12
CA GLY A 222 -4.03 -25.76 -45.32
C GLY A 222 -5.11 -26.63 -45.91
N GLY A 223 -5.19 -27.89 -45.47
CA GLY A 223 -6.25 -28.77 -45.92
C GLY A 223 -7.58 -28.43 -45.29
N ILE A 224 -7.57 -27.96 -44.04
CA ILE A 224 -8.79 -27.42 -43.44
C ILE A 224 -9.39 -26.40 -44.38
N TRP A 225 -8.58 -25.43 -44.81
CA TRP A 225 -9.15 -24.31 -45.54
C TRP A 225 -9.54 -24.69 -46.96
N ILE A 226 -8.82 -25.62 -47.61
CA ILE A 226 -9.29 -26.18 -48.87
C ILE A 226 -10.62 -26.88 -48.67
N ALA A 227 -10.75 -27.67 -47.60
CA ALA A 227 -12.01 -28.38 -47.34
C ALA A 227 -13.15 -27.40 -47.05
N VAL A 228 -12.88 -26.40 -46.20
CA VAL A 228 -13.86 -25.34 -45.93
C VAL A 228 -14.24 -24.64 -47.22
N ALA A 229 -13.25 -24.28 -48.03
CA ALA A 229 -13.55 -23.59 -49.29
C ALA A 229 -14.38 -24.46 -50.24
N ASN A 230 -14.25 -25.79 -50.16
CA ASN A 230 -15.08 -26.65 -51.00
C ASN A 230 -16.57 -26.42 -50.77
N THR A 231 -16.97 -26.04 -49.56
CA THR A 231 -18.38 -25.89 -49.23
C THR A 231 -19.04 -24.67 -49.87
N LEU A 232 -18.26 -23.70 -50.34
CA LEU A 232 -18.85 -22.55 -50.99
C LEU A 232 -19.33 -22.95 -52.38
N PRO A 233 -20.39 -22.33 -52.88
CA PRO A 233 -20.79 -22.54 -54.29
C PRO A 233 -19.69 -22.06 -55.24
N LYS A 234 -19.21 -22.97 -56.09
CA LYS A 234 -18.05 -22.66 -56.94
C LYS A 234 -18.27 -21.40 -57.77
N GLU A 235 -19.49 -21.21 -58.29
CA GLU A 235 -19.75 -20.07 -59.17
C GLU A 235 -19.59 -18.73 -58.45
N LYS A 236 -19.67 -18.70 -57.12
CA LYS A 236 -19.50 -17.49 -56.32
C LYS A 236 -18.04 -17.28 -55.87
N THR A 237 -17.09 -18.06 -56.39
CA THR A 237 -15.67 -17.87 -56.09
C THR A 237 -14.88 -17.55 -57.35
N ARG A 238 -13.70 -16.95 -57.16
CA ARG A 238 -12.82 -16.57 -58.27
C ARG A 238 -11.39 -16.53 -57.74
N PHE A 239 -10.73 -17.69 -57.78
CA PHE A 239 -9.39 -17.86 -57.21
C PHE A 239 -8.35 -17.99 -58.32
N GLY A 240 -7.17 -17.45 -58.06
CA GLY A 240 -6.07 -17.50 -59.01
C GLY A 240 -5.81 -16.16 -59.67
N GLU A 241 -5.05 -16.19 -60.77
CA GLU A 241 -4.73 -14.97 -61.48
C GLU A 241 -5.99 -14.25 -61.94
N LYS A 242 -7.07 -14.99 -62.22
CA LYS A 242 -8.27 -14.32 -62.68
C LYS A 242 -8.89 -13.45 -61.60
N GLY A 243 -8.56 -13.70 -60.33
CA GLY A 243 -9.10 -12.98 -59.19
C GLY A 243 -8.11 -12.12 -58.43
N LYS A 244 -7.00 -11.72 -59.05
CA LYS A 244 -6.09 -10.76 -58.43
C LYS A 244 -6.68 -9.37 -58.56
N VAL A 245 -6.76 -8.65 -57.45
CA VAL A 245 -7.28 -7.29 -57.44
C VAL A 245 -6.12 -6.33 -57.65
N THR A 246 -6.28 -5.40 -58.60
CA THR A 246 -5.25 -4.41 -58.90
C THR A 246 -5.70 -2.98 -58.61
N LYS A 247 -6.96 -2.65 -58.86
CA LYS A 247 -7.50 -1.34 -58.56
C LYS A 247 -8.70 -1.47 -57.61
N VAL A 248 -8.85 -0.49 -56.74
CA VAL A 248 -10.01 -0.36 -55.86
C VAL A 248 -10.46 1.10 -55.93
N ASN A 249 -11.62 1.35 -56.52
CA ASN A 249 -12.15 2.70 -56.62
C ASN A 249 -13.16 2.86 -55.48
N ALA A 250 -12.69 3.38 -54.35
CA ALA A 250 -13.58 3.49 -53.20
C ALA A 250 -14.83 4.31 -53.54
N ASN A 251 -14.70 5.32 -54.41
CA ASN A 251 -15.82 6.23 -54.64
C ASN A 251 -16.83 5.67 -55.62
N ASN A 252 -16.41 4.87 -56.59
CA ASN A 252 -17.34 4.21 -57.50
C ASN A 252 -17.78 2.84 -56.99
N LYS A 253 -17.30 2.45 -55.79
CA LYS A 253 -17.55 1.13 -55.23
C LYS A 253 -17.32 0.07 -56.29
N THR A 254 -16.14 0.15 -56.90
CA THR A 254 -15.76 -0.70 -58.02
C THR A 254 -14.36 -1.24 -57.79
N VAL A 255 -14.22 -2.54 -57.96
CA VAL A 255 -12.92 -3.21 -57.92
C VAL A 255 -12.59 -3.72 -59.31
N THR A 256 -11.33 -3.52 -59.73
CA THR A 256 -10.86 -3.98 -61.02
C THR A 256 -9.80 -5.06 -60.84
N LEU A 257 -9.92 -6.15 -61.60
CA LEU A 257 -9.00 -7.27 -61.48
C LEU A 257 -7.89 -7.17 -62.52
N GLN A 258 -6.93 -8.10 -62.41
CA GLN A 258 -5.80 -8.10 -63.33
C GLN A 258 -6.25 -8.44 -64.74
N ASP A 259 -7.16 -9.42 -64.88
CA ASP A 259 -7.61 -9.64 -66.27
C ASP A 259 -8.52 -8.51 -66.78
N GLY A 260 -8.70 -7.41 -66.06
CA GLY A 260 -9.51 -6.29 -66.51
C GLY A 260 -10.96 -6.35 -66.10
N THR A 261 -11.38 -7.46 -65.49
CA THR A 261 -12.75 -7.57 -65.00
C THR A 261 -13.00 -6.52 -63.93
N THR A 262 -14.12 -5.82 -64.06
CA THR A 262 -14.56 -4.82 -63.09
C THR A 262 -15.70 -5.41 -62.26
N ILE A 263 -15.57 -5.33 -60.95
CA ILE A 263 -16.60 -5.78 -60.02
C ILE A 263 -17.15 -4.59 -59.25
N GLY A 264 -18.46 -4.41 -59.30
CA GLY A 264 -19.13 -3.40 -58.50
C GLY A 264 -19.69 -4.05 -57.25
N TYR A 265 -19.54 -3.36 -56.12
CA TYR A 265 -19.95 -3.85 -54.81
C TYR A 265 -20.81 -2.80 -54.11
N LYS A 266 -21.66 -3.27 -53.20
CA LYS A 266 -22.32 -2.35 -52.27
C LYS A 266 -21.59 -2.27 -50.92
N LYS A 267 -21.00 -3.37 -50.44
CA LYS A 267 -20.14 -3.36 -49.26
C LYS A 267 -18.93 -4.23 -49.58
N LEU A 268 -17.76 -3.85 -49.05
CA LEU A 268 -16.52 -4.54 -49.37
C LEU A 268 -15.84 -5.03 -48.09
N VAL A 269 -15.58 -6.33 -48.01
CA VAL A 269 -14.82 -6.93 -46.93
C VAL A 269 -13.46 -7.26 -47.50
N SER A 270 -12.45 -6.46 -47.15
CA SER A 270 -11.11 -6.61 -47.68
C SER A 270 -10.23 -7.22 -46.61
N THR A 271 -9.67 -8.39 -46.91
CA THR A 271 -8.78 -9.08 -46.00
C THR A 271 -7.32 -9.08 -46.45
N MET A 272 -6.98 -8.30 -47.49
CA MET A 272 -5.58 -8.12 -47.84
C MET A 272 -4.91 -7.17 -46.85
N ALA A 273 -3.59 -7.17 -46.85
CA ALA A 273 -2.87 -6.29 -45.94
C ALA A 273 -3.31 -4.85 -46.20
N VAL A 274 -3.64 -4.11 -45.13
CA VAL A 274 -4.28 -2.80 -45.27
C VAL A 274 -3.36 -1.83 -46.00
N ASP A 275 -2.04 -2.01 -45.88
CA ASP A 275 -1.13 -1.15 -46.62
C ASP A 275 -1.22 -1.39 -48.13
N PHE A 276 -1.40 -2.65 -48.53
CA PHE A 276 -1.65 -2.97 -49.94
C PHE A 276 -2.99 -2.42 -50.40
N LEU A 277 -4.00 -2.48 -49.53
CA LEU A 277 -5.29 -1.88 -49.86
C LEU A 277 -5.13 -0.40 -50.15
N ALA A 278 -4.34 0.30 -49.32
CA ALA A 278 -4.16 1.73 -49.51
C ALA A 278 -3.53 2.01 -50.86
N GLU A 279 -2.54 1.20 -51.25
CA GLU A 279 -1.90 1.34 -52.55
C GLU A 279 -2.91 1.12 -53.66
N ALA A 280 -3.75 0.10 -53.52
CA ALA A 280 -4.72 -0.25 -54.56
C ALA A 280 -5.84 0.75 -54.67
N MET A 281 -6.00 1.64 -53.70
CA MET A 281 -6.97 2.71 -53.76
C MET A 281 -6.37 4.01 -54.27
N ASN A 282 -5.06 4.03 -54.55
CA ASN A 282 -4.32 5.25 -54.88
C ASN A 282 -4.75 6.40 -53.99
N ASP A 283 -4.67 6.15 -52.69
CA ASP A 283 -5.12 7.05 -51.63
C ASP A 283 -3.88 7.43 -50.82
N GLN A 284 -3.24 8.55 -51.17
CA GLN A 284 -1.98 8.89 -50.52
C GLN A 284 -2.16 9.23 -49.04
N GLU A 285 -3.38 9.61 -48.62
CA GLU A 285 -3.62 9.82 -47.19
C GLU A 285 -3.54 8.49 -46.45
N LEU A 286 -4.20 7.45 -46.98
CA LEU A 286 -4.15 6.13 -46.37
C LEU A 286 -2.78 5.49 -46.51
N VAL A 287 -2.12 5.69 -47.66
CA VAL A 287 -0.77 5.14 -47.84
C VAL A 287 0.17 5.68 -46.78
N GLY A 288 0.12 7.00 -46.55
CA GLY A 288 0.93 7.60 -45.51
C GLY A 288 0.67 6.98 -44.15
N LEU A 289 -0.62 6.75 -43.85
CA LEU A 289 -1.00 6.17 -42.56
C LEU A 289 -0.53 4.74 -42.42
N THR A 290 -0.79 3.89 -43.42
CA THR A 290 -0.41 2.48 -43.32
C THR A 290 1.09 2.32 -43.17
N LYS A 291 1.87 3.16 -43.85
CA LYS A 291 3.34 3.13 -43.75
C LYS A 291 3.83 3.40 -42.32
N GLN A 292 2.98 3.95 -41.45
CA GLN A 292 3.34 4.09 -40.05
C GLN A 292 3.27 2.78 -39.27
N LEU A 293 2.52 1.80 -39.80
CA LEU A 293 2.37 0.51 -39.15
C LEU A 293 3.66 -0.32 -39.31
N PHE A 294 4.06 -0.97 -38.25
CA PHE A 294 5.25 -1.81 -38.28
C PHE A 294 4.90 -3.30 -38.40
N TYR A 295 5.76 -4.03 -39.10
CA TYR A 295 5.60 -5.47 -39.23
C TYR A 295 6.95 -6.15 -39.39
N SER A 296 7.00 -7.41 -39.01
CA SER A 296 8.19 -8.22 -39.19
C SER A 296 7.95 -9.22 -40.32
N SER A 297 9.04 -9.62 -40.95
CA SER A 297 9.00 -10.66 -41.96
C SER A 297 9.40 -11.97 -41.29
N THR A 298 8.87 -13.07 -41.84
CA THR A 298 9.03 -14.38 -41.22
C THR A 298 9.63 -15.36 -42.20
N HIS A 299 10.69 -16.05 -41.77
CA HIS A 299 11.27 -17.16 -42.51
C HIS A 299 10.76 -18.47 -41.94
N VAL A 300 10.11 -19.27 -42.77
CA VAL A 300 9.72 -20.63 -42.39
C VAL A 300 10.76 -21.57 -42.98
N ILE A 301 11.40 -22.38 -42.13
CA ILE A 301 12.37 -23.36 -42.58
C ILE A 301 11.86 -24.74 -42.22
N GLY A 302 11.88 -25.66 -43.18
CA GLY A 302 11.55 -27.05 -42.94
C GLY A 302 12.77 -27.92 -43.15
N VAL A 303 12.97 -28.87 -42.24
CA VAL A 303 14.07 -29.83 -42.39
C VAL A 303 13.50 -31.24 -42.28
N GLY A 304 13.69 -32.04 -43.31
CA GLY A 304 13.25 -33.43 -43.32
C GLY A 304 14.43 -34.32 -42.98
N VAL A 305 14.23 -35.21 -42.02
CA VAL A 305 15.32 -36.02 -41.49
C VAL A 305 15.02 -37.50 -41.66
N ARG A 306 16.06 -38.29 -41.93
CA ARG A 306 15.96 -39.73 -41.99
C ARG A 306 16.20 -40.29 -40.59
N GLY A 307 15.44 -41.32 -40.24
CA GLY A 307 15.49 -41.89 -38.91
C GLY A 307 14.12 -41.93 -38.24
N SER A 308 14.09 -42.59 -37.09
CA SER A 308 12.91 -42.55 -36.24
C SER A 308 12.98 -41.33 -35.32
N ARG A 309 11.82 -40.96 -34.77
CA ARG A 309 11.75 -39.74 -33.96
C ARG A 309 12.69 -39.85 -32.76
N PRO A 310 13.49 -38.82 -32.47
CA PRO A 310 14.37 -38.85 -31.30
C PRO A 310 13.64 -38.65 -29.96
N GLU A 311 14.01 -39.47 -28.98
CA GLU A 311 13.46 -39.40 -27.63
C GLU A 311 13.68 -38.04 -26.99
N GLY A 314 9.47 -35.89 -28.63
CA GLY A 314 8.34 -36.81 -28.75
C GLY A 314 6.89 -36.29 -28.60
N ASP A 315 6.67 -35.21 -27.85
CA ASP A 315 5.33 -34.70 -27.72
C ASP A 315 5.04 -33.73 -28.87
N LYS A 316 3.75 -33.64 -29.20
CA LYS A 316 3.25 -32.98 -30.41
C LYS A 316 3.11 -31.47 -30.24
N CYS A 317 4.23 -30.79 -30.00
CA CYS A 317 4.09 -29.38 -29.62
C CYS A 317 5.08 -28.47 -30.32
N TRP A 318 5.07 -27.23 -29.84
CA TRP A 318 5.95 -26.13 -30.17
C TRP A 318 7.08 -26.10 -29.14
N LEU A 319 8.23 -25.59 -29.56
CA LEU A 319 9.36 -25.41 -28.66
C LEU A 319 9.79 -23.97 -28.80
N TYR A 320 10.09 -23.32 -27.67
CA TYR A 320 10.48 -21.91 -27.67
C TYR A 320 11.96 -21.80 -27.32
N PHE A 321 12.66 -20.85 -27.98
CA PHE A 321 14.11 -20.75 -27.87
C PHE A 321 14.50 -19.32 -27.55
N PRO A 322 14.48 -18.94 -26.28
CA PRO A 322 14.96 -17.59 -25.91
C PRO A 322 16.47 -17.45 -26.07
N GLU A 323 17.23 -18.56 -26.01
CA GLU A 323 18.66 -18.41 -26.02
C GLU A 323 19.15 -18.11 -27.43
N ASP A 324 20.38 -17.64 -27.52
CA ASP A 324 20.88 -17.13 -28.79
C ASP A 324 21.90 -18.05 -29.45
N ASN A 325 21.74 -19.36 -29.25
CA ASN A 325 22.53 -20.36 -29.97
C ASN A 325 21.76 -20.96 -31.15
N CYS A 326 20.64 -20.35 -31.53
CA CYS A 326 19.88 -20.75 -32.70
C CYS A 326 19.17 -19.49 -33.15
N PRO A 327 19.07 -19.24 -34.47
CA PRO A 327 18.41 -18.00 -34.91
C PRO A 327 16.90 -18.03 -34.81
N PHE A 328 16.29 -19.23 -34.71
CA PHE A 328 14.83 -19.33 -34.71
C PHE A 328 14.25 -19.09 -33.32
N TYR A 329 13.02 -18.59 -33.29
CA TYR A 329 12.34 -18.40 -32.00
C TYR A 329 11.44 -19.59 -31.62
N ARG A 330 10.85 -20.28 -32.57
CA ARG A 330 10.12 -21.48 -32.19
C ARG A 330 10.33 -22.57 -33.25
N ALA A 331 10.23 -23.80 -32.79
CA ALA A 331 10.41 -24.98 -33.62
C ALA A 331 9.38 -26.03 -33.25
N THR A 332 8.99 -26.84 -34.23
CA THR A 332 8.13 -27.96 -33.89
C THR A 332 8.51 -29.21 -34.69
N ILE A 333 8.34 -30.35 -34.02
CA ILE A 333 8.53 -31.64 -34.63
C ILE A 333 7.29 -31.96 -35.43
N PHE A 334 7.17 -31.32 -36.60
CA PHE A 334 5.94 -31.35 -37.39
C PHE A 334 5.53 -32.77 -37.76
N SER A 335 6.49 -33.69 -37.82
CA SER A 335 6.20 -35.09 -38.16
C SER A 335 5.40 -35.81 -37.08
N ASN A 336 5.36 -35.26 -35.85
CA ASN A 336 4.55 -35.82 -34.77
C ASN A 336 3.06 -35.55 -34.93
N TYR A 337 2.70 -34.53 -35.70
CA TYR A 337 1.30 -34.13 -35.80
C TYR A 337 0.50 -35.11 -36.62
N SER A 338 1.09 -35.72 -37.65
CA SER A 338 0.40 -36.67 -38.52
C SER A 338 1.41 -37.50 -39.28
N PRO A 339 1.18 -38.80 -39.46
CA PRO A 339 2.09 -39.57 -40.33
C PRO A 339 1.99 -39.15 -41.79
N TYR A 340 0.96 -38.41 -42.21
CA TYR A 340 0.88 -37.98 -43.60
C TYR A 340 1.56 -36.64 -43.87
N ASN A 341 2.34 -36.12 -42.91
CA ASN A 341 3.11 -34.90 -43.07
C ASN A 341 4.47 -35.13 -43.73
N GLN A 342 4.83 -36.38 -44.04
CA GLN A 342 6.15 -36.76 -44.54
C GLN A 342 6.05 -38.14 -45.18
N PRO A 343 7.04 -38.52 -46.00
CA PRO A 343 6.93 -39.77 -46.76
C PRO A 343 6.89 -41.02 -45.88
N GLU A 344 6.25 -42.05 -46.41
CA GLU A 344 6.27 -43.31 -45.68
C GLU A 344 7.68 -43.93 -45.78
N ALA A 345 7.96 -44.87 -44.89
CA ALA A 345 9.33 -45.37 -44.76
C ALA A 345 9.84 -46.04 -46.03
N SER A 346 8.95 -46.65 -46.82
CA SER A 346 9.42 -47.34 -48.01
C SER A 346 9.89 -46.39 -49.11
N ALA A 347 9.62 -45.08 -49.01
CA ALA A 347 10.07 -44.16 -50.04
C ALA A 347 11.58 -43.94 -49.95
N ALA A 348 12.25 -43.97 -51.09
CA ALA A 348 13.70 -43.86 -51.16
C ALA A 348 14.08 -42.43 -51.49
N LEU A 349 14.99 -41.87 -50.71
CA LEU A 349 15.47 -40.51 -50.87
C LEU A 349 16.95 -40.49 -50.59
N PRO A 350 17.74 -39.76 -51.38
CA PRO A 350 19.14 -39.56 -51.03
C PRO A 350 19.30 -38.59 -49.89
N THR A 351 20.38 -38.79 -49.13
CA THR A 351 20.78 -37.80 -48.14
C THR A 351 21.33 -36.58 -48.87
N MET A 352 20.81 -35.41 -48.53
CA MET A 352 21.28 -34.17 -49.16
C MET A 352 22.53 -33.64 -48.45
N GLN A 353 22.55 -33.73 -47.13
CA GLN A 353 23.66 -33.29 -46.32
C GLN A 353 23.52 -33.90 -44.93
N LEU A 354 24.60 -33.87 -44.17
CA LEU A 354 24.46 -34.17 -42.76
C LEU A 354 24.18 -32.87 -42.00
N ALA A 355 23.67 -33.00 -40.78
CA ALA A 355 23.31 -31.83 -39.99
C ALA A 355 24.52 -30.96 -39.67
N ASP A 356 25.72 -31.54 -39.60
CA ASP A 356 26.91 -30.74 -39.34
C ASP A 356 27.40 -30.01 -40.58
N GLY A 357 26.71 -30.14 -41.71
CA GLY A 357 27.07 -29.44 -42.93
C GLY A 357 27.83 -30.25 -43.98
N SER A 358 28.35 -31.42 -43.63
CA SER A 358 29.20 -32.18 -44.54
C SER A 358 28.37 -32.94 -45.59
N ARG A 359 29.04 -33.31 -46.67
CA ARG A 359 28.44 -34.14 -47.70
C ARG A 359 28.28 -35.57 -47.17
N PRO A 360 27.27 -36.31 -47.62
CA PRO A 360 27.08 -37.68 -47.13
C PRO A 360 28.11 -38.62 -47.73
N GLN A 361 28.33 -39.74 -47.01
CA GLN A 361 29.21 -40.78 -47.51
C GLN A 361 28.67 -41.34 -48.81
N SER A 362 27.37 -41.66 -48.84
CA SER A 362 26.71 -42.26 -50.00
C SER A 362 25.74 -41.29 -50.65
N THR A 363 25.77 -41.24 -51.97
CA THR A 363 24.79 -40.52 -52.75
C THR A 363 23.53 -41.35 -53.06
N GLU A 364 23.48 -42.62 -52.64
CA GLU A 364 22.38 -43.51 -53.03
C GLU A 364 21.10 -43.17 -52.28
N ALA A 365 19.97 -43.42 -52.95
CA ALA A 365 18.68 -43.24 -52.31
C ALA A 365 18.41 -44.46 -51.44
N LYS A 366 18.20 -44.20 -50.14
CA LYS A 366 17.86 -45.20 -49.14
C LYS A 366 16.42 -45.02 -48.66
N GLU A 367 15.90 -46.05 -47.98
CA GLU A 367 14.59 -45.96 -47.35
C GLU A 367 14.65 -45.10 -46.09
N GLY A 368 13.46 -44.79 -45.57
CA GLY A 368 13.32 -44.07 -44.32
C GLY A 368 13.38 -45.01 -43.13
N PRO A 369 12.52 -44.78 -42.13
CA PRO A 369 11.48 -43.75 -41.95
C PRO A 369 11.98 -42.31 -41.81
N TYR A 370 11.07 -41.35 -41.80
CA TYR A 370 11.46 -39.95 -41.77
C TYR A 370 10.72 -39.22 -40.67
N TRP A 371 11.33 -38.13 -40.21
CA TRP A 371 10.71 -37.14 -39.34
C TRP A 371 11.04 -35.76 -39.87
N SER A 372 10.48 -34.74 -39.24
CA SER A 372 10.37 -33.43 -39.87
C SER A 372 10.40 -32.36 -38.79
N ILE A 373 11.21 -31.33 -38.99
CA ILE A 373 11.28 -30.17 -38.10
C ILE A 373 10.91 -28.92 -38.89
N MET A 374 10.14 -28.03 -38.25
CA MET A 374 9.82 -26.70 -38.76
C MET A 374 10.33 -25.65 -37.79
N LEU A 375 10.97 -24.61 -38.33
CA LEU A 375 11.55 -23.48 -37.62
C LEU A 375 10.89 -22.18 -38.09
N GLU A 376 10.90 -21.16 -37.24
CA GLU A 376 10.50 -19.82 -37.66
C GLU A 376 11.55 -18.81 -37.24
N VAL A 377 11.93 -17.95 -38.18
CA VAL A 377 12.90 -16.90 -37.95
C VAL A 377 12.26 -15.57 -38.36
N SER A 378 12.41 -14.57 -37.50
CA SER A 378 11.80 -13.29 -37.78
C SER A 378 12.87 -12.29 -38.22
N GLU A 379 12.45 -11.36 -39.08
CA GLU A 379 13.32 -10.35 -39.66
C GLU A 379 12.57 -9.02 -39.68
N SER A 380 13.30 -7.93 -39.42
CA SER A 380 12.74 -6.58 -39.48
C SER A 380 13.87 -5.58 -39.69
N SER A 381 13.48 -4.31 -39.93
CA SER A 381 14.47 -3.26 -40.13
C SER A 381 15.40 -3.09 -38.94
N MET A 382 14.96 -3.47 -37.75
CA MET A 382 15.78 -3.40 -36.55
C MET A 382 16.52 -4.68 -36.27
N LYS A 383 16.40 -5.68 -37.11
CA LYS A 383 16.99 -6.99 -36.84
C LYS A 383 17.13 -7.68 -38.19
N PRO A 384 18.16 -7.34 -38.95
CA PRO A 384 18.30 -7.90 -40.29
C PRO A 384 18.69 -9.36 -40.22
N VAL A 385 18.56 -10.01 -41.35
CA VAL A 385 18.80 -11.44 -41.45
C VAL A 385 19.51 -11.69 -42.77
N ASN A 386 20.59 -12.46 -42.72
CA ASN A 386 21.34 -12.87 -43.91
C ASN A 386 20.57 -13.97 -44.64
N GLN A 387 19.92 -13.60 -45.76
CA GLN A 387 19.12 -14.56 -46.52
C GLN A 387 19.95 -15.73 -47.01
N GLU A 388 21.21 -15.46 -47.40
CA GLU A 388 22.02 -16.50 -48.03
C GLU A 388 22.50 -17.55 -47.03
N THR A 389 22.58 -17.24 -45.73
CA THR A 389 23.10 -18.19 -44.75
C THR A 389 22.06 -18.70 -43.74
N ILE A 390 20.83 -18.19 -43.76
CA ILE A 390 19.87 -18.43 -42.67
C ILE A 390 19.50 -19.92 -42.58
N LEU A 391 19.30 -20.59 -43.73
CA LEU A 391 19.01 -22.03 -43.69
C LEU A 391 20.14 -22.78 -42.99
N ALA A 392 21.38 -22.50 -43.37
CA ALA A 392 22.50 -23.18 -42.72
C ALA A 392 22.55 -22.82 -41.24
N ASP A 393 22.41 -21.53 -40.92
CA ASP A 393 22.43 -21.11 -39.53
C ASP A 393 21.32 -21.82 -38.75
N CYS A 394 20.16 -22.03 -39.37
CA CYS A 394 19.08 -22.74 -38.69
C CYS A 394 19.49 -24.19 -38.40
N ILE A 395 20.01 -24.88 -39.43
CA ILE A 395 20.44 -26.27 -39.25
C ILE A 395 21.51 -26.35 -38.17
N GLN A 396 22.43 -25.38 -38.12
CA GLN A 396 23.40 -25.38 -37.05
C GLN A 396 22.73 -25.20 -35.70
N GLY A 397 21.72 -24.31 -35.64
CA GLY A 397 20.98 -24.13 -34.40
C GLY A 397 20.24 -25.37 -33.95
N LEU A 398 19.77 -26.19 -34.88
CA LEU A 398 19.18 -27.48 -34.55
C LEU A 398 20.21 -28.40 -33.90
N VAL A 399 21.47 -28.33 -34.33
CA VAL A 399 22.53 -29.11 -33.69
C VAL A 399 22.87 -28.55 -32.31
N ASN A 400 22.90 -27.21 -32.19
CA ASN A 400 23.26 -26.60 -30.92
C ASN A 400 22.24 -26.90 -29.83
N THR A 401 20.95 -26.97 -30.20
CA THR A 401 19.90 -27.28 -29.24
C THR A 401 19.66 -28.78 -29.07
N GLU A 402 20.55 -29.62 -29.63
CA GLU A 402 20.48 -31.09 -29.51
C GLU A 402 19.19 -31.66 -30.08
N MET A 403 18.54 -30.92 -30.98
CA MET A 403 17.41 -31.48 -31.72
C MET A 403 17.88 -32.38 -32.86
N LEU A 404 19.04 -32.09 -33.45
CA LEU A 404 19.69 -32.94 -34.43
C LEU A 404 21.05 -33.33 -33.90
N LYS A 405 21.41 -34.61 -34.06
CA LYS A 405 22.79 -35.04 -33.89
C LYS A 405 23.62 -34.57 -35.08
N PRO A 406 24.92 -34.29 -34.88
CA PRO A 406 25.77 -33.95 -36.02
C PRO A 406 25.68 -34.92 -37.18
N THR A 407 25.43 -36.20 -36.94
CA THR A 407 25.41 -37.22 -37.99
C THR A 407 24.06 -37.43 -38.64
N ASP A 408 22.99 -36.80 -38.15
CA ASP A 408 21.67 -37.04 -38.74
C ASP A 408 21.67 -36.70 -40.23
N GLU A 409 20.90 -37.46 -41.00
CA GLU A 409 20.87 -37.32 -42.44
C GLU A 409 19.66 -36.50 -42.88
N ILE A 410 19.92 -35.35 -43.48
CA ILE A 410 18.86 -34.46 -43.93
C ILE A 410 18.50 -34.81 -45.37
N VAL A 411 17.22 -35.08 -45.61
CA VAL A 411 16.76 -35.51 -46.93
C VAL A 411 15.91 -34.45 -47.62
N SER A 412 15.57 -33.38 -46.94
CA SER A 412 14.75 -32.37 -47.59
C SER A 412 14.96 -31.07 -46.83
N THR A 413 14.99 -29.94 -47.55
CA THR A 413 15.00 -28.63 -46.89
C THR A 413 13.92 -27.76 -47.52
N TYR A 414 13.42 -26.82 -46.73
CA TYR A 414 12.38 -25.91 -47.17
C TYR A 414 12.73 -24.55 -46.60
N HIS A 415 12.66 -23.52 -47.43
CA HIS A 415 12.90 -22.17 -46.93
C HIS A 415 12.04 -21.20 -47.74
N ARG A 416 11.08 -20.57 -47.08
CA ARG A 416 10.26 -19.56 -47.71
C ARG A 416 10.22 -18.34 -46.80
N ARG A 417 10.20 -17.16 -47.39
CA ARG A 417 10.20 -15.91 -46.63
C ARG A 417 8.92 -15.16 -46.93
N PHE A 418 8.15 -14.85 -45.88
CA PHE A 418 6.88 -14.12 -46.03
C PHE A 418 7.11 -12.68 -45.59
N ASP A 419 6.98 -11.75 -46.52
CA ASP A 419 7.28 -10.34 -46.24
C ASP A 419 6.45 -9.81 -45.09
N HIS A 420 5.12 -10.01 -45.15
CA HIS A 420 4.22 -9.68 -44.05
C HIS A 420 4.05 -10.93 -43.21
N GLY A 421 4.82 -11.02 -42.12
CA GLY A 421 4.72 -12.18 -41.24
C GLY A 421 3.85 -11.92 -40.03
N TYR A 422 4.28 -11.01 -39.16
CA TYR A 422 3.57 -10.64 -37.94
C TYR A 422 3.25 -9.14 -37.96
N PRO A 423 2.01 -8.74 -37.69
CA PRO A 423 1.73 -7.33 -37.40
C PRO A 423 2.18 -6.96 -35.99
N THR A 424 3.07 -5.98 -35.89
CA THR A 424 3.73 -5.72 -34.62
C THR A 424 2.84 -4.90 -33.67
N PRO A 425 2.53 -5.40 -32.50
CA PRO A 425 1.83 -4.58 -31.51
C PRO A 425 2.72 -3.49 -30.93
N THR A 426 3.11 -2.51 -31.74
CA THR A 426 3.90 -1.39 -31.26
C THR A 426 3.08 -0.46 -30.37
N LEU A 427 3.78 0.37 -29.61
CA LEU A 427 3.11 1.42 -28.85
C LEU A 427 2.25 2.31 -29.75
N GLU A 428 2.67 2.54 -30.98
CA GLU A 428 2.03 3.47 -31.92
C GLU A 428 0.82 2.89 -32.61
N ARG A 429 0.62 1.56 -32.52
CA ARG A 429 -0.30 0.88 -33.42
C ARG A 429 -1.74 1.37 -33.29
N GLU A 430 -2.28 1.41 -32.07
CA GLU A 430 -3.69 1.77 -31.93
C GLU A 430 -3.96 3.21 -32.35
N GLY A 431 -3.03 4.12 -32.06
CA GLY A 431 -3.15 5.47 -32.59
C GLY A 431 -3.29 5.47 -34.11
N THR A 432 -2.48 4.65 -34.80
CA THR A 432 -2.57 4.61 -36.25
C THR A 432 -3.83 3.90 -36.72
N LEU A 433 -4.20 2.80 -36.07
CA LEU A 433 -5.34 2.02 -36.54
C LEU A 433 -6.65 2.79 -36.39
N THR A 434 -6.81 3.60 -35.33
CA THR A 434 -8.07 4.34 -35.20
C THR A 434 -8.14 5.55 -36.14
N GLN A 435 -7.08 5.81 -36.89
CA GLN A 435 -7.17 6.72 -38.03
C GLN A 435 -7.51 5.97 -39.32
N ILE A 436 -7.07 4.72 -39.45
CA ILE A 436 -7.23 3.97 -40.69
C ILE A 436 -8.60 3.31 -40.78
N LEU A 437 -8.93 2.47 -39.79
CA LEU A 437 -10.17 1.69 -39.86
C LEU A 437 -11.42 2.58 -39.94
N PRO A 438 -11.49 3.74 -39.27
CA PRO A 438 -12.66 4.60 -39.51
C PRO A 438 -12.74 5.19 -40.91
N LYS A 439 -11.62 5.63 -41.49
CA LYS A 439 -11.63 6.14 -42.86
C LYS A 439 -12.18 5.10 -43.83
N LEU A 440 -11.72 3.84 -43.71
CA LEU A 440 -12.22 2.77 -44.57
C LEU A 440 -13.66 2.42 -44.26
N GLN A 441 -14.07 2.53 -42.99
CA GLN A 441 -15.47 2.29 -42.64
C GLN A 441 -16.38 3.30 -43.32
N ASP A 442 -15.94 4.57 -43.39
CA ASP A 442 -16.75 5.61 -43.99
C ASP A 442 -16.89 5.45 -45.50
N LYS A 443 -15.98 4.72 -46.12
CA LYS A 443 -16.15 4.37 -47.53
C LYS A 443 -16.81 2.98 -47.70
N ASP A 444 -17.44 2.46 -46.64
CA ASP A 444 -18.12 1.17 -46.64
C ASP A 444 -17.16 0.01 -46.93
N ILE A 445 -15.99 0.04 -46.30
CA ILE A 445 -14.95 -0.98 -46.45
C ILE A 445 -14.65 -1.57 -45.07
N TRP A 446 -14.92 -2.87 -44.92
CA TRP A 446 -14.58 -3.63 -43.72
C TRP A 446 -13.21 -4.28 -43.95
N SER A 447 -12.16 -3.58 -43.55
CA SER A 447 -10.80 -4.09 -43.67
C SER A 447 -10.49 -4.89 -42.40
N ARG A 448 -10.38 -6.21 -42.55
CA ARG A 448 -10.32 -7.12 -41.42
C ARG A 448 -9.29 -8.21 -41.67
N GLY A 449 -8.69 -8.71 -40.60
CA GLY A 449 -7.79 -9.85 -40.70
C GLY A 449 -6.46 -9.57 -40.04
N ARG A 450 -5.59 -10.59 -40.10
CA ARG A 450 -4.24 -10.47 -39.54
C ARG A 450 -3.55 -9.21 -40.02
N PHE A 451 -3.63 -8.93 -41.32
CA PHE A 451 -3.10 -7.69 -41.85
C PHE A 451 -4.16 -6.76 -42.38
N GLY A 452 -5.40 -7.25 -42.56
CA GLY A 452 -6.49 -6.35 -42.88
C GLY A 452 -6.77 -5.35 -41.78
N SER A 453 -6.68 -5.78 -40.53
CA SER A 453 -6.87 -4.91 -39.37
C SER A 453 -5.68 -4.91 -38.41
N TRP A 454 -4.62 -5.67 -38.67
CA TRP A 454 -3.30 -5.47 -38.08
C TRP A 454 -3.23 -5.73 -36.57
N ARG A 455 -4.17 -6.47 -36.00
CA ARG A 455 -4.12 -6.72 -34.57
C ARG A 455 -3.77 -8.19 -34.35
N TYR A 456 -2.48 -8.44 -34.06
CA TYR A 456 -1.94 -9.79 -33.86
C TYR A 456 -2.78 -10.64 -32.92
N GLU A 457 -3.25 -10.06 -31.80
CA GLU A 457 -4.00 -10.84 -30.81
C GLU A 457 -5.29 -11.43 -31.37
N VAL A 458 -5.78 -10.93 -32.51
CA VAL A 458 -6.87 -11.66 -33.16
C VAL A 458 -6.41 -12.12 -34.54
N GLY A 459 -5.12 -12.42 -34.68
CA GLY A 459 -4.58 -12.80 -35.96
C GLY A 459 -4.33 -14.27 -36.16
N ASN A 460 -4.58 -15.11 -35.14
CA ASN A 460 -4.51 -16.55 -35.36
C ASN A 460 -5.78 -17.00 -36.07
N GLN A 461 -5.88 -18.31 -36.33
CA GLN A 461 -6.85 -18.80 -37.32
C GLN A 461 -8.28 -18.65 -36.86
N ASP A 462 -8.59 -18.98 -35.60
CA ASP A 462 -9.99 -18.92 -35.20
C ASP A 462 -10.46 -17.48 -35.11
N HIS A 463 -9.68 -16.61 -34.46
CA HIS A 463 -10.04 -15.19 -34.43
C HIS A 463 -10.18 -14.61 -35.84
N SER A 464 -9.26 -14.94 -36.74
CA SER A 464 -9.33 -14.36 -38.07
C SER A 464 -10.57 -14.82 -38.80
N PHE A 465 -10.84 -16.12 -38.76
CA PHE A 465 -12.06 -16.64 -39.37
C PHE A 465 -13.29 -15.88 -38.86
N MET A 466 -13.33 -15.59 -37.57
CA MET A 466 -14.49 -14.94 -37.01
C MET A 466 -14.53 -13.45 -37.37
N LEU A 467 -13.37 -12.82 -37.60
CA LEU A 467 -13.38 -11.44 -38.07
C LEU A 467 -14.20 -11.30 -39.34
N GLY A 468 -14.05 -12.26 -40.26
CA GLY A 468 -14.83 -12.23 -41.47
C GLY A 468 -16.28 -12.56 -41.22
N VAL A 469 -16.54 -13.55 -40.36
CA VAL A 469 -17.92 -13.88 -39.98
C VAL A 469 -18.60 -12.66 -39.38
N GLU A 470 -17.97 -12.05 -38.37
CA GLU A 470 -18.58 -10.94 -37.67
C GLU A 470 -18.72 -9.70 -38.54
N ALA A 471 -17.78 -9.47 -39.46
CA ALA A 471 -17.91 -8.33 -40.37
C ALA A 471 -19.14 -8.47 -41.25
N VAL A 472 -19.35 -9.66 -41.80
CA VAL A 472 -20.58 -9.94 -42.54
C VAL A 472 -21.79 -9.82 -41.62
N ASP A 473 -21.68 -10.34 -40.41
CA ASP A 473 -22.78 -10.30 -39.48
C ASP A 473 -23.13 -8.85 -39.09
N ASN A 474 -22.13 -7.98 -39.09
CA ASN A 474 -22.38 -6.56 -38.89
C ASN A 474 -23.04 -5.93 -40.11
N ILE A 475 -22.56 -6.29 -41.31
CA ILE A 475 -23.08 -5.71 -42.55
C ILE A 475 -24.53 -6.06 -42.74
N VAL A 476 -24.91 -7.28 -42.42
CA VAL A 476 -26.26 -7.78 -42.67
C VAL A 476 -27.16 -7.66 -41.45
N ASN A 477 -26.72 -8.17 -40.31
CA ASN A 477 -27.62 -8.37 -39.17
C ASN A 477 -27.40 -7.38 -38.04
N GLY A 478 -26.59 -6.35 -38.25
CA GLY A 478 -26.32 -5.39 -37.18
C GLY A 478 -25.60 -5.96 -35.97
N ALA A 479 -24.86 -7.05 -36.12
CA ALA A 479 -24.16 -7.64 -34.98
C ALA A 479 -22.94 -6.81 -34.61
N VAL A 480 -22.60 -6.81 -33.32
CA VAL A 480 -21.38 -6.14 -32.89
C VAL A 480 -20.17 -6.94 -33.36
N GLU A 481 -19.16 -6.25 -33.86
CA GLU A 481 -17.89 -6.88 -34.21
C GLU A 481 -17.09 -7.03 -32.91
N LEU A 482 -17.35 -8.12 -32.19
CA LEU A 482 -16.79 -8.29 -30.86
C LEU A 482 -15.32 -8.66 -30.90
N THR A 483 -14.96 -9.58 -31.80
CA THR A 483 -13.58 -10.04 -31.87
C THR A 483 -12.63 -8.92 -32.26
N LEU A 484 -13.04 -8.09 -33.22
CA LEU A 484 -12.21 -6.98 -33.68
C LEU A 484 -11.90 -6.02 -32.53
N ASN A 485 -12.93 -5.60 -31.78
CA ASN A 485 -12.80 -4.51 -30.83
C ASN A 485 -12.70 -4.97 -29.38
N TYR A 486 -13.02 -6.20 -29.06
CA TYR A 486 -13.04 -6.65 -27.68
C TYR A 486 -12.45 -8.05 -27.55
N PRO A 487 -11.19 -8.23 -27.97
CA PRO A 487 -10.58 -9.56 -27.89
C PRO A 487 -10.68 -10.16 -26.51
N ASP A 488 -10.46 -9.35 -25.48
CA ASP A 488 -10.55 -9.84 -24.11
C ASP A 488 -11.92 -10.45 -23.82
N PHE A 489 -12.99 -9.77 -24.27
CA PHE A 489 -14.34 -10.23 -24.01
C PHE A 489 -14.60 -11.60 -24.63
N VAL A 490 -14.28 -11.80 -25.91
CA VAL A 490 -14.58 -13.08 -26.56
C VAL A 490 -13.66 -14.17 -26.02
N ASN A 491 -12.39 -13.83 -25.74
CA ASN A 491 -11.48 -14.84 -25.23
C ASN A 491 -11.91 -15.32 -23.84
N GLY A 492 -12.61 -14.50 -23.09
CA GLY A 492 -13.00 -14.95 -21.76
C GLY A 492 -14.32 -15.67 -21.66
N ARG A 493 -14.90 -16.13 -22.78
CA ARG A 493 -16.23 -16.72 -22.70
C ARG A 493 -16.38 -17.85 -23.71
N GLN A 494 -17.46 -18.62 -23.52
CA GLN A 494 -17.87 -19.67 -24.44
C GLN A 494 -18.73 -19.03 -25.52
N ASN A 495 -18.20 -18.93 -26.73
CA ASN A 495 -18.96 -18.27 -27.79
C ASN A 495 -19.83 -19.31 -28.49
N THR A 496 -21.00 -19.57 -27.91
CA THR A 496 -21.88 -20.63 -28.36
C THR A 496 -23.10 -20.16 -29.12
N GLU A 497 -23.34 -18.85 -29.19
CA GLU A 497 -24.60 -18.36 -29.72
C GLU A 497 -24.67 -18.45 -31.25
N ARG A 498 -23.59 -18.08 -31.93
CA ARG A 498 -23.56 -18.13 -33.38
C ARG A 498 -23.17 -19.54 -33.81
N ARG A 499 -24.01 -20.17 -34.64
CA ARG A 499 -23.81 -21.53 -35.09
C ARG A 499 -23.98 -21.59 -36.60
N LEU A 500 -23.42 -22.65 -37.21
CA LEU A 500 -23.54 -22.79 -38.67
C LEU A 500 -24.98 -23.08 -39.08
N VAL A 501 -25.85 -23.45 -38.16
CA VAL A 501 -27.29 -23.49 -38.41
C VAL A 501 -27.95 -22.67 -37.30
N ASP A 502 -28.40 -21.47 -37.63
CA ASP A 502 -29.11 -20.63 -36.69
C ASP A 502 -30.61 -20.84 -36.85
N GLY A 503 -31.39 -20.24 -35.95
CA GLY A 503 -32.83 -20.26 -36.08
C GLY A 503 -33.30 -19.78 -37.44
N ALA A 504 -32.63 -18.76 -38.00
CA ALA A 504 -33.06 -18.19 -39.26
C ALA A 504 -33.12 -19.24 -40.37
N GLN A 505 -32.13 -20.13 -40.42
CA GLN A 505 -32.17 -21.18 -41.45
C GLN A 505 -33.18 -22.25 -41.10
N VAL A 506 -33.35 -22.55 -39.81
CA VAL A 506 -34.31 -23.57 -39.39
C VAL A 506 -35.74 -23.13 -39.73
N PHE A 507 -36.05 -21.85 -39.50
CA PHE A 507 -37.41 -21.36 -39.73
C PHE A 507 -37.73 -21.17 -41.20
N ALA A 508 -36.75 -21.24 -42.10
CA ALA A 508 -36.98 -21.06 -43.52
C ALA A 508 -37.35 -22.35 -44.25
N LYS A 509 -36.97 -23.51 -43.71
CA LYS A 509 -37.31 -24.81 -44.31
C LYS A 509 -38.65 -25.41 -43.82
N HIS B 6 57.67 22.46 31.24
CA HIS B 6 56.67 22.90 32.21
C HIS B 6 56.14 24.32 31.88
N PRO B 7 54.96 24.38 31.25
CA PRO B 7 54.45 25.66 30.69
C PRO B 7 53.89 26.61 31.75
N ASP B 8 53.33 27.72 31.25
CA ASP B 8 52.96 28.85 32.10
C ASP B 8 51.80 28.50 33.04
N ILE B 9 50.76 27.85 32.53
CA ILE B 9 49.64 27.38 33.35
C ILE B 9 49.40 25.90 33.07
N SER B 10 48.86 25.18 34.06
CA SER B 10 48.50 23.78 33.90
C SER B 10 47.11 23.52 34.47
N VAL B 11 46.23 22.92 33.66
CA VAL B 11 44.89 22.57 34.10
C VAL B 11 44.53 21.18 33.56
N ASP B 12 43.56 20.54 34.21
CA ASP B 12 43.07 19.25 33.74
C ASP B 12 42.23 19.42 32.49
N VAL B 13 41.27 20.34 32.52
CA VAL B 13 40.36 20.60 31.40
C VAL B 13 40.42 22.08 31.06
N LEU B 14 40.78 22.39 29.81
CA LEU B 14 40.79 23.75 29.29
C LEU B 14 39.59 23.93 28.38
N VAL B 15 38.86 25.05 28.54
CA VAL B 15 37.66 25.37 27.76
C VAL B 15 37.97 26.59 26.91
N ILE B 16 37.95 26.42 25.59
CA ILE B 16 38.17 27.54 24.69
C ILE B 16 36.82 28.08 24.25
N GLY B 17 36.55 29.33 24.60
CA GLY B 17 35.31 29.97 24.19
C GLY B 17 34.35 30.11 25.35
N ALA B 18 33.67 31.26 25.41
CA ALA B 18 32.73 31.50 26.49
C ALA B 18 31.35 31.92 25.96
N GLY B 19 30.95 31.39 24.80
CA GLY B 19 29.56 31.38 24.46
C GLY B 19 28.82 30.31 25.26
N PRO B 20 27.52 30.15 24.97
CA PRO B 20 26.71 29.22 25.78
C PRO B 20 27.32 27.83 25.89
N THR B 21 27.88 27.31 24.81
CA THR B 21 28.52 26.00 24.88
C THR B 21 29.63 26.00 25.93
N GLY B 22 30.59 26.92 25.79
CA GLY B 22 31.72 26.97 26.71
C GLY B 22 31.32 27.27 28.15
N LEU B 23 30.36 28.19 28.33
CA LEU B 23 29.87 28.50 29.67
C LEU B 23 29.15 27.31 30.28
N GLY B 24 28.43 26.54 29.46
CA GLY B 24 27.90 25.27 29.94
C GLY B 24 29.00 24.39 30.52
N ALA B 25 30.04 24.15 29.74
CA ALA B 25 31.17 23.38 30.25
C ALA B 25 31.72 23.98 31.54
N ALA B 26 31.83 25.31 31.58
CA ALA B 26 32.38 25.95 32.78
C ALA B 26 31.46 25.75 33.98
N LYS B 27 30.15 25.92 33.79
CA LYS B 27 29.24 25.76 34.90
C LYS B 27 29.35 24.36 35.48
N ARG B 28 29.47 23.35 34.62
CA ARG B 28 29.53 21.98 35.11
C ARG B 28 30.87 21.68 35.76
N LEU B 29 31.97 22.12 35.16
CA LEU B 29 33.27 21.98 35.82
C LEU B 29 33.27 22.64 37.19
N ASN B 30 32.66 23.81 37.29
CA ASN B 30 32.64 24.55 38.55
C ASN B 30 31.71 23.91 39.57
N GLN B 31 30.68 23.18 39.12
CA GLN B 31 29.78 22.46 40.02
C GLN B 31 30.44 21.18 40.56
N ILE B 32 30.91 20.30 39.67
CA ILE B 32 31.60 19.09 40.08
C ILE B 32 32.72 19.44 41.05
N ASP B 33 33.46 20.50 40.72
CA ASP B 33 34.56 21.01 41.55
C ASP B 33 35.58 19.91 41.87
N GLY B 34 35.98 19.18 40.83
CA GLY B 34 36.96 18.13 40.95
C GLY B 34 38.25 18.47 40.24
N PRO B 35 38.32 18.15 38.95
CA PRO B 35 39.51 18.51 38.16
C PRO B 35 39.67 20.02 38.05
N SER B 36 40.92 20.46 37.97
CA SER B 36 41.18 21.87 37.74
C SER B 36 40.71 22.26 36.34
N TRP B 37 40.49 23.56 36.14
CA TRP B 37 39.95 23.98 34.85
C TRP B 37 40.16 25.48 34.67
N MET B 38 40.06 25.91 33.41
CA MET B 38 40.14 27.31 33.03
C MET B 38 39.34 27.48 31.74
N ILE B 39 38.75 28.66 31.56
CA ILE B 39 38.02 28.99 30.34
C ILE B 39 38.59 30.28 29.76
N VAL B 40 38.84 30.29 28.46
CA VAL B 40 39.41 31.46 27.79
C VAL B 40 38.49 31.93 26.68
N ASP B 41 38.59 33.22 26.35
CA ASP B 41 37.82 33.78 25.26
C ASP B 41 38.51 35.05 24.81
N SER B 42 38.54 35.25 23.49
CA SER B 42 39.15 36.44 22.90
C SER B 42 38.31 37.69 23.16
N ASN B 43 37.05 37.53 23.50
CA ASN B 43 36.16 38.63 23.78
C ASN B 43 36.13 38.92 25.29
N GLU B 44 36.20 40.21 25.66
CA GLU B 44 36.12 40.56 27.07
C GLU B 44 34.73 40.28 27.67
N THR B 45 33.70 40.14 26.84
CA THR B 45 32.34 39.95 27.32
C THR B 45 31.85 38.53 27.02
N PRO B 46 31.42 37.79 28.03
CA PRO B 46 30.94 36.43 27.78
C PRO B 46 29.63 36.47 27.01
N GLY B 47 29.34 35.35 26.35
CA GLY B 47 28.09 35.19 25.65
C GLY B 47 28.24 34.83 24.19
N GLY B 48 29.45 34.99 23.65
CA GLY B 48 29.71 34.66 22.25
C GLY B 48 28.68 35.28 21.33
N LEU B 49 28.25 34.53 20.35
CA LEU B 49 27.21 35.06 19.48
C LEU B 49 25.86 35.09 20.16
N ALA B 50 25.65 34.82 21.45
CA ALA B 50 24.37 35.11 22.06
C ALA B 50 24.42 36.42 22.84
N SER B 51 25.41 37.26 22.53
CA SER B 51 25.60 38.56 23.15
C SER B 51 24.58 39.57 22.62
N THR B 52 24.53 40.72 23.27
CA THR B 52 23.60 41.77 22.85
C THR B 52 24.37 43.07 22.61
N ASP B 53 24.16 43.67 21.45
CA ASP B 53 24.77 44.94 21.10
C ASP B 53 23.81 46.09 21.39
N VAL B 54 24.36 47.29 21.44
CA VAL B 54 23.54 48.49 21.59
C VAL B 54 24.04 49.55 20.62
N THR B 55 23.12 50.20 19.93
CA THR B 55 23.50 51.30 19.03
C THR B 55 23.84 52.56 19.84
N PRO B 56 24.59 53.48 19.23
CA PRO B 56 24.87 54.75 19.93
C PRO B 56 23.62 55.48 20.39
N GLU B 57 22.49 55.20 19.77
CA GLU B 57 21.22 55.85 20.08
C GLU B 57 20.42 55.13 21.19
N GLY B 58 20.91 54.00 21.68
CA GLY B 58 20.30 53.34 22.81
C GLY B 58 19.44 52.12 22.51
N PHE B 59 19.55 51.56 21.31
CA PHE B 59 18.74 50.42 20.92
C PHE B 59 19.53 49.12 21.05
N LEU B 60 18.96 48.15 21.75
CA LEU B 60 19.58 46.84 21.90
C LEU B 60 19.18 45.96 20.74
N TYR B 61 20.10 45.11 20.31
CA TYR B 61 19.80 44.09 19.31
C TYR B 61 20.52 42.83 19.73
N ASP B 62 19.77 41.74 19.89
CA ASP B 62 20.40 40.44 20.09
C ASP B 62 21.12 40.06 18.83
N VAL B 63 22.25 39.40 18.99
CA VAL B 63 22.96 38.87 17.84
C VAL B 63 22.37 37.53 17.46
N GLY B 64 22.22 36.65 18.44
CA GLY B 64 21.84 35.27 18.21
C GLY B 64 20.53 34.85 18.86
N GLY B 65 19.47 35.59 18.56
CA GLY B 65 18.11 35.26 18.95
C GLY B 65 17.88 34.94 20.42
N HIS B 66 16.72 34.36 20.69
CA HIS B 66 16.27 34.00 22.03
C HIS B 66 15.67 32.60 22.00
N VAL B 67 15.78 31.93 23.15
CA VAL B 67 15.18 30.62 23.34
C VAL B 67 13.69 30.79 23.58
N ILE B 68 12.89 29.97 22.92
CA ILE B 68 11.45 29.97 23.13
C ILE B 68 10.99 28.74 23.89
N PHE B 69 11.83 27.70 23.99
CA PHE B 69 11.56 26.48 24.73
C PHE B 69 12.87 25.92 25.26
N SER B 70 12.91 25.57 26.54
CA SER B 70 14.08 24.93 27.15
C SER B 70 13.84 23.43 27.30
N HIS B 71 14.84 22.62 26.92
CA HIS B 71 14.68 21.17 26.99
C HIS B 71 15.28 20.52 28.23
N TYR B 72 15.91 21.28 29.12
CA TYR B 72 16.68 20.69 30.22
C TYR B 72 16.43 21.46 31.52
N LYS B 73 16.08 20.75 32.58
CA LYS B 73 16.02 21.38 33.90
C LYS B 73 17.38 21.95 34.29
N TYR B 74 18.48 21.40 33.75
CA TYR B 74 19.80 21.90 34.12
C TYR B 74 20.00 23.31 33.60
N PHE B 75 19.63 23.53 32.34
CA PHE B 75 19.66 24.86 31.75
C PHE B 75 18.79 25.82 32.56
N ASP B 76 17.59 25.38 32.91
CA ASP B 76 16.68 26.21 33.70
C ASP B 76 17.32 26.60 35.04
N ASP B 77 17.92 25.64 35.75
CA ASP B 77 18.55 25.94 37.02
C ASP B 77 19.64 27.01 36.86
N CYS B 78 20.40 26.96 35.77
CA CYS B 78 21.51 27.88 35.60
C CYS B 78 21.01 29.28 35.26
N LEU B 79 19.90 29.37 34.52
CA LEU B 79 19.26 30.65 34.28
C LEU B 79 18.67 31.23 35.57
N ASP B 80 17.95 30.41 36.35
CA ASP B 80 17.40 30.87 37.62
C ASP B 80 18.49 31.41 38.53
N GLU B 81 19.64 30.72 38.59
CA GLU B 81 20.74 31.21 39.41
C GLU B 81 21.24 32.56 38.91
N ALA B 82 21.35 32.72 37.60
CA ALA B 82 21.92 33.94 37.06
C ALA B 82 20.99 35.12 37.25
N LEU B 83 19.68 34.88 37.09
CA LEU B 83 18.66 35.94 37.17
C LEU B 83 17.52 35.46 38.08
N PRO B 84 17.69 35.56 39.40
CA PRO B 84 16.77 34.87 40.32
C PRO B 84 15.50 35.62 40.70
N LYS B 85 15.42 36.92 40.43
CA LYS B 85 14.27 37.74 40.81
C LYS B 85 13.18 37.70 39.74
N GLU B 86 11.92 37.78 40.16
CA GLU B 86 10.81 37.67 39.21
C GLU B 86 10.80 38.79 38.17
N ASP B 87 11.21 40.01 38.54
CA ASP B 87 11.23 41.07 37.55
C ASP B 87 12.54 41.15 36.81
N ASP B 88 13.32 40.08 36.83
CA ASP B 88 14.42 39.94 35.88
C ASP B 88 13.94 39.42 34.55
N TRP B 89 12.70 38.95 34.49
CA TRP B 89 12.16 38.29 33.31
C TRP B 89 10.80 38.85 32.96
N TYR B 90 10.49 38.81 31.68
CA TYR B 90 9.16 39.02 31.15
C TYR B 90 8.73 37.72 30.50
N THR B 91 7.44 37.39 30.60
CA THR B 91 6.90 36.18 30.03
C THR B 91 6.00 36.55 28.85
N HIS B 92 6.20 35.90 27.71
CA HIS B 92 5.38 36.15 26.53
C HIS B 92 4.91 34.83 25.93
N GLN B 93 3.91 34.90 25.06
CA GLN B 93 3.42 33.72 24.38
C GLN B 93 4.33 33.31 23.22
N ARG B 94 4.51 31.99 23.10
CA ARG B 94 5.33 31.34 22.08
C ARG B 94 4.48 31.26 20.81
N ILE B 95 4.66 32.23 19.93
CA ILE B 95 3.89 32.34 18.70
C ILE B 95 4.87 32.72 17.58
N SER B 96 4.44 32.55 16.32
CA SER B 96 5.20 33.08 15.19
C SER B 96 4.24 33.23 14.00
N TYR B 97 4.64 34.04 13.02
CA TYR B 97 3.80 34.21 11.85
C TYR B 97 4.62 34.12 10.57
N VAL B 98 3.97 33.69 9.49
CA VAL B 98 4.52 33.73 8.13
C VAL B 98 3.79 34.81 7.34
N ARG B 99 4.56 35.68 6.70
CA ARG B 99 4.02 36.70 5.80
C ARG B 99 3.85 36.07 4.42
N CYS B 100 2.59 35.94 3.98
CA CYS B 100 2.28 35.30 2.70
C CYS B 100 1.07 36.00 2.08
N GLN B 101 1.29 36.62 0.93
CA GLN B 101 0.25 37.27 0.14
C GLN B 101 -0.57 38.23 0.99
N GLY B 102 0.12 39.21 1.57
CA GLY B 102 -0.54 40.22 2.37
C GLY B 102 -1.02 39.78 3.73
N GLN B 103 -0.79 38.54 4.12
CA GLN B 103 -1.37 38.03 5.36
C GLN B 103 -0.27 37.60 6.34
N TRP B 104 -0.56 37.76 7.63
CA TRP B 104 0.26 37.20 8.70
C TRP B 104 -0.37 35.87 9.08
N VAL B 105 0.23 34.79 8.60
CA VAL B 105 -0.33 33.45 8.74
C VAL B 105 0.25 32.82 10.01
N PRO B 106 -0.57 32.50 11.00
CA PRO B 106 -0.06 31.91 12.25
C PRO B 106 0.67 30.59 12.03
N TYR B 107 1.56 30.32 12.95
CA TYR B 107 2.23 29.04 13.02
C TYR B 107 1.32 28.05 13.74
N PRO B 108 1.30 26.79 13.28
CA PRO B 108 2.03 26.31 12.09
C PRO B 108 1.32 26.64 10.76
N PHE B 109 2.12 27.02 9.74
CA PHE B 109 1.59 27.51 8.48
C PHE B 109 0.48 26.62 7.91
N GLN B 110 0.74 25.31 7.81
CA GLN B 110 -0.24 24.45 7.15
C GLN B 110 -1.56 24.44 7.89
N ASN B 111 -1.54 24.59 9.21
CA ASN B 111 -2.79 24.60 9.95
C ASN B 111 -3.54 25.92 9.84
N ASN B 112 -3.06 26.88 9.04
CA ASN B 112 -3.75 28.17 9.04
C ASN B 112 -3.93 28.72 7.63
N ILE B 113 -3.87 27.87 6.60
CA ILE B 113 -4.02 28.35 5.24
C ILE B 113 -5.42 28.84 4.95
N SER B 114 -6.36 28.68 5.89
CA SER B 114 -7.68 29.25 5.68
C SER B 114 -7.62 30.76 5.44
N MET B 115 -6.51 31.40 5.84
CA MET B 115 -6.36 32.83 5.62
C MET B 115 -6.01 33.20 4.19
N LEU B 116 -5.55 32.26 3.39
CA LEU B 116 -5.20 32.53 2.00
C LEU B 116 -6.46 32.46 1.15
N PRO B 117 -6.41 32.95 -0.09
CA PRO B 117 -7.59 32.87 -0.97
C PRO B 117 -8.09 31.44 -1.15
N LYS B 118 -9.41 31.33 -1.35
CA LYS B 118 -10.02 30.02 -1.51
C LYS B 118 -9.31 29.21 -2.59
N GLU B 119 -9.01 29.84 -3.74
CA GLU B 119 -8.34 29.14 -4.83
C GLU B 119 -7.00 28.55 -4.41
N GLU B 120 -6.30 29.23 -3.51
CA GLU B 120 -5.00 28.73 -3.09
C GLU B 120 -5.11 27.62 -2.04
N GLN B 121 -6.15 27.69 -1.21
CA GLN B 121 -6.45 26.58 -0.30
C GLN B 121 -6.62 25.27 -1.08
N VAL B 122 -7.33 25.33 -2.22
CA VAL B 122 -7.53 24.15 -3.06
C VAL B 122 -6.19 23.58 -3.52
N LYS B 123 -5.29 24.45 -3.97
CA LYS B 123 -3.98 24.03 -4.43
C LYS B 123 -3.22 23.35 -3.30
N CYS B 124 -3.36 23.87 -2.09
CA CYS B 124 -2.68 23.28 -0.94
C CYS B 124 -3.25 21.92 -0.56
N ILE B 125 -4.59 21.82 -0.43
CA ILE B 125 -5.20 20.55 -0.04
C ILE B 125 -4.98 19.49 -1.10
N ASP B 126 -5.11 19.87 -2.38
CA ASP B 126 -4.83 18.91 -3.46
C ASP B 126 -3.41 18.36 -3.33
N GLY B 127 -2.44 19.22 -3.04
CA GLY B 127 -1.10 18.74 -2.86
C GLY B 127 -0.97 17.82 -1.65
N MET B 128 -1.63 18.17 -0.55
CA MET B 128 -1.52 17.35 0.65
C MET B 128 -2.28 16.04 0.51
N ILE B 129 -3.35 16.00 -0.29
CA ILE B 129 -3.99 14.73 -0.55
C ILE B 129 -3.02 13.82 -1.30
N ASP B 130 -2.30 14.37 -2.28
CA ASP B 130 -1.26 13.61 -2.98
C ASP B 130 -0.25 13.04 -2.00
N ALA B 131 0.22 13.89 -1.10
CA ALA B 131 1.21 13.47 -0.11
C ALA B 131 0.64 12.42 0.84
N ALA B 132 -0.62 12.59 1.27
CA ALA B 132 -1.22 11.63 2.18
C ALA B 132 -1.36 10.26 1.52
N LEU B 133 -1.72 10.26 0.24
CA LEU B 133 -1.88 8.99 -0.46
C LEU B 133 -0.53 8.32 -0.69
N GLU B 134 0.52 9.09 -1.02
CA GLU B 134 1.84 8.46 -1.19
C GLU B 134 2.37 7.92 0.13
N ALA B 135 2.21 8.69 1.21
CA ALA B 135 2.68 8.26 2.52
C ALA B 135 2.07 6.93 2.92
N ARG B 136 0.84 6.68 2.50
CA ARG B 136 0.14 5.47 2.91
C ARG B 136 0.81 4.20 2.39
N VAL B 137 1.68 4.30 1.37
CA VAL B 137 2.37 3.13 0.82
C VAL B 137 3.88 3.33 0.82
N ALA B 138 4.35 4.37 1.49
CA ALA B 138 5.78 4.61 1.58
C ALA B 138 6.47 3.50 2.36
N ASN B 139 7.66 3.10 1.89
CA ASN B 139 8.48 2.19 2.68
C ASN B 139 9.94 2.64 2.70
N THR B 140 10.24 3.89 2.36
CA THR B 140 11.57 4.44 2.52
C THR B 140 11.47 5.72 3.34
N LYS B 141 12.55 6.07 4.05
CA LYS B 141 12.58 7.36 4.72
C LYS B 141 13.09 8.43 3.73
N PRO B 142 12.69 9.68 3.91
CA PRO B 142 13.16 10.73 3.00
C PRO B 142 14.68 10.92 3.11
N LYS B 143 15.30 11.20 1.98
CA LYS B 143 16.75 11.33 1.90
C LYS B 143 17.22 12.77 1.89
N THR B 144 16.44 13.70 1.36
CA THR B 144 16.82 15.11 1.34
C THR B 144 15.73 15.92 2.01
N PHE B 145 16.15 17.11 2.48
CA PHE B 145 15.24 18.08 3.08
C PHE B 145 14.02 18.33 2.20
N ASP B 146 14.26 18.53 0.90
CA ASP B 146 13.17 18.79 -0.02
C ASP B 146 12.19 17.63 -0.06
N GLU B 147 12.71 16.39 -0.08
CA GLU B 147 11.81 15.23 0.00
C GLU B 147 11.02 15.24 1.29
N TRP B 148 11.65 15.63 2.39
CA TRP B 148 10.96 15.66 3.67
C TRP B 148 9.82 16.67 3.66
N ILE B 149 10.07 17.83 3.07
CA ILE B 149 9.06 18.88 3.03
C ILE B 149 7.85 18.42 2.22
N VAL B 150 8.10 17.98 0.98
CA VAL B 150 7.03 17.55 0.10
C VAL B 150 6.24 16.41 0.70
N ARG B 151 6.92 15.45 1.32
CA ARG B 151 6.19 14.33 1.90
C ARG B 151 5.35 14.77 3.09
N MET B 152 5.75 15.83 3.77
CA MET B 152 5.06 16.34 4.94
C MET B 152 3.93 17.30 4.58
N MET B 153 4.13 18.16 3.59
CA MET B 153 3.25 19.28 3.30
C MET B 153 2.60 19.21 1.93
N GLY B 154 3.18 18.44 1.00
CA GLY B 154 2.77 18.45 -0.39
C GLY B 154 3.31 19.64 -1.17
N THR B 155 3.20 19.52 -2.49
CA THR B 155 3.78 20.51 -3.38
C THR B 155 3.26 21.92 -3.11
N GLY B 156 1.95 22.06 -3.05
CA GLY B 156 1.35 23.37 -2.84
C GLY B 156 1.87 24.11 -1.63
N ILE B 157 1.80 23.48 -0.46
CA ILE B 157 2.27 24.12 0.76
C ILE B 157 3.80 24.22 0.78
N ALA B 158 4.50 23.30 0.12
CA ALA B 158 5.95 23.43 0.03
C ALA B 158 6.35 24.68 -0.74
N ASP B 159 5.66 24.98 -1.84
CA ASP B 159 6.08 26.09 -2.69
C ASP B 159 5.77 27.45 -2.08
N LEU B 160 4.71 27.56 -1.28
CA LEU B 160 4.36 28.85 -0.69
C LEU B 160 5.31 29.24 0.43
N PHE B 161 5.77 28.26 1.23
CA PHE B 161 6.52 28.64 2.42
C PHE B 161 7.84 27.88 2.58
N MET B 162 7.83 26.59 2.95
CA MET B 162 9.05 25.97 3.44
C MET B 162 10.17 25.93 2.38
N ARG B 163 9.83 25.69 1.11
CA ARG B 163 10.85 25.69 0.07
C ARG B 163 11.47 27.08 -0.12
N PRO B 164 10.73 28.11 -0.54
CA PRO B 164 11.40 29.41 -0.74
C PRO B 164 12.00 29.98 0.52
N TYR B 165 11.41 29.70 1.68
CA TYR B 165 11.92 30.26 2.93
C TYR B 165 13.29 29.68 3.26
N ASN B 166 13.42 28.36 3.17
CA ASN B 166 14.67 27.76 3.57
C ASN B 166 15.79 28.10 2.61
N PHE B 167 15.47 28.35 1.33
CA PHE B 167 16.51 28.88 0.45
C PHE B 167 17.02 30.24 0.95
N LYS B 168 16.11 31.12 1.40
CA LYS B 168 16.58 32.39 1.94
C LYS B 168 17.36 32.21 3.25
N VAL B 169 17.06 31.18 4.04
CA VAL B 169 17.77 30.96 5.30
C VAL B 169 19.16 30.37 5.06
N TRP B 170 19.20 29.26 4.33
CA TRP B 170 20.41 28.47 4.21
C TRP B 170 21.26 28.82 3.01
N ALA B 171 20.71 29.52 2.04
CA ALA B 171 21.41 29.84 0.80
C ALA B 171 21.89 28.59 0.08
N VAL B 172 21.18 27.48 0.26
CA VAL B 172 21.32 26.30 -0.61
C VAL B 172 19.93 25.77 -0.89
N PRO B 173 19.77 25.07 -2.02
CA PRO B 173 18.45 24.52 -2.32
C PRO B 173 18.09 23.45 -1.31
N THR B 174 16.80 23.28 -1.09
CA THR B 174 16.34 22.24 -0.17
C THR B 174 16.79 20.83 -0.61
N THR B 175 17.08 20.66 -1.88
CA THR B 175 17.51 19.38 -2.44
C THR B 175 18.94 19.04 -2.07
N LYS B 176 19.71 20.00 -1.59
CA LYS B 176 21.10 19.78 -1.25
C LYS B 176 21.32 19.62 0.25
N MET B 177 20.24 19.56 1.02
CA MET B 177 20.33 19.46 2.46
C MET B 177 19.77 18.14 2.96
N GLN B 178 20.35 17.64 4.04
CA GLN B 178 19.80 16.44 4.64
C GLN B 178 18.58 16.82 5.47
N CYS B 179 17.91 15.82 6.04
CA CYS B 179 16.69 16.05 6.79
C CYS B 179 16.65 15.34 8.14
N ALA B 180 17.67 14.53 8.46
CA ALA B 180 17.71 13.87 9.76
C ALA B 180 17.67 14.87 10.90
N TRP B 181 18.19 16.08 10.64
CA TRP B 181 18.30 17.13 11.66
C TRP B 181 16.94 17.62 12.12
N LEU B 182 15.89 17.36 11.34
CA LEU B 182 14.51 17.76 11.65
C LEU B 182 13.82 16.84 12.66
N GLY B 183 14.35 15.66 12.92
CA GLY B 183 13.72 14.74 13.85
C GLY B 183 13.39 13.41 13.20
N GLU B 184 12.86 12.50 14.03
CA GLU B 184 12.47 11.16 13.62
C GLU B 184 10.97 11.05 13.36
N ARG B 185 10.22 12.14 13.58
CA ARG B 185 8.82 12.19 13.17
C ARG B 185 8.70 11.81 11.69
N VAL B 186 7.85 10.83 11.41
CA VAL B 186 7.65 10.36 10.04
C VAL B 186 7.16 11.49 9.14
N ALA B 187 7.67 11.54 7.91
CA ALA B 187 7.33 12.60 6.95
C ALA B 187 6.03 12.24 6.23
N ALA B 188 4.91 12.60 6.85
CA ALA B 188 3.57 12.37 6.34
C ALA B 188 2.69 13.49 6.88
N PRO B 189 1.63 13.86 6.17
CA PRO B 189 0.78 14.95 6.63
C PRO B 189 -0.37 14.50 7.53
N ASN B 190 -0.78 15.43 8.40
CA ASN B 190 -2.04 15.28 9.12
C ASN B 190 -3.10 15.97 8.27
N LEU B 191 -3.56 15.24 7.25
CA LEU B 191 -4.53 15.76 6.31
C LEU B 191 -5.81 16.18 7.03
N LYS B 192 -6.27 15.38 8.00
CA LYS B 192 -7.51 15.71 8.69
C LYS B 192 -7.38 17.03 9.44
N ALA B 193 -6.21 17.29 10.05
CA ALA B 193 -6.03 18.56 10.75
C ALA B 193 -6.08 19.74 9.77
N VAL B 194 -5.39 19.63 8.65
CA VAL B 194 -5.33 20.76 7.74
C VAL B 194 -6.70 21.07 7.14
N THR B 195 -7.44 20.04 6.71
CA THR B 195 -8.74 20.31 6.09
C THR B 195 -9.78 20.73 7.13
N THR B 196 -9.72 20.14 8.34
CA THR B 196 -10.68 20.53 9.37
C THR B 196 -10.56 22.01 9.67
N ASN B 197 -9.34 22.52 9.79
CA ASN B 197 -9.15 23.94 10.03
C ASN B 197 -9.59 24.77 8.83
N VAL B 198 -9.35 24.27 7.62
CA VAL B 198 -9.81 24.98 6.42
C VAL B 198 -11.32 25.09 6.44
N ILE B 199 -11.99 23.99 6.76
CA ILE B 199 -13.44 23.94 6.77
C ILE B 199 -14.00 24.83 7.87
N LEU B 200 -13.47 24.69 9.09
CA LEU B 200 -14.02 25.45 10.20
C LEU B 200 -13.65 26.93 10.15
N GLY B 201 -12.61 27.30 9.41
CA GLY B 201 -12.06 28.63 9.49
C GLY B 201 -11.35 28.80 10.83
N ALA B 211 1.70 27.98 26.81
CA ALA B 211 2.86 27.90 25.91
C ALA B 211 3.55 29.25 25.85
N THR B 212 4.56 29.42 26.70
CA THR B 212 5.21 30.70 26.89
C THR B 212 6.72 30.55 26.76
N PHE B 213 7.40 31.69 26.81
CA PHE B 213 8.83 31.73 26.99
C PHE B 213 9.15 32.96 27.82
N ARG B 214 10.31 32.96 28.44
CA ARG B 214 10.76 34.07 29.25
C ARG B 214 11.95 34.78 28.60
N PHE B 215 11.98 36.09 28.77
CA PHE B 215 12.97 36.94 28.12
C PHE B 215 13.55 37.89 29.16
N PRO B 216 14.84 38.19 29.09
CA PRO B 216 15.47 39.04 30.11
C PRO B 216 14.89 40.46 30.11
N ALA B 217 14.55 40.95 31.31
CA ALA B 217 14.00 42.30 31.41
C ALA B 217 15.02 43.34 30.98
N ARG B 218 16.29 43.12 31.31
CA ARG B 218 17.33 44.08 31.02
C ARG B 218 18.49 43.36 30.35
N GLY B 219 19.22 44.07 29.51
CA GLY B 219 20.44 43.59 28.89
C GLY B 219 20.25 42.75 27.66
N GLY B 220 19.00 42.52 27.23
CA GLY B 220 18.79 41.56 26.16
C GLY B 220 19.23 40.13 26.53
N THR B 221 19.28 39.30 25.49
CA THR B 221 19.64 37.91 25.71
C THR B 221 21.04 37.77 26.29
N GLY B 222 22.00 38.53 25.76
CA GLY B 222 23.37 38.50 26.24
C GLY B 222 23.53 38.84 27.71
N GLY B 223 22.48 39.37 28.34
CA GLY B 223 22.54 39.63 29.76
C GLY B 223 22.48 38.34 30.56
N ILE B 224 21.71 37.36 30.09
CA ILE B 224 21.73 36.03 30.70
C ILE B 224 23.16 35.54 30.86
N TRP B 225 23.92 35.57 29.76
CA TRP B 225 25.22 34.91 29.75
C TRP B 225 26.26 35.70 30.56
N ILE B 226 26.14 37.01 30.62
CA ILE B 226 26.93 37.80 31.58
C ILE B 226 26.62 37.35 33.00
N ALA B 227 25.33 37.19 33.32
CA ALA B 227 24.95 36.78 34.67
C ALA B 227 25.42 35.36 34.97
N VAL B 228 25.20 34.42 34.04
CA VAL B 228 25.67 33.05 34.23
C VAL B 228 27.18 33.05 34.45
N ALA B 229 27.91 33.79 33.62
CA ALA B 229 29.36 33.86 33.77
C ALA B 229 29.77 34.49 35.09
N ASN B 230 28.98 35.44 35.61
CA ASN B 230 29.32 36.08 36.88
C ASN B 230 29.47 35.05 38.00
N THR B 231 28.71 33.95 37.91
CA THR B 231 28.76 32.96 38.98
C THR B 231 30.06 32.15 38.98
N LEU B 232 30.84 32.20 37.89
CA LEU B 232 32.12 31.49 37.88
C LEU B 232 33.15 32.21 38.74
N PRO B 233 34.08 31.46 39.34
CA PRO B 233 35.22 32.11 40.03
C PRO B 233 36.06 32.89 39.02
N LYS B 234 36.20 34.20 39.27
CA LYS B 234 36.87 35.07 38.31
C LYS B 234 38.28 34.56 37.98
N GLU B 235 39.00 34.03 38.97
CA GLU B 235 40.39 33.65 38.75
C GLU B 235 40.55 32.49 37.78
N LYS B 236 39.50 31.69 37.55
CA LYS B 236 39.54 30.59 36.61
C LYS B 236 39.11 31.02 35.21
N THR B 237 38.90 32.33 35.00
CA THR B 237 38.54 32.89 33.71
C THR B 237 39.65 33.81 33.21
N ARG B 238 39.64 34.01 31.89
CA ARG B 238 40.63 34.85 31.24
C ARG B 238 39.99 35.33 29.93
N PHE B 239 39.29 36.45 30.01
CA PHE B 239 38.53 37.01 28.89
C PHE B 239 39.22 38.27 28.38
N GLY B 240 39.10 38.48 27.07
CA GLY B 240 39.66 39.62 26.37
C GLY B 240 40.82 39.23 25.47
N GLU B 241 41.58 40.24 25.05
CA GLU B 241 42.73 39.98 24.18
C GLU B 241 43.73 39.05 24.86
N LYS B 242 43.79 39.08 26.20
CA LYS B 242 44.72 38.21 26.92
C LYS B 242 44.36 36.75 26.77
N GLY B 243 43.13 36.45 26.34
CA GLY B 243 42.64 35.10 26.22
C GLY B 243 42.35 34.63 24.80
N LYS B 244 42.91 35.30 23.80
CA LYS B 244 42.81 34.82 22.41
C LYS B 244 43.77 33.63 22.24
N VAL B 245 43.24 32.53 21.71
CA VAL B 245 44.06 31.35 21.44
C VAL B 245 44.62 31.50 20.02
N THR B 246 45.93 31.31 19.88
CA THR B 246 46.56 31.44 18.57
C THR B 246 47.18 30.15 18.07
N LYS B 247 47.75 29.33 18.95
CA LYS B 247 48.27 28.02 18.60
C LYS B 247 47.58 26.95 19.46
N VAL B 248 47.40 25.77 18.87
CA VAL B 248 46.92 24.59 19.57
C VAL B 248 47.83 23.45 19.15
N ASN B 249 48.64 22.97 20.09
CA ASN B 249 49.54 21.85 19.84
C ASN B 249 48.88 20.59 20.40
N ALA B 250 48.16 19.88 19.53
CA ALA B 250 47.39 18.73 19.98
C ALA B 250 48.26 17.65 20.63
N ASN B 251 49.49 17.47 20.13
CA ASN B 251 50.33 16.39 20.64
C ASN B 251 51.06 16.75 21.93
N ASN B 252 51.39 18.02 22.14
CA ASN B 252 51.98 18.41 23.42
C ASN B 252 50.91 18.84 24.43
N LYS B 253 49.63 18.78 24.03
CA LYS B 253 48.51 19.25 24.83
C LYS B 253 48.80 20.64 25.38
N THR B 254 49.10 21.54 24.44
CA THR B 254 49.51 22.90 24.74
C THR B 254 48.72 23.83 23.83
N VAL B 255 48.10 24.85 24.43
CA VAL B 255 47.48 25.95 23.71
C VAL B 255 48.32 27.18 23.99
N THR B 256 48.60 27.96 22.96
CA THR B 256 49.38 29.18 23.11
C THR B 256 48.50 30.39 22.87
N LEU B 257 48.61 31.39 23.74
CA LEU B 257 47.77 32.57 23.63
C LEU B 257 48.49 33.67 22.85
N GLN B 258 47.74 34.72 22.52
CA GLN B 258 48.31 35.82 21.75
C GLN B 258 49.41 36.51 22.53
N ASP B 259 49.18 36.76 23.81
CA ASP B 259 50.28 37.33 24.59
C ASP B 259 51.43 36.34 24.83
N GLY B 260 51.46 35.13 24.27
CA GLY B 260 52.57 34.23 24.48
C GLY B 260 52.41 33.30 25.66
N THR B 261 51.35 33.45 26.44
CA THR B 261 51.06 32.53 27.54
C THR B 261 50.76 31.15 26.99
N THR B 262 51.38 30.12 27.58
CA THR B 262 51.15 28.73 27.20
C THR B 262 50.31 28.04 28.27
N ILE B 263 49.25 27.37 27.83
CA ILE B 263 48.38 26.58 28.72
C ILE B 263 48.51 25.10 28.36
N GLY B 264 48.85 24.28 29.35
CA GLY B 264 48.87 22.84 29.20
C GLY B 264 47.60 22.25 29.78
N TYR B 265 47.04 21.27 29.07
CA TYR B 265 45.78 20.65 29.48
C TYR B 265 45.89 19.14 29.45
N LYS B 266 45.07 18.48 30.26
CA LYS B 266 44.91 17.04 30.07
C LYS B 266 43.74 16.72 29.13
N LYS B 267 42.66 17.52 29.14
CA LYS B 267 41.57 17.42 28.18
C LYS B 267 41.17 18.83 27.74
N LEU B 268 40.74 18.97 26.48
CA LEU B 268 40.40 20.27 25.90
C LEU B 268 38.98 20.29 25.37
N VAL B 269 38.18 21.24 25.85
CA VAL B 269 36.83 21.47 25.35
C VAL B 269 36.88 22.72 24.49
N SER B 270 36.86 22.51 23.16
CA SER B 270 37.04 23.60 22.21
C SER B 270 35.68 23.95 21.61
N THR B 271 35.23 25.18 21.85
CA THR B 271 33.96 25.64 21.31
C THR B 271 34.12 26.68 20.21
N MET B 272 35.34 26.95 19.77
CA MET B 272 35.50 27.77 18.57
C MET B 272 35.15 26.95 17.34
N ALA B 273 34.91 27.64 16.23
CA ALA B 273 34.59 26.94 15.00
C ALA B 273 35.68 25.93 14.64
N VAL B 274 35.27 24.70 14.30
CA VAL B 274 36.23 23.61 14.13
C VAL B 274 37.20 23.89 12.99
N ASP B 275 36.78 24.68 11.99
CA ASP B 275 37.71 25.04 10.94
C ASP B 275 38.79 25.99 11.44
N PHE B 276 38.44 26.89 12.37
CA PHE B 276 39.45 27.73 13.00
C PHE B 276 40.36 26.88 13.89
N LEU B 277 39.79 25.87 14.56
CA LEU B 277 40.59 24.95 15.36
C LEU B 277 41.62 24.22 14.51
N ALA B 278 41.20 23.75 13.34
CA ALA B 278 42.11 23.02 12.45
C ALA B 278 43.29 23.88 12.02
N GLU B 279 43.02 25.17 11.71
CA GLU B 279 44.08 26.12 11.36
C GLU B 279 45.04 26.34 12.52
N ALA B 280 44.51 26.49 13.74
CA ALA B 280 45.35 26.71 14.91
C ALA B 280 46.13 25.47 15.31
N MET B 281 45.79 24.31 14.77
CA MET B 281 46.58 23.13 15.02
C MET B 281 47.65 22.92 13.96
N ASN B 282 47.70 23.80 12.96
CA ASN B 282 48.57 23.64 11.77
C ASN B 282 48.57 22.19 11.32
N ASP B 283 47.35 21.67 11.20
CA ASP B 283 47.02 20.28 10.93
C ASP B 283 46.32 20.31 9.57
N GLN B 284 47.11 20.18 8.50
CA GLN B 284 46.57 20.37 7.16
C GLN B 284 45.60 19.26 6.76
N GLU B 285 45.66 18.09 7.40
CA GLU B 285 44.65 17.08 7.15
C GLU B 285 43.27 17.56 7.64
N LEU B 286 43.22 18.15 8.83
CA LEU B 286 41.95 18.66 9.36
C LEU B 286 41.49 19.90 8.59
N VAL B 287 42.43 20.77 8.19
CA VAL B 287 42.03 21.95 7.42
C VAL B 287 41.32 21.51 6.13
N GLY B 288 41.90 20.52 5.44
CA GLY B 288 41.26 20.02 4.23
C GLY B 288 39.85 19.53 4.50
N LEU B 289 39.65 18.78 5.59
CA LEU B 289 38.34 18.24 5.94
C LEU B 289 37.38 19.36 6.35
N THR B 290 37.80 20.26 7.26
CA THR B 290 36.89 21.30 7.72
C THR B 290 36.41 22.16 6.56
N LYS B 291 37.30 22.45 5.59
CA LYS B 291 36.95 23.24 4.40
C LYS B 291 35.85 22.58 3.58
N GLN B 292 35.57 21.29 3.80
CA GLN B 292 34.43 20.66 3.14
C GLN B 292 33.10 21.04 3.77
N LEU B 293 33.12 21.55 5.00
CA LEU B 293 31.89 21.96 5.68
C LEU B 293 31.37 23.26 5.07
N PHE B 294 30.07 23.33 4.86
CA PHE B 294 29.45 24.52 4.31
C PHE B 294 28.80 25.36 5.42
N TYR B 295 28.86 26.69 5.29
CA TYR B 295 28.18 27.55 6.25
C TYR B 295 27.75 28.85 5.59
N SER B 296 26.72 29.48 6.16
CA SER B 296 26.31 30.78 5.69
C SER B 296 26.64 31.84 6.73
N SER B 297 26.89 33.05 6.24
CA SER B 297 27.15 34.23 7.03
C SER B 297 25.85 34.96 7.25
N THR B 298 25.76 35.70 8.34
CA THR B 298 24.52 36.35 8.71
C THR B 298 24.70 37.85 8.88
N HIS B 299 23.81 38.62 8.24
CA HIS B 299 23.71 40.05 8.49
C HIS B 299 22.56 40.28 9.47
N VAL B 300 22.85 40.89 10.61
CA VAL B 300 21.80 41.28 11.55
C VAL B 300 21.58 42.77 11.37
N ILE B 301 20.37 43.16 11.05
CA ILE B 301 20.01 44.56 10.87
C ILE B 301 19.01 44.95 11.95
N GLY B 302 19.26 46.07 12.61
CA GLY B 302 18.32 46.65 13.55
C GLY B 302 17.83 48.00 13.05
N VAL B 303 16.54 48.26 13.25
CA VAL B 303 15.95 49.55 12.89
C VAL B 303 15.17 50.05 14.09
N GLY B 304 15.54 51.24 14.57
CA GLY B 304 14.83 51.89 15.65
C GLY B 304 13.89 52.92 15.06
N VAL B 305 12.63 52.86 15.49
CA VAL B 305 11.56 53.65 14.89
C VAL B 305 10.88 54.51 15.95
N ARG B 306 10.48 55.72 15.56
CA ARG B 306 9.74 56.61 16.43
C ARG B 306 8.26 56.30 16.32
N GLY B 307 7.55 56.35 17.44
CA GLY B 307 6.13 56.03 17.44
C GLY B 307 5.83 54.84 18.34
N SER B 308 4.54 54.54 18.43
CA SER B 308 4.09 53.30 19.04
C SER B 308 4.04 52.17 18.00
N ARG B 309 3.97 50.94 18.52
CA ARG B 309 3.98 49.71 17.75
C ARG B 309 2.80 49.63 16.75
N PRO B 310 2.99 48.97 15.60
CA PRO B 310 1.87 48.85 14.64
C PRO B 310 0.78 47.91 15.17
N GLU B 311 -0.47 48.40 15.15
CA GLU B 311 -1.61 47.57 15.55
C GLU B 311 -1.75 46.40 14.58
N GLY B 314 2.43 43.74 16.50
CA GLY B 314 1.56 43.12 17.48
C GLY B 314 2.17 42.46 18.72
N ASP B 315 2.20 41.13 18.75
CA ASP B 315 2.78 40.38 19.86
C ASP B 315 4.25 39.96 19.59
N LYS B 316 4.83 39.39 20.66
CA LYS B 316 6.26 39.21 20.94
C LYS B 316 6.90 38.01 20.24
N CYS B 317 6.97 38.06 18.91
CA CYS B 317 7.39 36.84 18.22
C CYS B 317 8.35 37.12 17.07
N TRP B 318 8.65 36.03 16.35
CA TRP B 318 9.40 36.03 15.11
C TRP B 318 8.41 36.04 13.95
N LEU B 319 8.84 36.61 12.83
CA LEU B 319 8.06 36.63 11.61
C LEU B 319 8.90 36.03 10.49
N TYR B 320 8.30 35.18 9.66
CA TYR B 320 9.03 34.49 8.60
C TYR B 320 8.62 35.04 7.24
N PHE B 321 9.57 35.13 6.32
CA PHE B 321 9.32 35.80 5.03
C PHE B 321 9.77 34.95 3.86
N PRO B 322 8.91 34.05 3.38
CA PRO B 322 9.27 33.27 2.18
C PRO B 322 9.28 34.10 0.89
N GLU B 323 8.54 35.19 0.82
CA GLU B 323 8.40 35.86 -0.46
C GLU B 323 9.65 36.67 -0.80
N ASP B 324 9.78 37.03 -2.08
CA ASP B 324 10.99 37.70 -2.58
C ASP B 324 10.82 39.21 -2.68
N ASN B 325 9.96 39.81 -1.86
CA ASN B 325 9.85 41.26 -1.81
C ASN B 325 10.61 41.87 -0.64
N CYS B 326 11.45 41.08 0.04
CA CYS B 326 12.28 41.58 1.12
C CYS B 326 13.48 40.66 1.20
N PRO B 327 14.67 41.18 1.50
CA PRO B 327 15.85 40.32 1.51
C PRO B 327 15.99 39.44 2.74
N PHE B 328 15.35 39.79 3.85
CA PHE B 328 15.50 39.06 5.11
C PHE B 328 14.57 37.85 5.19
N TYR B 329 15.00 36.81 5.92
CA TYR B 329 14.15 35.65 6.12
C TYR B 329 13.32 35.76 7.39
N ARG B 330 13.85 36.39 8.42
CA ARG B 330 13.04 36.54 9.62
C ARG B 330 13.23 37.92 10.23
N ALA B 331 12.17 38.40 10.86
CA ALA B 331 12.15 39.69 11.51
C ALA B 331 11.44 39.57 12.84
N THR B 332 11.80 40.42 13.79
CA THR B 332 11.06 40.49 15.05
C THR B 332 10.89 41.93 15.53
N ILE B 333 9.76 42.17 16.17
CA ILE B 333 9.53 43.42 16.86
C ILE B 333 10.22 43.35 18.21
N PHE B 334 11.54 43.54 18.21
CA PHE B 334 12.34 43.38 19.42
C PHE B 334 11.87 44.27 20.56
N SER B 335 11.22 45.40 20.25
CA SER B 335 10.75 46.27 21.31
C SER B 335 9.59 45.66 22.10
N ASN B 336 8.89 44.68 21.55
CA ASN B 336 7.82 44.02 22.31
C ASN B 336 8.35 43.11 23.39
N TYR B 337 9.59 42.64 23.27
CA TYR B 337 10.08 41.68 24.25
C TYR B 337 10.33 42.33 25.59
N SER B 338 10.78 43.59 25.60
CA SER B 338 11.11 44.26 26.85
C SER B 338 11.11 45.75 26.62
N PRO B 339 10.55 46.57 27.51
CA PRO B 339 10.67 48.04 27.33
C PRO B 339 12.09 48.57 27.51
N TYR B 340 12.99 47.82 28.13
CA TYR B 340 14.39 48.23 28.28
C TYR B 340 15.25 47.83 27.09
N ASN B 341 14.65 47.42 25.98
CA ASN B 341 15.40 47.13 24.77
C ASN B 341 15.60 48.37 23.93
N GLN B 342 15.09 49.53 24.36
CA GLN B 342 15.09 50.77 23.59
C GLN B 342 14.87 51.94 24.54
N PRO B 343 15.16 53.16 24.10
CA PRO B 343 15.14 54.29 25.03
C PRO B 343 13.75 54.62 25.55
N GLU B 344 13.71 55.24 26.74
CA GLU B 344 12.43 55.67 27.27
C GLU B 344 11.86 56.78 26.41
N ALA B 345 10.55 57.01 26.55
CA ALA B 345 9.87 57.91 25.63
C ALA B 345 10.40 59.35 25.73
N SER B 346 10.86 59.78 26.91
CA SER B 346 11.34 61.17 27.05
C SER B 346 12.68 61.40 26.39
N ALA B 347 13.37 60.35 25.95
CA ALA B 347 14.66 60.51 25.31
C ALA B 347 14.49 61.18 23.95
N ALA B 348 15.34 62.16 23.68
CA ALA B 348 15.26 62.94 22.46
C ALA B 348 16.24 62.38 21.43
N LEU B 349 15.74 62.15 20.23
CA LEU B 349 16.54 61.65 19.15
C LEU B 349 16.10 62.31 17.86
N PRO B 350 17.03 62.72 17.02
CA PRO B 350 16.65 63.20 15.69
C PRO B 350 16.25 62.06 14.79
N THR B 351 15.35 62.35 13.88
CA THR B 351 15.04 61.40 12.83
C THR B 351 16.20 61.32 11.85
N MET B 352 16.68 60.11 11.57
CA MET B 352 17.77 59.87 10.63
C MET B 352 17.30 59.76 9.20
N GLN B 353 16.20 59.06 8.98
CA GLN B 353 15.66 58.92 7.64
C GLN B 353 14.21 58.48 7.76
N LEU B 354 13.50 58.59 6.64
CA LEU B 354 12.19 57.98 6.57
C LEU B 354 12.29 56.57 5.99
N ALA B 355 11.25 55.79 6.24
CA ALA B 355 11.26 54.42 5.77
C ALA B 355 11.33 54.37 4.26
N ASP B 356 10.86 55.43 3.59
CA ASP B 356 10.91 55.53 2.13
C ASP B 356 12.27 55.92 1.61
N GLY B 357 13.25 56.15 2.49
CA GLY B 357 14.57 56.52 2.07
C GLY B 357 14.88 58.00 2.11
N SER B 358 13.87 58.85 2.28
CA SER B 358 14.16 60.28 2.17
C SER B 358 14.72 60.84 3.48
N ARG B 359 15.46 61.94 3.34
CA ARG B 359 15.97 62.67 4.50
C ARG B 359 14.80 63.38 5.18
N PRO B 360 14.87 63.57 6.49
CA PRO B 360 13.78 64.27 7.19
C PRO B 360 13.79 65.75 6.89
N GLN B 361 12.61 66.36 7.07
CA GLN B 361 12.49 67.81 6.90
C GLN B 361 13.39 68.54 7.91
N SER B 362 13.27 68.18 9.19
CA SER B 362 13.93 68.84 10.30
C SER B 362 15.00 67.97 10.95
N THR B 363 16.11 68.60 11.31
CA THR B 363 17.18 68.02 12.13
C THR B 363 16.84 68.01 13.65
N GLU B 364 15.61 68.34 14.03
CA GLU B 364 15.23 68.48 15.43
C GLU B 364 15.15 67.11 16.13
N ALA B 365 15.64 67.09 17.37
CA ALA B 365 15.51 65.90 18.19
C ALA B 365 14.15 65.96 18.84
N LYS B 366 13.31 64.98 18.54
CA LYS B 366 11.98 64.87 19.12
C LYS B 366 11.98 63.71 20.09
N GLU B 367 10.96 63.67 20.93
CA GLU B 367 10.78 62.58 21.86
C GLU B 367 10.22 61.32 21.18
N GLY B 368 10.17 60.24 21.96
CA GLY B 368 9.58 59.02 21.53
C GLY B 368 8.07 59.04 21.73
N PRO B 369 7.49 57.91 22.15
CA PRO B 369 8.12 56.61 22.45
C PRO B 369 8.72 55.96 21.19
N TYR B 370 9.43 54.85 21.39
CA TYR B 370 10.14 54.22 20.29
C TYR B 370 9.82 52.73 20.27
N TRP B 371 9.92 52.14 19.10
CA TRP B 371 9.89 50.71 18.94
C TRP B 371 11.03 50.29 18.02
N SER B 372 11.17 48.98 17.81
CA SER B 372 12.41 48.43 17.28
C SER B 372 12.14 47.18 16.47
N ILE B 373 12.76 47.10 15.29
CA ILE B 373 12.68 45.91 14.44
C ILE B 373 14.07 45.33 14.25
N MET B 374 14.17 44.00 14.28
CA MET B 374 15.40 43.30 13.97
C MET B 374 15.19 42.30 12.82
N LEU B 375 16.10 42.32 11.83
CA LEU B 375 16.13 41.47 10.65
C LEU B 375 17.36 40.60 10.63
N GLU B 376 17.26 39.49 9.89
CA GLU B 376 18.39 38.64 9.54
C GLU B 376 18.40 38.39 8.03
N VAL B 377 19.55 38.55 7.41
CA VAL B 377 19.78 38.25 6.00
C VAL B 377 20.99 37.33 5.95
N SER B 378 20.91 36.28 5.12
CA SER B 378 21.98 35.31 5.03
C SER B 378 22.78 35.51 3.73
N GLU B 379 24.06 35.15 3.78
CA GLU B 379 24.98 35.29 2.66
C GLU B 379 25.81 34.02 2.57
N SER B 380 26.08 33.55 1.35
CA SER B 380 26.96 32.41 1.14
C SER B 380 27.56 32.50 -0.26
N SER B 381 28.48 31.59 -0.55
CA SER B 381 29.11 31.57 -1.86
C SER B 381 28.10 31.40 -2.99
N MET B 382 26.94 30.80 -2.69
CA MET B 382 25.86 30.62 -3.65
C MET B 382 24.83 31.76 -3.62
N LYS B 383 25.08 32.82 -2.83
CA LYS B 383 24.09 33.88 -2.60
C LYS B 383 24.80 35.09 -2.04
N PRO B 384 25.38 35.94 -2.90
CA PRO B 384 26.13 37.10 -2.41
C PRO B 384 25.19 38.14 -1.84
N VAL B 385 25.77 39.08 -1.09
CA VAL B 385 24.98 40.14 -0.47
C VAL B 385 25.78 41.41 -0.64
N ASN B 386 25.15 42.42 -1.22
CA ASN B 386 25.79 43.73 -1.41
C ASN B 386 25.87 44.40 -0.05
N GLN B 387 27.05 44.32 0.59
CA GLN B 387 27.22 44.89 1.92
C GLN B 387 26.88 46.39 1.92
N GLU B 388 27.18 47.09 0.84
CA GLU B 388 27.00 48.53 0.84
C GLU B 388 25.52 48.91 0.78
N THR B 389 24.65 48.04 0.27
CA THR B 389 23.25 48.41 0.07
C THR B 389 22.23 47.61 0.87
N ILE B 390 22.64 46.55 1.60
CA ILE B 390 21.67 45.63 2.19
C ILE B 390 20.79 46.33 3.22
N LEU B 391 21.37 47.25 4.00
CA LEU B 391 20.58 47.99 4.99
C LEU B 391 19.41 48.72 4.34
N ALA B 392 19.67 49.42 3.25
CA ALA B 392 18.58 50.11 2.56
C ALA B 392 17.57 49.12 1.98
N ASP B 393 18.05 48.03 1.35
CA ASP B 393 17.12 47.03 0.82
C ASP B 393 16.24 46.41 1.90
N CYS B 394 16.81 46.20 3.10
CA CYS B 394 16.00 45.69 4.20
C CYS B 394 14.92 46.68 4.58
N ILE B 395 15.30 47.95 4.76
CA ILE B 395 14.34 48.99 5.09
C ILE B 395 13.26 49.06 4.02
N GLN B 396 13.63 48.93 2.75
CA GLN B 396 12.62 48.84 1.69
C GLN B 396 11.76 47.60 1.86
N GLY B 397 12.37 46.46 2.20
CA GLY B 397 11.57 45.28 2.44
C GLY B 397 10.60 45.45 3.59
N LEU B 398 10.99 46.25 4.59
CA LEU B 398 10.08 46.57 5.67
C LEU B 398 8.88 47.39 5.18
N VAL B 399 9.08 48.25 4.18
CA VAL B 399 7.95 48.97 3.61
C VAL B 399 7.10 48.04 2.76
N ASN B 400 7.75 47.17 1.96
CA ASN B 400 7.03 46.25 1.09
C ASN B 400 6.15 45.28 1.89
N THR B 401 6.64 44.82 3.03
CA THR B 401 5.91 43.88 3.86
C THR B 401 4.92 44.56 4.80
N GLU B 402 4.74 45.87 4.68
CA GLU B 402 3.83 46.66 5.51
C GLU B 402 4.20 46.61 6.99
N MET B 403 5.46 46.34 7.32
CA MET B 403 5.88 46.51 8.69
C MET B 403 6.17 47.96 8.99
N LEU B 404 6.67 48.71 8.01
CA LEU B 404 6.89 50.15 8.11
C LEU B 404 6.07 50.89 7.07
N LYS B 405 5.41 51.96 7.51
CA LYS B 405 4.83 52.94 6.59
C LYS B 405 5.94 53.78 5.96
N PRO B 406 5.75 54.25 4.72
CA PRO B 406 6.77 55.06 4.06
C PRO B 406 7.22 56.26 4.88
N THR B 407 6.34 56.81 5.70
CA THR B 407 6.59 57.99 6.51
C THR B 407 7.13 57.71 7.91
N ASP B 408 7.24 56.46 8.36
CA ASP B 408 7.77 56.21 9.69
C ASP B 408 9.16 56.81 9.85
N GLU B 409 9.46 57.30 11.05
CA GLU B 409 10.71 57.99 11.31
C GLU B 409 11.73 57.08 11.96
N ILE B 410 12.82 56.81 11.24
CA ILE B 410 13.87 55.92 11.73
C ILE B 410 14.90 56.76 12.48
N VAL B 411 15.18 56.36 13.73
CA VAL B 411 16.10 57.09 14.60
C VAL B 411 17.36 56.31 14.92
N SER B 412 17.45 55.06 14.48
CA SER B 412 18.67 54.30 14.71
C SER B 412 18.75 53.13 13.74
N THR B 413 19.95 52.85 13.26
CA THR B 413 20.16 51.66 12.46
C THR B 413 21.34 50.87 13.01
N TYR B 414 21.31 49.57 12.76
CA TYR B 414 22.31 48.65 13.25
C TYR B 414 22.54 47.67 12.12
N HIS B 415 23.81 47.42 11.79
CA HIS B 415 24.12 46.41 10.79
C HIS B 415 25.47 45.80 11.11
N ARG B 416 25.48 44.53 11.45
CA ARG B 416 26.69 43.78 11.71
C ARG B 416 26.62 42.49 10.92
N ARG B 417 27.77 42.03 10.44
CA ARG B 417 27.86 40.82 9.62
C ARG B 417 28.73 39.80 10.35
N PHE B 418 28.18 38.60 10.56
CA PHE B 418 28.89 37.50 11.20
C PHE B 418 29.29 36.45 10.19
N ASP B 419 30.60 36.25 10.01
CA ASP B 419 31.07 35.30 8.99
C ASP B 419 30.51 33.90 9.23
N HIS B 420 30.65 33.37 10.45
CA HIS B 420 30.05 32.07 10.78
C HIS B 420 28.70 32.33 11.44
N GLY B 421 27.64 32.27 10.64
CA GLY B 421 26.29 32.49 11.14
C GLY B 421 25.55 31.20 11.40
N TYR B 422 25.30 30.45 10.34
CA TYR B 422 24.62 29.18 10.44
C TYR B 422 25.50 28.05 9.92
N PRO B 423 25.68 26.97 10.68
CA PRO B 423 26.30 25.75 10.14
C PRO B 423 25.29 25.00 9.28
N THR B 424 25.62 24.83 7.99
CA THR B 424 24.63 24.34 7.04
C THR B 424 24.47 22.81 7.11
N PRO B 425 23.26 22.31 7.36
CA PRO B 425 23.03 20.86 7.32
C PRO B 425 23.00 20.31 5.90
N THR B 426 24.13 20.30 5.19
CA THR B 426 24.20 19.72 3.85
C THR B 426 24.12 18.20 3.90
N LEU B 427 23.89 17.59 2.73
CA LEU B 427 23.96 16.13 2.59
C LEU B 427 25.32 15.60 3.03
N GLU B 428 26.38 16.34 2.77
CA GLU B 428 27.75 15.88 3.02
C GLU B 428 28.15 16.04 4.48
N ARG B 429 27.38 16.76 5.30
CA ARG B 429 27.88 17.22 6.59
C ARG B 429 28.28 16.04 7.49
N GLU B 430 27.38 15.06 7.64
CA GLU B 430 27.69 13.95 8.54
C GLU B 430 28.89 13.13 8.05
N GLY B 431 28.97 12.90 6.72
CA GLY B 431 30.13 12.22 6.17
C GLY B 431 31.44 12.91 6.53
N THR B 432 31.48 14.23 6.41
CA THR B 432 32.69 14.96 6.77
C THR B 432 32.90 14.97 8.27
N LEU B 433 31.83 15.15 9.05
CA LEU B 433 31.99 15.25 10.49
C LEU B 433 32.45 13.93 11.10
N THR B 434 32.02 12.77 10.56
CA THR B 434 32.53 11.57 11.22
C THR B 434 33.99 11.31 10.88
N GLN B 435 34.59 12.10 10.00
CA GLN B 435 36.04 12.09 9.90
C GLN B 435 36.71 13.13 10.77
N ILE B 436 36.03 14.25 11.06
CA ILE B 436 36.67 15.33 11.83
C ILE B 436 36.60 15.06 13.33
N LEU B 437 35.37 14.86 13.84
CA LEU B 437 35.21 14.79 15.30
C LEU B 437 35.91 13.60 15.95
N PRO B 438 35.88 12.39 15.40
CA PRO B 438 36.63 11.30 16.05
C PRO B 438 38.14 11.51 16.00
N LYS B 439 38.68 12.12 14.93
CA LYS B 439 40.10 12.47 14.93
C LYS B 439 40.45 13.39 16.08
N LEU B 440 39.63 14.42 16.30
CA LEU B 440 39.87 15.30 17.44
C LEU B 440 39.62 14.59 18.77
N GLN B 441 38.67 13.65 18.80
CA GLN B 441 38.43 12.88 20.03
C GLN B 441 39.65 12.07 20.43
N ASP B 442 40.35 11.51 19.44
CA ASP B 442 41.51 10.68 19.70
C ASP B 442 42.69 11.50 20.19
N LYS B 443 42.69 12.81 19.92
CA LYS B 443 43.70 13.70 20.47
C LYS B 443 43.22 14.35 21.77
N ASP B 444 42.19 13.76 22.39
CA ASP B 444 41.58 14.23 23.64
C ASP B 444 41.01 15.63 23.50
N ILE B 445 40.34 15.90 22.38
CA ILE B 445 39.78 17.22 22.09
C ILE B 445 38.29 17.06 21.87
N TRP B 446 37.50 17.66 22.76
CA TRP B 446 36.04 17.68 22.62
C TRP B 446 35.68 18.97 21.91
N SER B 447 35.61 18.91 20.59
CA SER B 447 35.21 20.06 19.80
C SER B 447 33.68 20.06 19.73
N ARG B 448 33.05 21.01 20.40
CA ARG B 448 31.61 21.00 20.61
C ARG B 448 31.06 22.40 20.41
N GLY B 449 29.81 22.49 20.01
CA GLY B 449 29.13 23.77 19.93
C GLY B 449 28.51 23.99 18.56
N ARG B 450 27.88 25.17 18.42
CA ARG B 450 27.24 25.55 17.16
C ARG B 450 28.17 25.39 15.99
N PHE B 451 29.40 25.87 16.12
CA PHE B 451 30.42 25.62 15.10
C PHE B 451 31.55 24.74 15.59
N GLY B 452 31.63 24.48 16.90
CA GLY B 452 32.56 23.48 17.40
C GLY B 452 32.26 22.09 16.86
N SER B 453 30.97 21.74 16.77
CA SER B 453 30.55 20.45 16.22
C SER B 453 29.57 20.58 15.05
N TRP B 454 29.21 21.80 14.66
CA TRP B 454 28.65 22.10 13.34
C TRP B 454 27.25 21.55 13.10
N ARG B 455 26.49 21.24 14.14
CA ARG B 455 25.16 20.66 13.94
C ARG B 455 24.08 21.66 14.34
N TYR B 456 23.45 22.26 13.33
CA TYR B 456 22.46 23.30 13.57
C TYR B 456 21.41 22.87 14.58
N GLU B 457 20.89 21.65 14.41
CA GLU B 457 19.77 21.20 15.22
C GLU B 457 20.10 21.19 16.71
N VAL B 458 21.37 21.19 17.09
CA VAL B 458 21.68 21.42 18.49
C VAL B 458 22.49 22.69 18.65
N GLY B 459 22.25 23.69 17.79
CA GLY B 459 23.01 24.92 17.80
C GLY B 459 22.33 26.11 18.43
N ASN B 460 21.09 25.94 18.91
CA ASN B 460 20.50 27.00 19.68
C ASN B 460 21.04 26.94 21.11
N GLN B 461 20.60 27.89 21.94
CA GLN B 461 21.29 28.15 23.20
C GLN B 461 21.15 27.00 24.20
N ASP B 462 19.95 26.42 24.34
CA ASP B 462 19.80 25.40 25.37
C ASP B 462 20.57 24.13 24.97
N HIS B 463 20.42 23.65 23.74
CA HIS B 463 21.22 22.53 23.28
C HIS B 463 22.72 22.82 23.39
N SER B 464 23.15 24.02 22.98
CA SER B 464 24.58 24.33 23.01
C SER B 464 25.11 24.37 24.43
N PHE B 465 24.39 25.06 25.34
CA PHE B 465 24.79 25.07 26.74
C PHE B 465 25.00 23.65 27.25
N MET B 466 24.10 22.74 26.86
CA MET B 466 24.20 21.37 27.33
C MET B 466 25.30 20.59 26.63
N LEU B 467 25.62 20.91 25.36
CA LEU B 467 26.77 20.28 24.73
C LEU B 467 28.03 20.46 25.58
N GLY B 468 28.19 21.64 26.16
CA GLY B 468 29.33 21.86 27.04
C GLY B 468 29.18 21.12 28.35
N VAL B 469 27.97 21.14 28.94
CA VAL B 469 27.74 20.42 30.19
C VAL B 469 28.02 18.93 30.02
N GLU B 470 27.43 18.34 28.98
CA GLU B 470 27.58 16.92 28.76
C GLU B 470 29.00 16.56 28.38
N ALA B 471 29.70 17.44 27.66
CA ALA B 471 31.09 17.16 27.33
C ALA B 471 31.94 17.03 28.58
N VAL B 472 31.77 17.96 29.52
CA VAL B 472 32.44 17.86 30.82
C VAL B 472 31.95 16.63 31.58
N ASP B 473 30.64 16.39 31.55
CA ASP B 473 30.06 15.23 32.22
C ASP B 473 30.60 13.92 31.64
N ASN B 474 30.92 13.91 30.35
CA ASN B 474 31.56 12.74 29.77
C ASN B 474 33.01 12.61 30.22
N ILE B 475 33.76 13.72 30.25
CA ILE B 475 35.16 13.71 30.64
C ILE B 475 35.34 13.27 32.08
N VAL B 476 34.45 13.71 32.97
CA VAL B 476 34.61 13.44 34.39
C VAL B 476 33.82 12.20 34.82
N ASN B 477 32.52 12.17 34.52
CA ASN B 477 31.60 11.21 35.12
C ASN B 477 31.20 10.07 34.18
N GLY B 478 31.87 9.94 33.03
CA GLY B 478 31.55 8.89 32.07
C GLY B 478 30.16 8.94 31.47
N ALA B 479 29.53 10.12 31.44
CA ALA B 479 28.17 10.25 30.92
C ALA B 479 28.14 10.13 29.41
N VAL B 480 27.02 9.64 28.87
CA VAL B 480 26.82 9.68 27.42
C VAL B 480 26.58 11.12 26.98
N GLU B 481 27.24 11.52 25.91
CA GLU B 481 26.98 12.85 25.31
C GLU B 481 25.71 12.68 24.49
N LEU B 482 24.56 12.87 25.15
CA LEU B 482 23.28 12.55 24.52
C LEU B 482 22.87 13.60 23.49
N THR B 483 23.02 14.89 23.84
CA THR B 483 22.61 15.98 22.96
C THR B 483 23.38 15.98 21.66
N LEU B 484 24.70 15.73 21.76
CA LEU B 484 25.56 15.72 20.57
C LEU B 484 25.11 14.66 19.57
N ASN B 485 24.88 13.43 20.04
CA ASN B 485 24.65 12.28 19.16
C ASN B 485 23.19 11.89 19.03
N TYR B 486 22.30 12.34 19.91
CA TYR B 486 20.91 11.89 19.88
C TYR B 486 19.97 13.05 20.13
N PRO B 487 20.04 14.10 19.32
CA PRO B 487 19.14 15.25 19.50
C PRO B 487 17.68 14.83 19.58
N ASP B 488 17.31 13.85 18.76
CA ASP B 488 15.95 13.33 18.77
C ASP B 488 15.55 12.80 20.14
N PHE B 489 16.45 12.06 20.78
CA PHE B 489 16.17 11.50 22.11
C PHE B 489 15.96 12.61 23.14
N VAL B 490 16.87 13.59 23.20
CA VAL B 490 16.75 14.61 24.23
C VAL B 490 15.53 15.48 23.96
N ASN B 491 15.24 15.77 22.69
CA ASN B 491 14.11 16.64 22.37
C ASN B 491 12.77 15.99 22.70
N GLY B 492 12.71 14.66 22.67
CA GLY B 492 11.47 13.98 22.95
C GLY B 492 11.21 13.60 24.40
N ARG B 493 11.92 14.18 25.36
CA ARG B 493 11.73 13.83 26.75
C ARG B 493 11.90 15.07 27.63
N GLN B 494 11.49 14.92 28.90
CA GLN B 494 11.72 15.93 29.93
C GLN B 494 13.08 15.62 30.55
N ASN B 495 14.07 16.48 30.33
CA ASN B 495 15.39 16.17 30.85
C ASN B 495 15.54 16.72 32.27
N THR B 496 15.13 15.90 33.25
CA THR B 496 15.08 16.33 34.65
C THR B 496 16.20 15.76 35.53
N GLU B 497 17.00 14.83 35.02
CA GLU B 497 17.91 14.10 35.92
C GLU B 497 19.11 14.93 36.33
N ARG B 498 19.74 15.62 35.38
CA ARG B 498 20.92 16.42 35.71
C ARG B 498 20.47 17.80 36.21
N ARG B 499 20.95 18.19 37.39
CA ARG B 499 20.58 19.43 38.03
C ARG B 499 21.82 20.20 38.49
N LEU B 500 21.65 21.51 38.69
CA LEU B 500 22.76 22.33 39.15
C LEU B 500 23.22 21.95 40.54
N VAL B 501 22.38 21.22 41.29
CA VAL B 501 22.79 20.57 42.53
C VAL B 501 22.39 19.11 42.41
N ASP B 502 23.35 18.23 42.18
CA ASP B 502 23.12 16.81 42.15
C ASP B 502 23.35 16.22 43.53
N GLY B 503 23.01 14.95 43.69
CA GLY B 503 23.29 14.28 44.94
C GLY B 503 24.73 14.44 45.40
N ALA B 504 25.68 14.45 44.44
CA ALA B 504 27.10 14.55 44.77
C ALA B 504 27.39 15.77 45.63
N GLN B 505 26.78 16.92 45.30
CA GLN B 505 27.00 18.12 46.10
C GLN B 505 26.27 18.08 47.42
N VAL B 506 25.10 17.43 47.48
CA VAL B 506 24.38 17.35 48.74
C VAL B 506 25.18 16.52 49.75
N PHE B 507 25.75 15.39 49.30
CA PHE B 507 26.46 14.48 50.19
C PHE B 507 27.83 14.98 50.59
N ALA B 508 28.36 15.98 49.88
CA ALA B 508 29.69 16.49 50.16
C ALA B 508 29.71 17.59 51.21
N LYS B 509 28.61 18.32 51.37
CA LYS B 509 28.50 19.38 52.37
C LYS B 509 28.02 18.83 53.71
N SER B 510 28.49 17.64 54.07
CA SER B 510 28.16 16.99 55.35
C SER B 510 29.42 16.42 55.99
N PRO C 7 -52.87 -27.81 -32.42
CA PRO C 7 -53.48 -26.77 -31.59
C PRO C 7 -54.16 -25.66 -32.39
N ASP C 8 -54.69 -24.63 -31.72
CA ASP C 8 -55.54 -23.66 -32.41
C ASP C 8 -54.73 -22.76 -33.35
N ILE C 9 -53.61 -22.20 -32.87
CA ILE C 9 -52.73 -21.38 -33.69
C ILE C 9 -51.32 -21.95 -33.57
N SER C 10 -50.53 -21.77 -34.63
CA SER C 10 -49.12 -22.17 -34.63
C SER C 10 -48.27 -21.04 -35.17
N VAL C 11 -47.23 -20.68 -34.42
CA VAL C 11 -46.24 -19.69 -34.86
C VAL C 11 -44.85 -20.18 -34.46
N ASP C 12 -43.84 -19.65 -35.14
CA ASP C 12 -42.46 -20.00 -34.82
C ASP C 12 -42.06 -19.43 -33.45
N VAL C 13 -42.30 -18.14 -33.23
CA VAL C 13 -41.90 -17.48 -31.98
C VAL C 13 -43.10 -16.77 -31.37
N LEU C 14 -43.47 -17.17 -30.14
CA LEU C 14 -44.56 -16.54 -29.38
C LEU C 14 -43.98 -15.66 -28.29
N VAL C 15 -44.55 -14.46 -28.16
CA VAL C 15 -44.12 -13.47 -27.17
C VAL C 15 -45.25 -13.24 -26.16
N ILE C 16 -45.00 -13.58 -24.90
CA ILE C 16 -45.98 -13.34 -23.85
C ILE C 16 -45.65 -12.02 -23.19
N GLY C 17 -46.55 -11.05 -23.32
CA GLY C 17 -46.46 -9.73 -22.71
C GLY C 17 -46.10 -8.67 -23.73
N ALA C 18 -46.74 -7.51 -23.61
CA ALA C 18 -46.51 -6.40 -24.53
C ALA C 18 -46.09 -5.13 -23.78
N GLY C 19 -45.37 -5.30 -22.68
CA GLY C 19 -44.58 -4.24 -22.10
C GLY C 19 -43.33 -4.03 -22.94
N PRO C 20 -42.42 -3.18 -22.48
CA PRO C 20 -41.24 -2.84 -23.28
C PRO C 20 -40.44 -4.04 -23.74
N THR C 21 -40.23 -5.03 -22.88
CA THR C 21 -39.46 -6.21 -23.30
C THR C 21 -40.14 -6.90 -24.47
N GLY C 22 -41.41 -7.28 -24.30
CA GLY C 22 -42.11 -7.98 -25.37
C GLY C 22 -42.23 -7.17 -26.64
N LEU C 23 -42.50 -5.86 -26.51
CA LEU C 23 -42.59 -5.02 -27.70
C LEU C 23 -41.25 -4.95 -28.40
N GLY C 24 -40.15 -4.92 -27.64
CA GLY C 24 -38.82 -5.10 -28.24
C GLY C 24 -38.72 -6.37 -29.05
N ALA C 25 -39.10 -7.51 -28.46
CA ALA C 25 -39.11 -8.77 -29.18
C ALA C 25 -39.92 -8.64 -30.48
N ALA C 26 -41.08 -8.00 -30.39
CA ALA C 26 -41.94 -7.84 -31.55
C ALA C 26 -41.35 -6.90 -32.59
N LYS C 27 -40.77 -5.78 -32.16
CA LYS C 27 -40.23 -4.83 -33.14
C LYS C 27 -39.18 -5.51 -34.00
N ARG C 28 -38.32 -6.32 -33.38
CA ARG C 28 -37.26 -7.03 -34.08
C ARG C 28 -37.78 -8.21 -34.91
N LEU C 29 -38.72 -8.99 -34.35
CA LEU C 29 -39.35 -10.02 -35.17
C LEU C 29 -40.00 -9.42 -36.41
N ASN C 30 -40.68 -8.29 -36.24
CA ASN C 30 -41.38 -7.63 -37.34
C ASN C 30 -40.39 -6.99 -38.30
N GLN C 31 -39.19 -6.63 -37.82
CA GLN C 31 -38.14 -6.11 -38.68
C GLN C 31 -37.50 -7.23 -39.51
N ILE C 32 -37.01 -8.28 -38.84
CA ILE C 32 -36.43 -9.42 -39.55
C ILE C 32 -37.42 -9.97 -40.57
N ASP C 33 -38.70 -10.06 -40.17
CA ASP C 33 -39.79 -10.50 -41.02
C ASP C 33 -39.46 -11.82 -41.68
N GLY C 34 -39.01 -12.77 -40.88
CA GLY C 34 -38.70 -14.10 -41.36
C GLY C 34 -39.65 -15.10 -40.76
N PRO C 35 -39.31 -15.62 -39.59
CA PRO C 35 -40.21 -16.54 -38.90
C PRO C 35 -41.50 -15.85 -38.49
N SER C 36 -42.58 -16.63 -38.48
CA SER C 36 -43.88 -16.14 -38.05
C SER C 36 -43.86 -15.87 -36.55
N TRP C 37 -44.81 -15.05 -36.11
CA TRP C 37 -44.81 -14.68 -34.70
C TRP C 37 -46.17 -14.09 -34.33
N MET C 38 -46.43 -14.04 -33.03
CA MET C 38 -47.57 -13.35 -32.46
C MET C 38 -47.14 -12.88 -31.09
N ILE C 39 -47.72 -11.76 -30.64
CA ILE C 39 -47.50 -11.24 -29.29
C ILE C 39 -48.84 -11.12 -28.60
N VAL C 40 -48.91 -11.60 -27.36
CA VAL C 40 -50.14 -11.62 -26.58
C VAL C 40 -49.91 -10.85 -25.28
N ASP C 41 -51.00 -10.31 -24.74
CA ASP C 41 -50.95 -9.63 -23.45
C ASP C 41 -52.37 -9.62 -22.89
N SER C 42 -52.47 -9.85 -21.57
CA SER C 42 -53.76 -9.83 -20.89
C SER C 42 -54.36 -8.43 -20.80
N ASN C 43 -53.55 -7.39 -21.02
CA ASN C 43 -54.03 -6.02 -21.00
C ASN C 43 -54.41 -5.56 -22.41
N GLU C 44 -55.55 -4.87 -22.52
CA GLU C 44 -55.94 -4.34 -23.83
C GLU C 44 -55.00 -3.22 -24.29
N THR C 45 -54.24 -2.61 -23.38
CA THR C 45 -53.38 -1.48 -23.69
C THR C 45 -51.93 -1.89 -23.63
N PRO C 46 -51.15 -1.64 -24.69
CA PRO C 46 -49.73 -2.01 -24.67
C PRO C 46 -48.94 -1.12 -23.74
N GLY C 47 -47.82 -1.65 -23.25
CA GLY C 47 -46.90 -0.90 -22.43
C GLY C 47 -46.67 -1.51 -21.07
N GLY C 48 -47.52 -2.47 -20.67
CA GLY C 48 -47.37 -3.13 -19.39
C GLY C 48 -47.24 -2.13 -18.25
N LEU C 49 -46.37 -2.44 -17.31
CA LEU C 49 -46.14 -1.51 -16.22
C LEU C 49 -45.38 -0.32 -16.65
N ALA C 50 -45.14 0.01 -17.92
CA ALA C 50 -44.65 1.34 -18.30
C ALA C 50 -45.78 2.23 -18.81
N SER C 51 -47.02 1.86 -18.48
CA SER C 51 -48.22 2.57 -18.88
C SER C 51 -48.40 3.83 -18.05
N THR C 52 -49.40 4.61 -18.42
CA THR C 52 -49.74 5.86 -17.76
C THR C 52 -51.20 5.85 -17.34
N ASP C 53 -51.46 6.15 -16.07
CA ASP C 53 -52.80 6.29 -15.52
C ASP C 53 -53.21 7.75 -15.54
N VAL C 54 -54.52 7.99 -15.45
CA VAL C 54 -55.02 9.35 -15.33
C VAL C 54 -56.13 9.40 -14.28
N THR C 55 -56.09 10.43 -13.45
CA THR C 55 -57.11 10.63 -12.44
C THR C 55 -58.40 11.12 -13.08
N PRO C 56 -59.53 10.94 -12.40
CA PRO C 56 -60.77 11.52 -12.93
C PRO C 56 -60.68 13.01 -13.17
N GLU C 57 -59.76 13.69 -12.49
CA GLU C 57 -59.62 15.13 -12.59
C GLU C 57 -58.66 15.58 -13.70
N GLY C 58 -58.00 14.64 -14.38
CA GLY C 58 -57.18 14.96 -15.52
C GLY C 58 -55.69 14.95 -15.30
N PHE C 59 -55.23 14.34 -14.21
CA PHE C 59 -53.81 14.32 -13.90
C PHE C 59 -53.20 12.98 -14.30
N LEU C 60 -52.14 13.03 -15.09
CA LEU C 60 -51.45 11.83 -15.54
C LEU C 60 -50.41 11.42 -14.51
N TYR C 61 -50.25 10.11 -14.33
CA TYR C 61 -49.21 9.58 -13.45
C TYR C 61 -48.59 8.33 -14.07
N ASP C 62 -47.27 8.40 -14.30
CA ASP C 62 -46.41 7.27 -14.64
C ASP C 62 -46.20 6.38 -13.42
N VAL C 63 -45.67 5.18 -13.68
CA VAL C 63 -45.29 4.28 -12.60
C VAL C 63 -43.96 4.58 -11.93
N GLY C 64 -43.14 5.48 -12.49
CA GLY C 64 -41.83 5.71 -11.89
C GLY C 64 -41.29 7.12 -12.06
N GLY C 65 -40.09 7.32 -11.51
CA GLY C 65 -39.36 8.59 -11.54
C GLY C 65 -38.01 8.57 -12.23
N HIS C 66 -37.55 7.36 -12.60
CA HIS C 66 -36.39 7.16 -13.49
C HIS C 66 -36.79 7.54 -14.91
N VAL C 67 -36.30 8.68 -15.39
CA VAL C 67 -36.57 9.11 -16.76
C VAL C 67 -35.81 8.20 -17.70
N ILE C 68 -35.86 8.47 -19.00
CA ILE C 68 -35.27 7.58 -19.99
C ILE C 68 -33.89 8.09 -20.38
N PHE C 69 -32.91 7.20 -20.34
CA PHE C 69 -31.58 7.42 -20.90
C PHE C 69 -31.30 6.18 -21.72
N SER C 70 -31.01 6.39 -23.00
CA SER C 70 -30.87 5.29 -23.93
C SER C 70 -29.41 4.92 -24.09
N HIS C 71 -29.15 3.62 -24.08
CA HIS C 71 -27.82 3.06 -24.31
C HIS C 71 -27.66 2.51 -25.72
N TYR C 72 -28.72 2.59 -26.54
CA TYR C 72 -28.76 1.88 -27.80
C TYR C 72 -29.35 2.77 -28.87
N LYS C 73 -28.66 2.87 -30.01
CA LYS C 73 -29.25 3.53 -31.16
C LYS C 73 -30.52 2.81 -31.61
N TYR C 74 -30.64 1.51 -31.32
CA TYR C 74 -31.81 0.75 -31.79
C TYR C 74 -33.07 1.21 -31.09
N PHE C 75 -32.99 1.40 -29.77
CA PHE C 75 -34.06 2.01 -28.99
C PHE C 75 -34.43 3.38 -29.55
N ASP C 76 -33.40 4.19 -29.86
CA ASP C 76 -33.62 5.50 -30.45
C ASP C 76 -34.43 5.41 -31.74
N ASP C 77 -34.04 4.51 -32.65
CA ASP C 77 -34.77 4.38 -33.90
C ASP C 77 -36.25 4.04 -33.67
N CYS C 78 -36.52 3.19 -32.67
CA CYS C 78 -37.89 2.71 -32.49
C CYS C 78 -38.77 3.79 -31.89
N LEU C 79 -38.23 4.58 -30.96
CA LEU C 79 -38.98 5.71 -30.44
C LEU C 79 -39.23 6.72 -31.54
N ASP C 80 -38.20 7.07 -32.32
CA ASP C 80 -38.36 8.05 -33.39
C ASP C 80 -39.43 7.62 -34.38
N GLU C 81 -39.48 6.34 -34.73
CA GLU C 81 -40.55 5.87 -35.60
C GLU C 81 -41.92 6.10 -34.96
N ALA C 82 -42.04 5.81 -33.66
CA ALA C 82 -43.35 5.88 -33.00
C ALA C 82 -43.79 7.32 -32.78
N LEU C 83 -42.85 8.21 -32.45
CA LEU C 83 -43.16 9.62 -32.15
C LEU C 83 -42.18 10.50 -32.91
N PRO C 84 -42.43 10.73 -34.21
CA PRO C 84 -41.41 11.33 -35.08
C PRO C 84 -41.39 12.84 -35.18
N LYS C 85 -42.44 13.54 -34.74
CA LYS C 85 -42.49 14.99 -34.87
C LYS C 85 -41.77 15.62 -33.68
N GLU C 86 -41.10 16.76 -33.93
CA GLU C 86 -40.37 17.41 -32.85
C GLU C 86 -41.32 17.86 -31.73
N ASP C 87 -42.58 18.10 -32.05
CA ASP C 87 -43.56 18.48 -31.02
C ASP C 87 -44.23 17.27 -30.37
N ASP C 88 -43.67 16.07 -30.55
CA ASP C 88 -44.05 14.90 -29.78
C ASP C 88 -43.25 14.73 -28.49
N TRP C 89 -42.15 15.47 -28.33
CA TRP C 89 -41.23 15.30 -27.22
C TRP C 89 -40.88 16.64 -26.62
N TYR C 90 -40.60 16.65 -25.32
CA TYR C 90 -40.01 17.79 -24.64
C TYR C 90 -38.66 17.37 -24.08
N THR C 91 -37.71 18.31 -24.09
CA THR C 91 -36.34 18.09 -23.63
C THR C 91 -36.12 18.84 -22.32
N HIS C 92 -35.54 18.17 -21.33
CA HIS C 92 -35.16 18.81 -20.08
C HIS C 92 -33.77 18.36 -19.65
N GLN C 93 -33.16 19.15 -18.78
CA GLN C 93 -31.88 18.85 -18.15
C GLN C 93 -32.11 17.92 -16.97
N ARG C 94 -31.13 17.05 -16.69
CA ARG C 94 -31.27 16.09 -15.58
C ARG C 94 -31.03 16.78 -14.25
N ILE C 95 -32.11 17.31 -13.67
CA ILE C 95 -32.07 18.14 -12.47
C ILE C 95 -32.63 17.29 -11.33
N SER C 96 -31.77 16.95 -10.38
CA SER C 96 -32.20 16.18 -9.22
C SER C 96 -31.49 16.67 -7.97
N TYR C 97 -32.16 16.49 -6.84
CA TYR C 97 -31.62 16.91 -5.56
C TYR C 97 -31.87 15.85 -4.51
N VAL C 98 -31.05 15.87 -3.47
CA VAL C 98 -31.28 15.08 -2.26
C VAL C 98 -31.84 16.02 -1.20
N ARG C 99 -32.94 15.63 -0.58
CA ARG C 99 -33.52 16.39 0.51
C ARG C 99 -32.83 15.96 1.80
N CYS C 100 -32.06 16.87 2.39
CA CYS C 100 -31.28 16.54 3.58
C CYS C 100 -31.21 17.74 4.51
N GLN C 101 -31.76 17.60 5.72
CA GLN C 101 -31.64 18.60 6.79
C GLN C 101 -32.01 20.00 6.31
N GLY C 102 -33.26 20.13 5.84
CA GLY C 102 -33.81 21.40 5.42
C GLY C 102 -33.30 21.95 4.10
N GLN C 103 -32.44 21.22 3.40
CA GLN C 103 -31.80 21.71 2.20
C GLN C 103 -32.09 20.81 1.02
N TRP C 104 -32.20 21.43 -0.16
CA TRP C 104 -32.21 20.70 -1.41
C TRP C 104 -30.78 20.67 -1.90
N VAL C 105 -30.13 19.53 -1.71
CA VAL C 105 -28.70 19.37 -1.99
C VAL C 105 -28.56 18.82 -3.41
N PRO C 106 -27.90 19.55 -4.31
CA PRO C 106 -27.80 19.08 -5.71
C PRO C 106 -27.17 17.71 -5.82
N TYR C 107 -27.60 16.98 -6.80
CA TYR C 107 -26.92 15.71 -6.98
C TYR C 107 -25.70 15.91 -7.87
N PRO C 108 -24.59 15.21 -7.67
CA PRO C 108 -24.33 14.17 -6.67
C PRO C 108 -24.08 14.68 -5.25
N PHE C 109 -24.67 13.99 -4.26
CA PHE C 109 -24.67 14.44 -2.88
C PHE C 109 -23.28 14.84 -2.39
N GLN C 110 -22.29 13.99 -2.60
CA GLN C 110 -20.98 14.22 -2.00
C GLN C 110 -20.34 15.52 -2.50
N ASN C 111 -20.62 15.91 -3.75
CA ASN C 111 -20.05 17.13 -4.29
C ASN C 111 -20.73 18.39 -3.81
N ASN C 112 -21.66 18.30 -2.86
CA ASN C 112 -22.41 19.47 -2.44
C ASN C 112 -22.62 19.58 -0.93
N ILE C 113 -21.83 18.87 -0.13
CA ILE C 113 -22.05 18.90 1.31
C ILE C 113 -21.71 20.25 1.90
N SER C 114 -21.23 21.19 1.07
CA SER C 114 -20.97 22.54 1.56
C SER C 114 -22.23 23.19 2.08
N MET C 115 -23.40 22.67 1.71
CA MET C 115 -24.69 23.15 2.20
C MET C 115 -25.00 22.69 3.62
N LEU C 116 -24.31 21.70 4.13
CA LEU C 116 -24.55 21.17 5.47
C LEU C 116 -23.77 21.98 6.49
N PRO C 117 -24.10 21.83 7.77
CA PRO C 117 -23.30 22.51 8.81
C PRO C 117 -21.84 22.09 8.75
N LYS C 118 -20.95 23.03 9.09
CA LYS C 118 -19.51 22.80 9.03
C LYS C 118 -19.09 21.59 9.86
N GLU C 119 -19.61 21.45 11.07
CA GLU C 119 -19.20 20.30 11.88
C GLU C 119 -19.52 19.00 11.14
N GLU C 120 -20.60 19.01 10.36
CA GLU C 120 -20.98 17.81 9.63
C GLU C 120 -20.11 17.65 8.39
N GLN C 121 -19.72 18.76 7.77
CA GLN C 121 -18.75 18.68 6.70
C GLN C 121 -17.47 18.00 7.16
N VAL C 122 -16.97 18.39 8.34
CA VAL C 122 -15.77 17.79 8.90
C VAL C 122 -15.91 16.30 9.07
N LYS C 123 -17.05 15.83 9.59
CA LYS C 123 -17.23 14.40 9.76
C LYS C 123 -17.23 13.69 8.40
N CYS C 124 -17.86 14.29 7.40
CA CYS C 124 -17.93 13.67 6.08
C CYS C 124 -16.55 13.57 5.44
N ILE C 125 -15.84 14.69 5.40
CA ILE C 125 -14.52 14.70 4.81
C ILE C 125 -13.60 13.74 5.56
N ASP C 126 -13.69 13.73 6.90
CA ASP C 126 -12.86 12.81 7.68
C ASP C 126 -13.13 11.36 7.28
N GLY C 127 -14.40 11.02 7.10
CA GLY C 127 -14.72 9.68 6.63
C GLY C 127 -14.21 9.43 5.22
N MET C 128 -14.30 10.44 4.35
CA MET C 128 -13.84 10.18 2.99
C MET C 128 -12.32 10.09 2.94
N ILE C 129 -11.60 10.80 3.81
CA ILE C 129 -10.16 10.62 3.85
C ILE C 129 -9.83 9.18 4.24
N ASP C 130 -10.54 8.66 5.24
CA ASP C 130 -10.38 7.25 5.60
C ASP C 130 -10.63 6.34 4.40
N ALA C 131 -11.66 6.66 3.60
CA ALA C 131 -11.97 5.85 2.44
C ALA C 131 -10.88 5.92 1.38
N ALA C 132 -10.35 7.12 1.11
CA ALA C 132 -9.35 7.27 0.07
C ALA C 132 -8.08 6.54 0.43
N LEU C 133 -7.69 6.59 1.70
CA LEU C 133 -6.48 5.89 2.13
C LEU C 133 -6.65 4.37 2.06
N GLU C 134 -7.81 3.85 2.46
CA GLU C 134 -8.04 2.42 2.34
C GLU C 134 -8.08 2.00 0.88
N ALA C 135 -8.72 2.80 0.03
CA ALA C 135 -8.74 2.50 -1.40
C ALA C 135 -7.34 2.41 -1.98
N ARG C 136 -6.40 3.19 -1.43
CA ARG C 136 -5.04 3.20 -1.95
C ARG C 136 -4.32 1.87 -1.75
N VAL C 137 -4.80 1.02 -0.83
CA VAL C 137 -4.15 -0.27 -0.56
C VAL C 137 -5.16 -1.40 -0.67
N ALA C 138 -6.33 -1.12 -1.23
CA ALA C 138 -7.35 -2.15 -1.39
C ALA C 138 -6.91 -3.24 -2.36
N ASN C 139 -7.20 -4.49 -2.00
CA ASN C 139 -6.96 -5.56 -2.97
C ASN C 139 -8.12 -6.55 -3.02
N THR C 140 -9.31 -6.15 -2.59
CA THR C 140 -10.50 -6.98 -2.73
C THR C 140 -11.63 -6.18 -3.37
N LYS C 141 -12.54 -6.87 -4.00
CA LYS C 141 -13.73 -6.19 -4.45
C LYS C 141 -14.74 -6.13 -3.29
N PRO C 142 -15.58 -5.11 -3.25
CA PRO C 142 -16.65 -5.12 -2.25
C PRO C 142 -17.59 -6.30 -2.50
N LYS C 143 -18.06 -6.90 -1.42
CA LYS C 143 -18.92 -8.08 -1.54
C LYS C 143 -20.39 -7.75 -1.42
N THR C 144 -20.75 -6.67 -0.70
CA THR C 144 -22.12 -6.21 -0.51
C THR C 144 -22.27 -4.76 -0.96
N PHE C 145 -23.53 -4.40 -1.28
CA PHE C 145 -23.87 -3.00 -1.60
C PHE C 145 -23.38 -2.04 -0.53
N ASP C 146 -23.56 -2.40 0.76
CA ASP C 146 -23.14 -1.49 1.83
C ASP C 146 -21.63 -1.26 1.78
N GLU C 147 -20.84 -2.32 1.60
CA GLU C 147 -19.40 -2.17 1.46
C GLU C 147 -19.05 -1.26 0.31
N TRP C 148 -19.79 -1.39 -0.79
CA TRP C 148 -19.51 -0.58 -1.97
C TRP C 148 -19.75 0.90 -1.67
N ILE C 149 -20.84 1.20 -0.97
CA ILE C 149 -21.18 2.57 -0.61
C ILE C 149 -20.09 3.14 0.29
N VAL C 150 -19.73 2.43 1.36
CA VAL C 150 -18.74 2.93 2.30
C VAL C 150 -17.40 3.15 1.62
N ARG C 151 -16.97 2.23 0.76
CA ARG C 151 -15.71 2.43 0.09
C ARG C 151 -15.75 3.63 -0.85
N MET C 152 -16.94 3.97 -1.33
CA MET C 152 -17.08 5.09 -2.26
C MET C 152 -17.16 6.43 -1.52
N MET C 153 -17.85 6.45 -0.38
CA MET C 153 -18.25 7.69 0.28
C MET C 153 -17.65 7.89 1.65
N GLY C 154 -17.18 6.83 2.31
CA GLY C 154 -16.83 6.90 3.71
C GLY C 154 -18.08 6.88 4.59
N THR C 155 -17.85 6.70 5.89
CA THR C 155 -18.96 6.49 6.82
C THR C 155 -19.94 7.67 6.83
N GLY C 156 -19.45 8.88 7.05
CA GLY C 156 -20.33 10.02 7.16
C GLY C 156 -21.29 10.24 6.00
N ILE C 157 -20.74 10.34 4.80
CA ILE C 157 -21.57 10.58 3.62
C ILE C 157 -22.46 9.38 3.32
N ALA C 158 -22.01 8.18 3.67
CA ALA C 158 -22.87 7.00 3.50
C ALA C 158 -24.09 7.09 4.42
N ASP C 159 -23.89 7.55 5.66
CA ASP C 159 -24.98 7.58 6.62
C ASP C 159 -25.97 8.69 6.31
N LEU C 160 -25.52 9.78 5.71
CA LEU C 160 -26.43 10.88 5.41
C LEU C 160 -27.36 10.55 4.25
N PHE C 161 -26.87 9.84 3.23
CA PHE C 161 -27.70 9.66 2.04
C PHE C 161 -27.84 8.20 1.60
N MET C 162 -26.80 7.59 0.99
CA MET C 162 -26.98 6.33 0.26
C MET C 162 -27.48 5.19 1.15
N ARG C 163 -26.99 5.10 2.39
CA ARG C 163 -27.46 4.03 3.27
C ARG C 163 -28.94 4.18 3.63
N PRO C 164 -29.37 5.24 4.33
CA PRO C 164 -30.79 5.33 4.69
C PRO C 164 -31.71 5.37 3.49
N TYR C 165 -31.26 6.00 2.39
CA TYR C 165 -32.09 6.11 1.21
C TYR C 165 -32.34 4.76 0.56
N ASN C 166 -31.29 3.96 0.38
CA ASN C 166 -31.49 2.70 -0.33
C ASN C 166 -32.38 1.74 0.47
N PHE C 167 -32.36 1.83 1.81
CA PHE C 167 -33.32 1.07 2.60
C PHE C 167 -34.75 1.47 2.27
N LYS C 168 -35.03 2.77 2.13
CA LYS C 168 -36.39 3.16 1.79
C LYS C 168 -36.74 2.70 0.39
N VAL C 169 -35.74 2.57 -0.49
CA VAL C 169 -35.97 2.16 -1.87
C VAL C 169 -36.22 0.67 -1.96
N TRP C 170 -35.30 -0.12 -1.44
CA TRP C 170 -35.32 -1.55 -1.64
C TRP C 170 -36.04 -2.30 -0.54
N ALA C 171 -36.31 -1.63 0.58
CA ALA C 171 -36.95 -2.23 1.75
C ALA C 171 -36.19 -3.45 2.27
N VAL C 172 -34.88 -3.49 2.03
CA VAL C 172 -33.94 -4.36 2.71
C VAL C 172 -32.65 -3.59 2.98
N PRO C 173 -31.87 -4.01 3.98
CA PRO C 173 -30.65 -3.27 4.32
C PRO C 173 -29.60 -3.35 3.22
N THR C 174 -28.76 -2.32 3.14
CA THR C 174 -27.68 -2.36 2.16
C THR C 174 -26.75 -3.53 2.40
N THR C 175 -26.68 -4.08 3.61
CA THR C 175 -25.80 -5.21 3.88
C THR C 175 -26.32 -6.53 3.32
N LYS C 176 -27.58 -6.58 2.91
CA LYS C 176 -28.18 -7.80 2.42
C LYS C 176 -28.25 -7.84 0.91
N MET C 177 -27.64 -6.87 0.23
CA MET C 177 -27.68 -6.75 -1.23
C MET C 177 -26.31 -6.92 -1.86
N GLN C 178 -26.31 -7.49 -3.06
CA GLN C 178 -25.06 -7.56 -3.80
C GLN C 178 -24.77 -6.19 -4.40
N CYS C 179 -23.58 -6.06 -5.03
CA CYS C 179 -23.19 -4.79 -5.62
C CYS C 179 -22.62 -4.92 -7.03
N ALA C 180 -22.49 -6.13 -7.56
CA ALA C 180 -22.02 -6.26 -8.94
C ALA C 180 -22.92 -5.53 -9.94
N TRP C 181 -24.20 -5.36 -9.61
CA TRP C 181 -25.16 -4.72 -10.51
C TRP C 181 -24.91 -3.23 -10.72
N LEU C 182 -24.12 -2.60 -9.84
CA LEU C 182 -23.82 -1.18 -9.96
C LEU C 182 -22.76 -0.87 -10.99
N GLY C 183 -22.01 -1.87 -11.42
CA GLY C 183 -20.95 -1.68 -12.37
C GLY C 183 -19.60 -2.18 -11.84
N GLU C 184 -18.61 -2.08 -12.72
CA GLU C 184 -17.23 -2.49 -12.45
C GLU C 184 -16.34 -1.31 -12.09
N ARG C 185 -16.89 -0.08 -12.09
CA ARG C 185 -16.16 1.07 -11.54
C ARG C 185 -15.69 0.76 -10.12
N VAL C 186 -14.38 0.90 -9.90
CA VAL C 186 -13.78 0.63 -8.61
C VAL C 186 -14.43 1.52 -7.55
N ALA C 187 -14.69 0.93 -6.36
CA ALA C 187 -15.35 1.65 -5.27
C ALA C 187 -14.30 2.42 -4.47
N ALA C 188 -14.09 3.66 -4.88
CA ALA C 188 -13.11 4.55 -4.25
C ALA C 188 -13.63 5.96 -4.38
N PRO C 189 -13.25 6.86 -3.45
CA PRO C 189 -13.78 8.22 -3.48
C PRO C 189 -12.95 9.16 -4.34
N ASN C 190 -13.61 10.21 -4.84
CA ASN C 190 -12.90 11.34 -5.43
C ASN C 190 -12.73 12.41 -4.35
N LEU C 191 -11.73 12.18 -3.51
CA LEU C 191 -11.50 13.06 -2.35
C LEU C 191 -11.24 14.50 -2.79
N LYS C 192 -10.49 14.71 -3.90
CA LYS C 192 -10.19 16.09 -4.33
C LYS C 192 -11.46 16.81 -4.78
N ALA C 193 -12.32 16.14 -5.54
CA ALA C 193 -13.57 16.75 -5.97
C ALA C 193 -14.42 17.15 -4.76
N VAL C 194 -14.54 16.24 -3.80
CA VAL C 194 -15.38 16.51 -2.65
C VAL C 194 -14.80 17.64 -1.80
N THR C 195 -13.49 17.61 -1.53
CA THR C 195 -12.92 18.67 -0.70
C THR C 195 -12.83 19.99 -1.46
N THR C 196 -12.63 19.96 -2.78
CA THR C 196 -12.56 21.21 -3.52
C THR C 196 -13.86 21.99 -3.40
N ASN C 197 -14.99 21.30 -3.53
CA ASN C 197 -16.28 21.97 -3.43
C ASN C 197 -16.54 22.48 -2.03
N VAL C 198 -16.13 21.72 -1.00
CA VAL C 198 -16.27 22.19 0.38
C VAL C 198 -15.47 23.49 0.60
N ILE C 199 -14.22 23.53 0.12
CA ILE C 199 -13.38 24.69 0.31
C ILE C 199 -13.95 25.89 -0.43
N LEU C 200 -14.34 25.69 -1.69
CA LEU C 200 -14.85 26.78 -2.50
C LEU C 200 -16.22 27.25 -2.07
N GLY C 201 -16.92 26.48 -1.22
CA GLY C 201 -18.29 26.83 -0.91
C GLY C 201 -19.17 26.69 -2.12
N LYS C 202 -18.84 25.75 -3.01
CA LYS C 202 -19.48 25.60 -4.29
C LYS C 202 -20.63 24.58 -4.22
N THR C 203 -21.65 24.84 -5.04
CA THR C 203 -22.65 23.84 -5.40
C THR C 203 -22.56 23.59 -6.89
N ALA C 204 -22.82 22.35 -7.29
CA ALA C 204 -22.65 21.91 -8.67
C ALA C 204 -23.43 20.62 -8.87
N GLY C 205 -24.48 20.67 -9.73
CA GLY C 205 -25.20 19.49 -10.09
C GLY C 205 -24.67 18.81 -11.35
N ASN C 206 -24.97 17.51 -11.49
CA ASN C 206 -24.51 16.74 -12.64
C ASN C 206 -25.42 16.89 -13.86
N TRP C 207 -25.83 18.11 -14.16
CA TRP C 207 -26.61 18.42 -15.35
C TRP C 207 -26.05 19.68 -16.01
N GLY C 208 -26.50 19.89 -17.23
CA GLY C 208 -26.07 21.00 -18.03
C GLY C 208 -26.82 20.94 -19.34
N PRO C 209 -26.39 21.75 -20.31
CA PRO C 209 -27.09 21.77 -21.61
C PRO C 209 -27.13 20.42 -22.31
N ASN C 210 -26.12 19.57 -22.13
CA ASN C 210 -26.04 18.29 -22.84
C ASN C 210 -26.29 17.09 -21.94
N ALA C 211 -26.64 17.32 -20.68
CA ALA C 211 -27.15 16.28 -19.80
C ALA C 211 -28.66 16.38 -19.82
N THR C 212 -29.28 15.71 -20.79
CA THR C 212 -30.71 15.85 -20.97
C THR C 212 -31.39 14.49 -21.03
N PHE C 213 -32.71 14.58 -21.06
CA PHE C 213 -33.60 13.46 -21.36
C PHE C 213 -34.78 14.04 -22.11
N ARG C 214 -35.45 13.19 -22.88
CA ARG C 214 -36.64 13.63 -23.57
C ARG C 214 -37.84 12.89 -23.00
N PHE C 215 -38.98 13.58 -22.95
CA PHE C 215 -40.19 13.02 -22.35
C PHE C 215 -41.37 13.26 -23.27
N PRO C 216 -42.27 12.29 -23.38
CA PRO C 216 -43.39 12.42 -24.33
C PRO C 216 -44.31 13.59 -23.98
N ALA C 217 -44.67 14.36 -25.01
CA ALA C 217 -45.57 15.49 -24.81
C ALA C 217 -46.95 15.04 -24.35
N ARG C 218 -47.42 13.91 -24.86
CA ARG C 218 -48.77 13.45 -24.59
C ARG C 218 -48.76 11.98 -24.20
N GLY C 219 -49.70 11.63 -23.32
CA GLY C 219 -49.90 10.27 -22.91
C GLY C 219 -48.96 9.80 -21.84
N GLY C 220 -48.05 10.67 -21.37
CA GLY C 220 -47.04 10.20 -20.48
C GLY C 220 -46.17 9.14 -21.15
N THR C 221 -45.43 8.42 -20.28
CA THR C 221 -44.53 7.40 -20.79
C THR C 221 -45.29 6.36 -21.60
N GLY C 222 -46.44 5.91 -21.10
CA GLY C 222 -47.24 4.91 -21.78
C GLY C 222 -47.68 5.30 -23.16
N GLY C 223 -47.52 6.59 -23.52
CA GLY C 223 -47.81 7.03 -24.87
C GLY C 223 -46.77 6.58 -25.87
N ILE C 224 -45.50 6.52 -25.44
CA ILE C 224 -44.44 5.92 -26.26
C ILE C 224 -44.83 4.52 -26.71
N TRP C 225 -45.23 3.69 -25.76
CA TRP C 225 -45.44 2.27 -26.06
C TRP C 225 -46.72 2.03 -26.84
N ILE C 226 -47.76 2.85 -26.63
CA ILE C 226 -48.91 2.84 -27.53
C ILE C 226 -48.44 3.14 -28.95
N ALA C 227 -47.61 4.17 -29.11
CA ALA C 227 -47.13 4.55 -30.42
C ALA C 227 -46.26 3.47 -31.03
N VAL C 228 -45.33 2.91 -30.24
CA VAL C 228 -44.49 1.81 -30.70
C VAL C 228 -45.36 0.63 -31.13
N ALA C 229 -46.34 0.25 -30.29
CA ALA C 229 -47.15 -0.92 -30.64
C ALA C 229 -47.93 -0.71 -31.93
N ASN C 230 -48.38 0.53 -32.17
CA ASN C 230 -49.16 0.81 -33.38
C ASN C 230 -48.44 0.43 -34.66
N THR C 231 -47.10 0.45 -34.66
CA THR C 231 -46.35 0.17 -35.88
C THR C 231 -46.38 -1.29 -36.29
N LEU C 232 -46.75 -2.20 -35.36
CA LEU C 232 -46.83 -3.64 -35.60
C LEU C 232 -48.07 -4.00 -36.42
N PRO C 233 -48.02 -5.11 -37.18
CA PRO C 233 -49.24 -5.61 -37.83
C PRO C 233 -50.28 -6.04 -36.81
N LYS C 234 -51.45 -5.36 -36.85
CA LYS C 234 -52.49 -5.58 -35.84
C LYS C 234 -52.89 -7.05 -35.75
N GLU C 235 -52.94 -7.74 -36.89
CA GLU C 235 -53.39 -9.13 -36.91
C GLU C 235 -52.44 -10.06 -36.17
N LYS C 236 -51.19 -9.63 -35.94
CA LYS C 236 -50.20 -10.42 -35.22
C LYS C 236 -50.19 -10.10 -33.72
N THR C 237 -51.15 -9.32 -33.25
CA THR C 237 -51.28 -9.03 -31.83
C THR C 237 -52.62 -9.57 -31.33
N ARG C 238 -52.70 -9.80 -30.02
CA ARG C 238 -53.93 -10.30 -29.41
C ARG C 238 -53.92 -9.81 -27.96
N PHE C 239 -54.47 -8.61 -27.75
CA PHE C 239 -54.45 -7.92 -26.47
C PHE C 239 -55.84 -7.91 -25.86
N GLY C 240 -55.89 -7.92 -24.53
CA GLY C 240 -57.13 -7.89 -23.78
C GLY C 240 -57.42 -9.23 -23.12
N GLU C 241 -58.68 -9.40 -22.71
CA GLU C 241 -59.06 -10.68 -22.10
C GLU C 241 -58.77 -11.84 -23.05
N LYS C 242 -58.82 -11.59 -24.37
CA LYS C 242 -58.53 -12.64 -25.35
C LYS C 242 -57.07 -13.09 -25.34
N GLY C 243 -56.17 -12.31 -24.75
CA GLY C 243 -54.76 -12.65 -24.74
C GLY C 243 -54.16 -12.97 -23.38
N LYS C 244 -54.98 -13.28 -22.37
CA LYS C 244 -54.48 -13.71 -21.07
C LYS C 244 -54.02 -15.16 -21.16
N VAL C 245 -52.77 -15.42 -20.78
CA VAL C 245 -52.22 -16.79 -20.79
C VAL C 245 -52.47 -17.43 -19.43
N THR C 246 -53.03 -18.63 -19.43
CA THR C 246 -53.31 -19.33 -18.18
C THR C 246 -52.53 -20.62 -18.00
N LYS C 247 -52.27 -21.37 -19.07
CA LYS C 247 -51.44 -22.57 -19.00
C LYS C 247 -50.26 -22.45 -19.96
N VAL C 248 -49.13 -23.04 -19.57
CA VAL C 248 -47.97 -23.14 -20.44
C VAL C 248 -47.44 -24.56 -20.32
N ASN C 249 -47.57 -25.34 -21.38
CA ASN C 249 -47.10 -26.72 -21.40
C ASN C 249 -45.72 -26.69 -22.07
N ALA C 250 -44.67 -26.55 -21.26
CA ALA C 250 -43.33 -26.42 -21.81
C ALA C 250 -42.93 -27.61 -22.67
N ASN C 251 -43.43 -28.81 -22.34
CA ASN C 251 -42.99 -30.04 -23.01
C ASN C 251 -43.70 -30.25 -24.34
N ASN C 252 -44.96 -29.82 -24.47
CA ASN C 252 -45.67 -29.86 -25.75
C ASN C 252 -45.56 -28.53 -26.50
N LYS C 253 -44.84 -27.56 -25.95
CA LYS C 253 -44.67 -26.22 -26.52
C LYS C 253 -46.02 -25.62 -26.93
N THR C 254 -46.91 -25.54 -25.94
CA THR C 254 -48.28 -25.07 -26.10
C THR C 254 -48.60 -24.13 -24.95
N VAL C 255 -49.14 -22.94 -25.27
CA VAL C 255 -49.68 -22.03 -24.27
C VAL C 255 -51.20 -21.98 -24.47
N THR C 256 -51.93 -21.96 -23.37
CA THR C 256 -53.40 -21.87 -23.39
C THR C 256 -53.87 -20.54 -22.81
N LEU C 257 -54.83 -19.92 -23.49
CA LEU C 257 -55.37 -18.62 -23.12
C LEU C 257 -56.63 -18.75 -22.28
N GLN C 258 -57.12 -17.60 -21.78
CA GLN C 258 -58.33 -17.60 -20.97
C GLN C 258 -59.54 -18.09 -21.76
N ASP C 259 -59.72 -17.56 -22.97
CA ASP C 259 -60.84 -17.96 -23.83
C ASP C 259 -60.68 -19.34 -24.41
N GLY C 260 -59.65 -20.09 -24.02
CA GLY C 260 -59.48 -21.45 -24.47
C GLY C 260 -58.66 -21.65 -25.73
N THR C 261 -58.24 -20.56 -26.39
CA THR C 261 -57.39 -20.70 -27.57
C THR C 261 -56.06 -21.34 -27.21
N THR C 262 -55.61 -22.31 -28.01
CA THR C 262 -54.35 -22.99 -27.80
C THR C 262 -53.33 -22.46 -28.81
N ILE C 263 -52.20 -21.94 -28.32
CA ILE C 263 -51.13 -21.40 -29.17
C ILE C 263 -49.92 -22.33 -29.09
N GLY C 264 -49.47 -22.81 -30.24
CA GLY C 264 -48.27 -23.63 -30.34
C GLY C 264 -47.08 -22.83 -30.86
N TYR C 265 -45.93 -23.03 -30.24
CA TYR C 265 -44.73 -22.26 -30.55
C TYR C 265 -43.55 -23.19 -30.78
N LYS C 266 -42.58 -22.72 -31.57
CA LYS C 266 -41.29 -23.39 -31.66
C LYS C 266 -40.26 -22.82 -30.67
N LYS C 267 -40.30 -21.50 -30.41
CA LYS C 267 -39.52 -20.84 -29.37
C LYS C 267 -40.41 -19.82 -28.65
N LEU C 268 -40.19 -19.64 -27.34
CA LEU C 268 -41.03 -18.79 -26.50
C LEU C 268 -40.22 -17.69 -25.81
N VAL C 269 -40.67 -16.45 -25.97
CA VAL C 269 -40.10 -15.29 -25.29
C VAL C 269 -41.12 -14.84 -24.24
N SER C 270 -40.87 -15.17 -22.98
CA SER C 270 -41.82 -14.88 -21.90
C SER C 270 -41.36 -13.66 -21.10
N THR C 271 -42.18 -12.61 -21.11
CA THR C 271 -41.87 -11.44 -20.32
C THR C 271 -42.78 -11.30 -19.10
N MET C 272 -43.58 -12.32 -18.77
CA MET C 272 -44.29 -12.27 -17.49
C MET C 272 -43.31 -12.54 -16.36
N ALA C 273 -43.71 -12.18 -15.14
CA ALA C 273 -42.85 -12.41 -13.98
C ALA C 273 -42.53 -13.90 -13.86
N VAL C 274 -41.24 -14.22 -13.66
CA VAL C 274 -40.82 -15.63 -13.74
C VAL C 274 -41.50 -16.47 -12.67
N ASP C 275 -41.86 -15.88 -11.54
CA ASP C 275 -42.62 -16.66 -10.56
C ASP C 275 -44.03 -16.97 -11.08
N PHE C 276 -44.64 -16.05 -11.83
CA PHE C 276 -45.92 -16.35 -12.47
C PHE C 276 -45.77 -17.37 -13.60
N LEU C 277 -44.68 -17.29 -14.37
CA LEU C 277 -44.45 -18.30 -15.39
C LEU C 277 -44.33 -19.69 -14.78
N ALA C 278 -43.60 -19.81 -13.67
CA ALA C 278 -43.40 -21.11 -13.04
C ALA C 278 -44.72 -21.69 -12.55
N GLU C 279 -45.58 -20.86 -11.96
CA GLU C 279 -46.91 -21.31 -11.58
C GLU C 279 -47.70 -21.78 -12.79
N ALA C 280 -47.60 -21.03 -13.90
CA ALA C 280 -48.36 -21.34 -15.10
C ALA C 280 -47.81 -22.55 -15.85
N MET C 281 -46.62 -23.03 -15.51
CA MET C 281 -46.08 -24.26 -16.08
C MET C 281 -46.40 -25.49 -15.24
N ASN C 282 -47.08 -25.31 -14.10
CA ASN C 282 -47.31 -26.37 -13.11
C ASN C 282 -46.04 -27.17 -12.90
N ASP C 283 -44.96 -26.43 -12.64
CA ASP C 283 -43.61 -26.98 -12.51
C ASP C 283 -43.19 -26.68 -11.08
N GLN C 284 -43.43 -27.63 -10.17
CA GLN C 284 -43.21 -27.36 -8.75
C GLN C 284 -41.72 -27.16 -8.42
N GLU C 285 -40.82 -27.66 -9.27
CA GLU C 285 -39.40 -27.39 -9.07
C GLU C 285 -39.10 -25.91 -9.30
N LEU C 286 -39.62 -25.36 -10.40
CA LEU C 286 -39.38 -23.96 -10.70
C LEU C 286 -40.06 -23.05 -9.70
N VAL C 287 -41.27 -23.40 -9.29
CA VAL C 287 -42.00 -22.62 -8.30
C VAL C 287 -41.21 -22.53 -7.00
N GLY C 288 -40.65 -23.66 -6.56
CA GLY C 288 -39.83 -23.63 -5.36
C GLY C 288 -38.66 -22.68 -5.49
N LEU C 289 -37.97 -22.72 -6.64
CA LEU C 289 -36.84 -21.82 -6.87
C LEU C 289 -37.28 -20.36 -6.98
N THR C 290 -38.31 -20.09 -7.79
CA THR C 290 -38.76 -18.71 -7.97
C THR C 290 -39.19 -18.09 -6.64
N LYS C 291 -39.82 -18.87 -5.77
CA LYS C 291 -40.20 -18.36 -4.45
C LYS C 291 -38.99 -17.96 -3.61
N GLN C 292 -37.77 -18.39 -3.99
CA GLN C 292 -36.57 -17.94 -3.30
C GLN C 292 -36.19 -16.51 -3.68
N LEU C 293 -36.71 -15.98 -4.80
CA LEU C 293 -36.39 -14.62 -5.24
C LEU C 293 -37.13 -13.59 -4.38
N PHE C 294 -36.43 -12.52 -4.02
CA PHE C 294 -36.98 -11.45 -3.20
C PHE C 294 -37.41 -10.28 -4.07
N TYR C 295 -38.53 -9.66 -3.72
CA TYR C 295 -38.99 -8.46 -4.41
C TYR C 295 -39.78 -7.60 -3.45
N SER C 296 -39.80 -6.31 -3.71
CA SER C 296 -40.57 -5.33 -2.94
C SER C 296 -41.75 -4.86 -3.78
N SER C 297 -42.82 -4.45 -3.10
CA SER C 297 -43.98 -3.90 -3.79
C SER C 297 -43.89 -2.38 -3.72
N THR C 298 -44.42 -1.72 -4.75
CA THR C 298 -44.25 -0.28 -4.90
C THR C 298 -45.59 0.43 -4.96
N HIS C 299 -45.75 1.42 -4.07
CA HIS C 299 -46.89 2.32 -4.06
C HIS C 299 -46.55 3.60 -4.79
N VAL C 300 -47.35 3.96 -5.78
CA VAL C 300 -47.24 5.24 -6.44
C VAL C 300 -48.35 6.16 -5.93
N ILE C 301 -47.98 7.34 -5.44
CA ILE C 301 -48.96 8.34 -5.04
C ILE C 301 -48.80 9.57 -5.92
N GLY C 302 -49.90 10.07 -6.47
CA GLY C 302 -49.92 11.30 -7.24
C GLY C 302 -50.76 12.34 -6.53
N VAL C 303 -50.27 13.59 -6.53
CA VAL C 303 -50.96 14.73 -5.92
C VAL C 303 -51.03 15.85 -6.93
N GLY C 304 -52.24 16.32 -7.23
CA GLY C 304 -52.44 17.45 -8.11
C GLY C 304 -52.70 18.69 -7.27
N VAL C 305 -51.98 19.77 -7.58
CA VAL C 305 -51.99 20.97 -6.76
C VAL C 305 -52.44 22.18 -7.57
N ARG C 306 -53.22 23.06 -6.94
CA ARG C 306 -53.64 24.29 -7.58
C ARG C 306 -52.58 25.36 -7.38
N GLY C 307 -52.42 26.20 -8.39
CA GLY C 307 -51.46 27.29 -8.35
C GLY C 307 -50.44 27.19 -9.47
N SER C 308 -49.69 28.27 -9.61
CA SER C 308 -48.57 28.26 -10.52
C SER C 308 -47.40 27.59 -9.84
N ARG C 309 -46.44 27.12 -10.64
CA ARG C 309 -45.38 26.32 -10.07
C ARG C 309 -44.63 27.15 -9.03
N PRO C 310 -44.46 26.64 -7.81
CA PRO C 310 -43.79 27.43 -6.77
C PRO C 310 -42.30 27.59 -7.03
N GLU C 311 -41.82 28.81 -6.76
CA GLU C 311 -40.43 29.17 -7.01
C GLU C 311 -39.49 28.20 -6.31
N ARG C 312 -39.89 27.69 -5.15
CA ARG C 312 -39.07 26.73 -4.42
C ARG C 312 -38.95 25.41 -5.17
N ILE C 313 -39.96 25.03 -5.95
CA ILE C 313 -39.90 23.81 -6.73
C ILE C 313 -39.06 24.03 -7.99
N GLY C 314 -39.37 25.07 -8.75
CA GLY C 314 -38.53 25.44 -9.87
C GLY C 314 -38.45 24.37 -10.94
N ASP C 315 -37.26 24.23 -11.53
CA ASP C 315 -37.06 23.32 -12.65
C ASP C 315 -36.71 21.91 -12.18
N LYS C 316 -37.08 21.57 -10.95
CA LYS C 316 -36.64 20.31 -10.40
C LYS C 316 -37.36 19.17 -11.10
N CYS C 317 -36.74 17.98 -11.10
CA CYS C 317 -37.32 16.88 -11.85
C CYS C 317 -37.54 15.72 -10.89
N TRP C 318 -36.51 14.98 -10.51
CA TRP C 318 -36.66 14.03 -9.42
C TRP C 318 -35.90 14.46 -8.18
N LEU C 319 -36.44 14.07 -7.04
CA LEU C 319 -35.91 14.39 -5.73
C LEU C 319 -35.79 13.13 -4.90
N TYR C 320 -34.68 13.01 -4.16
CA TYR C 320 -34.38 11.85 -3.33
C TYR C 320 -34.56 12.21 -1.86
N PHE C 321 -35.10 11.28 -1.07
CA PHE C 321 -35.50 11.54 0.31
C PHE C 321 -34.95 10.47 1.24
N PRO C 322 -33.70 10.63 1.72
CA PRO C 322 -33.15 9.67 2.71
C PRO C 322 -33.74 9.77 4.12
N GLU C 323 -34.25 10.92 4.53
CA GLU C 323 -34.68 11.12 5.90
C GLU C 323 -36.04 10.47 6.17
N ASP C 324 -36.36 10.27 7.45
CA ASP C 324 -37.54 9.51 7.80
C ASP C 324 -38.71 10.40 8.22
N ASN C 325 -38.80 11.61 7.66
CA ASN C 325 -39.95 12.47 7.88
C ASN C 325 -40.94 12.39 6.72
N CYS C 326 -40.76 11.41 5.83
CA CYS C 326 -41.69 11.15 4.74
C CYS C 326 -41.56 9.68 4.37
N PRO C 327 -42.67 9.03 4.01
CA PRO C 327 -42.60 7.60 3.68
C PRO C 327 -42.02 7.32 2.29
N PHE C 328 -42.00 8.30 1.40
CA PHE C 328 -41.55 8.06 0.04
C PHE C 328 -40.03 8.17 -0.07
N TYR C 329 -39.46 7.45 -1.02
CA TYR C 329 -38.03 7.60 -1.29
C TYR C 329 -37.76 8.58 -2.43
N ARG C 330 -38.67 8.74 -3.38
CA ARG C 330 -38.42 9.64 -4.49
C ARG C 330 -39.68 10.43 -4.80
N ALA C 331 -39.49 11.64 -5.33
CA ALA C 331 -40.58 12.51 -5.73
C ALA C 331 -40.25 13.10 -7.08
N THR C 332 -41.28 13.38 -7.86
CA THR C 332 -41.11 13.91 -9.21
C THR C 332 -42.05 15.08 -9.40
N ILE C 333 -41.55 16.15 -10.01
CA ILE C 333 -42.41 17.28 -10.37
C ILE C 333 -42.96 16.94 -11.75
N PHE C 334 -43.89 16.01 -11.78
CA PHE C 334 -44.34 15.44 -13.07
C PHE C 334 -44.88 16.52 -13.99
N SER C 335 -45.40 17.63 -13.41
CA SER C 335 -45.92 18.75 -14.19
C SER C 335 -44.83 19.52 -14.92
N ASN C 336 -43.56 19.41 -14.51
CA ASN C 336 -42.49 20.02 -15.28
C ASN C 336 -42.12 19.23 -16.52
N TYR C 337 -42.43 17.92 -16.56
CA TYR C 337 -42.01 17.10 -17.68
C TYR C 337 -42.80 17.44 -18.94
N SER C 338 -44.08 17.74 -18.80
CA SER C 338 -44.88 18.08 -19.98
C SER C 338 -46.09 18.86 -19.52
N PRO C 339 -46.47 19.93 -20.21
CA PRO C 339 -47.68 20.67 -19.81
C PRO C 339 -48.97 19.89 -20.01
N TYR C 340 -48.96 18.81 -20.80
CA TYR C 340 -50.13 17.99 -20.98
C TYR C 340 -50.23 16.86 -19.97
N ASN C 341 -49.43 16.88 -18.91
CA ASN C 341 -49.52 15.88 -17.86
C ASN C 341 -50.57 16.23 -16.80
N GLN C 342 -51.28 17.36 -16.96
CA GLN C 342 -52.25 17.89 -16.01
C GLN C 342 -53.14 18.91 -16.74
N PRO C 343 -54.32 19.25 -16.18
CA PRO C 343 -55.27 20.08 -16.94
C PRO C 343 -54.75 21.49 -17.20
N GLU C 344 -55.30 22.10 -18.24
CA GLU C 344 -54.96 23.47 -18.59
C GLU C 344 -55.51 24.45 -17.56
N ALA C 345 -54.99 25.67 -17.61
CA ALA C 345 -55.33 26.64 -16.56
C ALA C 345 -56.82 26.94 -16.53
N SER C 346 -57.51 26.92 -17.68
CA SER C 346 -58.93 27.25 -17.65
C SER C 346 -59.79 26.12 -17.08
N ALA C 347 -59.25 24.93 -16.88
CA ALA C 347 -60.04 23.83 -16.33
C ALA C 347 -60.36 24.10 -14.87
N ALA C 348 -61.62 23.90 -14.49
CA ALA C 348 -62.09 24.17 -13.14
C ALA C 348 -62.19 22.88 -12.36
N LEU C 349 -61.63 22.87 -11.16
CA LEU C 349 -61.66 21.71 -10.29
C LEU C 349 -61.90 22.21 -8.88
N PRO C 350 -62.72 21.52 -8.10
CA PRO C 350 -62.86 21.86 -6.69
C PRO C 350 -61.63 21.40 -5.91
N THR C 351 -61.32 22.14 -4.85
CA THR C 351 -60.29 21.73 -3.90
C THR C 351 -60.82 20.59 -3.03
N MET C 352 -60.07 19.50 -2.96
CA MET C 352 -60.45 18.31 -2.19
C MET C 352 -60.03 18.43 -0.73
N GLN C 353 -58.82 18.91 -0.50
CA GLN C 353 -58.29 19.08 0.85
C GLN C 353 -57.16 20.11 0.76
N LEU C 354 -56.77 20.62 1.92
CA LEU C 354 -55.52 21.37 2.00
C LEU C 354 -54.39 20.39 2.36
N ALA C 355 -53.16 20.84 2.14
CA ALA C 355 -52.05 19.93 2.39
C ALA C 355 -51.98 19.54 3.86
N ASP C 356 -52.45 20.40 4.76
CA ASP C 356 -52.46 20.08 6.18
C ASP C 356 -53.62 19.18 6.59
N GLY C 357 -54.46 18.75 5.63
CA GLY C 357 -55.56 17.86 5.90
C GLY C 357 -56.90 18.54 6.06
N SER C 358 -56.92 19.86 6.20
CA SER C 358 -58.16 20.55 6.52
C SER C 358 -59.01 20.74 5.27
N ARG C 359 -60.30 21.00 5.51
CA ARG C 359 -61.26 21.23 4.44
C ARG C 359 -61.03 22.59 3.79
N PRO C 360 -61.33 22.73 2.50
CA PRO C 360 -61.20 24.04 1.86
C PRO C 360 -62.31 24.95 2.32
N GLN C 361 -62.07 26.26 2.21
CA GLN C 361 -63.12 27.21 2.51
C GLN C 361 -64.32 27.01 1.58
N SER C 362 -64.06 26.92 0.29
CA SER C 362 -65.10 26.80 -0.73
C SER C 362 -65.06 25.43 -1.38
N THR C 363 -66.24 24.86 -1.57
CA THR C 363 -66.39 23.64 -2.34
C THR C 363 -66.50 23.91 -3.84
N GLU C 364 -66.47 25.18 -4.25
CA GLU C 364 -66.68 25.59 -5.63
C GLU C 364 -65.46 25.21 -6.48
N ALA C 365 -65.72 24.96 -7.76
CA ALA C 365 -64.65 24.70 -8.73
C ALA C 365 -64.07 26.02 -9.20
N LYS C 366 -62.77 26.19 -8.97
CA LYS C 366 -62.00 27.33 -9.43
C LYS C 366 -61.03 26.89 -10.53
N GLU C 367 -60.49 27.88 -11.24
CA GLU C 367 -59.50 27.60 -12.27
C GLU C 367 -58.14 27.30 -11.63
N GLY C 368 -57.21 26.86 -12.48
CA GLY C 368 -55.84 26.65 -12.12
C GLY C 368 -55.03 27.93 -12.25
N PRO C 369 -53.79 27.84 -12.75
CA PRO C 369 -53.06 26.67 -13.24
C PRO C 369 -52.78 25.61 -12.19
N TYR C 370 -52.21 24.48 -12.62
CA TYR C 370 -52.00 23.32 -11.75
C TYR C 370 -50.57 22.84 -11.88
N TRP C 371 -50.10 22.17 -10.84
CA TRP C 371 -48.87 21.40 -10.91
C TRP C 371 -49.13 20.07 -10.23
N SER C 372 -48.15 19.18 -10.31
CA SER C 372 -48.39 17.77 -10.05
C SER C 372 -47.13 17.16 -9.48
N ILE C 373 -47.28 16.40 -8.40
CA ILE C 373 -46.19 15.67 -7.77
C ILE C 373 -46.52 14.19 -7.83
N MET C 374 -45.50 13.37 -8.09
CA MET C 374 -45.62 11.92 -8.01
C MET C 374 -44.62 11.40 -6.97
N LEU C 375 -45.10 10.52 -6.10
CA LEU C 375 -44.29 9.93 -5.05
C LEU C 375 -44.16 8.42 -5.26
N GLU C 376 -43.07 7.86 -4.75
CA GLU C 376 -42.86 6.42 -4.76
C GLU C 376 -42.52 5.93 -3.36
N VAL C 377 -43.26 4.93 -2.90
CA VAL C 377 -43.05 4.30 -1.60
C VAL C 377 -42.95 2.80 -1.82
N SER C 378 -41.97 2.17 -1.18
CA SER C 378 -41.81 0.73 -1.35
C SER C 378 -42.21 -0.02 -0.08
N GLU C 379 -42.68 -1.26 -0.29
CA GLU C 379 -43.19 -2.15 0.75
C GLU C 379 -42.54 -3.52 0.60
N SER C 380 -42.21 -4.15 1.73
CA SER C 380 -41.72 -5.52 1.76
C SER C 380 -41.99 -6.12 3.12
N SER C 381 -41.72 -7.42 3.24
CA SER C 381 -41.94 -8.11 4.52
C SER C 381 -41.11 -7.50 5.66
N MET C 382 -39.99 -6.85 5.36
CA MET C 382 -39.13 -6.19 6.35
C MET C 382 -39.45 -4.71 6.53
N LYS C 383 -40.47 -4.20 5.87
CA LYS C 383 -40.77 -2.77 5.88
C LYS C 383 -42.19 -2.63 5.39
N PRO C 384 -43.18 -2.86 6.25
CA PRO C 384 -44.58 -2.84 5.81
C PRO C 384 -45.08 -1.42 5.56
N VAL C 385 -46.25 -1.36 4.91
CA VAL C 385 -46.87 -0.12 4.49
C VAL C 385 -48.35 -0.22 4.78
N ASN C 386 -48.87 0.72 5.57
CA ASN C 386 -50.28 0.78 5.91
C ASN C 386 -51.04 1.33 4.70
N GLN C 387 -51.67 0.42 3.95
CA GLN C 387 -52.36 0.82 2.71
C GLN C 387 -53.42 1.88 2.98
N GLU C 388 -54.09 1.81 4.14
CA GLU C 388 -55.22 2.70 4.39
C GLU C 388 -54.79 4.14 4.68
N THR C 389 -53.56 4.35 5.14
CA THR C 389 -53.10 5.68 5.50
C THR C 389 -51.95 6.24 4.65
N ILE C 390 -51.36 5.46 3.73
CA ILE C 390 -50.13 5.92 3.07
C ILE C 390 -50.35 7.22 2.29
N LEU C 391 -51.52 7.38 1.64
CA LEU C 391 -51.81 8.62 0.94
C LEU C 391 -51.72 9.82 1.88
N ALA C 392 -52.37 9.75 3.04
CA ALA C 392 -52.29 10.86 3.98
C ALA C 392 -50.85 11.04 4.49
N ASP C 393 -50.19 9.95 4.85
CA ASP C 393 -48.80 10.05 5.29
C ASP C 393 -47.91 10.65 4.22
N CYS C 394 -48.16 10.34 2.94
CA CYS C 394 -47.39 10.98 1.89
C CYS C 394 -47.64 12.49 1.87
N ILE C 395 -48.91 12.90 1.87
CA ILE C 395 -49.24 14.32 1.89
C ILE C 395 -48.64 14.99 3.12
N GLN C 396 -48.63 14.33 4.27
CA GLN C 396 -47.95 14.91 5.41
C GLN C 396 -46.46 15.06 5.12
N GLY C 397 -45.87 14.05 4.47
CA GLY C 397 -44.47 14.12 4.10
C GLY C 397 -44.17 15.25 3.14
N LEU C 398 -45.13 15.61 2.28
CA LEU C 398 -44.94 16.78 1.42
C LEU C 398 -44.86 18.06 2.25
N VAL C 399 -45.61 18.15 3.34
CA VAL C 399 -45.49 19.34 4.17
C VAL C 399 -44.17 19.33 4.92
N ASN C 400 -43.77 18.16 5.42
CA ASN C 400 -42.56 18.09 6.21
C ASN C 400 -41.33 18.47 5.40
N THR C 401 -41.29 18.05 4.14
CA THR C 401 -40.15 18.30 3.27
C THR C 401 -40.22 19.66 2.59
N GLU C 402 -41.19 20.49 2.95
CA GLU C 402 -41.36 21.84 2.41
C GLU C 402 -41.59 21.84 0.90
N MET C 403 -42.15 20.75 0.37
CA MET C 403 -42.63 20.76 -1.00
C MET C 403 -44.00 21.42 -1.10
N LEU C 404 -44.85 21.22 -0.10
CA LEU C 404 -46.13 21.89 -0.03
C LEU C 404 -46.20 22.71 1.25
N LYS C 405 -46.73 23.93 1.13
CA LYS C 405 -47.16 24.70 2.29
C LYS C 405 -48.44 24.09 2.86
N PRO C 406 -48.65 24.20 4.17
CA PRO C 406 -49.91 23.69 4.73
C PRO C 406 -51.13 24.23 4.01
N THR C 407 -51.04 25.42 3.41
CA THR C 407 -52.18 26.03 2.76
C THR C 407 -52.38 25.62 1.31
N ASP C 408 -51.44 24.87 0.69
CA ASP C 408 -51.61 24.48 -0.71
C ASP C 408 -52.89 23.68 -0.91
N GLU C 409 -53.55 23.91 -2.05
CA GLU C 409 -54.84 23.31 -2.35
C GLU C 409 -54.67 22.09 -3.24
N ILE C 410 -55.06 20.92 -2.74
CA ILE C 410 -54.96 19.67 -3.47
C ILE C 410 -56.25 19.45 -4.24
N VAL C 411 -56.13 19.24 -5.56
CA VAL C 411 -57.31 19.07 -6.41
C VAL C 411 -57.45 17.68 -6.96
N SER C 412 -56.45 16.81 -6.78
CA SER C 412 -56.53 15.45 -7.28
C SER C 412 -55.54 14.57 -6.53
N THR C 413 -55.95 13.33 -6.26
CA THR C 413 -55.05 12.34 -5.69
C THR C 413 -55.10 11.05 -6.50
N TYR C 414 -53.99 10.31 -6.44
CA TYR C 414 -53.81 9.05 -7.13
C TYR C 414 -53.04 8.13 -6.21
N HIS C 415 -53.46 6.88 -6.14
CA HIS C 415 -52.72 5.86 -5.41
C HIS C 415 -52.97 4.50 -6.04
N ARG C 416 -51.91 3.91 -6.59
CA ARG C 416 -51.96 2.54 -7.08
C ARG C 416 -50.79 1.78 -6.49
N ARG C 417 -51.02 0.49 -6.20
CA ARG C 417 -49.99 -0.36 -5.61
C ARG C 417 -49.69 -1.52 -6.55
N PHE C 418 -48.44 -1.67 -6.94
CA PHE C 418 -47.99 -2.71 -7.85
C PHE C 418 -47.27 -3.78 -7.05
N ASP C 419 -47.84 -4.99 -7.04
CA ASP C 419 -47.28 -6.06 -6.21
C ASP C 419 -45.82 -6.33 -6.56
N HIS C 420 -45.53 -6.54 -7.84
CA HIS C 420 -44.13 -6.70 -8.26
C HIS C 420 -43.61 -5.32 -8.69
N GLY C 421 -42.91 -4.66 -7.77
CA GLY C 421 -42.35 -3.35 -8.04
C GLY C 421 -40.90 -3.40 -8.44
N TYR C 422 -40.01 -3.80 -7.52
CA TYR C 422 -38.58 -3.93 -7.81
C TYR C 422 -38.14 -5.38 -7.62
N PRO C 423 -37.45 -5.98 -8.60
CA PRO C 423 -36.72 -7.22 -8.32
C PRO C 423 -35.44 -6.87 -7.58
N THR C 424 -35.30 -7.36 -6.35
CA THR C 424 -34.28 -6.88 -5.42
C THR C 424 -32.90 -7.50 -5.71
N PRO C 425 -31.87 -6.72 -5.91
CA PRO C 425 -30.53 -7.31 -6.05
C PRO C 425 -29.98 -7.86 -4.74
N THR C 426 -30.60 -8.91 -4.21
CA THR C 426 -30.10 -9.54 -2.99
C THR C 426 -28.80 -10.29 -3.25
N LEU C 427 -28.09 -10.61 -2.17
CA LEU C 427 -26.93 -11.49 -2.27
C LEU C 427 -27.30 -12.84 -2.89
N GLU C 428 -28.51 -13.32 -2.62
CA GLU C 428 -28.92 -14.63 -3.08
C GLU C 428 -29.34 -14.67 -4.54
N ARG C 429 -29.58 -13.51 -5.17
CA ARG C 429 -30.30 -13.48 -6.44
C ARG C 429 -29.61 -14.31 -7.51
N GLU C 430 -28.31 -14.10 -7.73
CA GLU C 430 -27.64 -14.82 -8.81
C GLU C 430 -27.61 -16.31 -8.54
N GLY C 431 -27.37 -16.71 -7.30
CA GLY C 431 -27.41 -18.13 -6.96
C GLY C 431 -28.72 -18.76 -7.37
N THR C 432 -29.83 -18.08 -7.11
CA THR C 432 -31.11 -18.63 -7.51
C THR C 432 -31.33 -18.51 -9.03
N LEU C 433 -30.97 -17.37 -9.60
CA LEU C 433 -31.24 -17.12 -11.02
C LEU C 433 -30.42 -18.02 -11.93
N THR C 434 -29.20 -18.41 -11.54
CA THR C 434 -28.40 -19.29 -12.38
C THR C 434 -28.87 -20.74 -12.31
N GLN C 435 -29.86 -21.03 -11.48
CA GLN C 435 -30.60 -22.29 -11.49
C GLN C 435 -31.88 -22.21 -12.32
N ILE C 436 -32.50 -21.03 -12.42
CA ILE C 436 -33.79 -20.90 -13.08
C ILE C 436 -33.62 -20.74 -14.58
N LEU C 437 -32.80 -19.77 -14.98
CA LEU C 437 -32.69 -19.44 -16.40
C LEU C 437 -32.18 -20.59 -17.25
N PRO C 438 -31.18 -21.40 -16.82
CA PRO C 438 -30.80 -22.54 -17.68
C PRO C 438 -31.89 -23.59 -17.82
N LYS C 439 -32.66 -23.87 -16.76
CA LYS C 439 -33.78 -24.79 -16.87
C LYS C 439 -34.82 -24.30 -17.88
N LEU C 440 -35.17 -23.02 -17.83
CA LEU C 440 -36.11 -22.49 -18.81
C LEU C 440 -35.51 -22.46 -20.20
N GLN C 441 -34.20 -22.20 -20.29
CA GLN C 441 -33.52 -22.23 -21.58
C GLN C 441 -33.54 -23.62 -22.22
N ASP C 442 -33.44 -24.68 -21.40
CA ASP C 442 -33.42 -26.04 -21.93
C ASP C 442 -34.76 -26.46 -22.50
N LYS C 443 -35.87 -25.85 -22.07
CA LYS C 443 -37.19 -26.07 -22.64
C LYS C 443 -37.54 -25.05 -23.72
N ASP C 444 -36.53 -24.37 -24.28
CA ASP C 444 -36.69 -23.37 -25.36
C ASP C 444 -37.55 -22.19 -24.92
N ILE C 445 -37.32 -21.69 -23.72
CA ILE C 445 -38.05 -20.54 -23.19
C ILE C 445 -37.04 -19.46 -22.86
N TRP C 446 -37.16 -18.31 -23.54
CA TRP C 446 -36.36 -17.12 -23.23
C TRP C 446 -37.18 -16.26 -22.29
N SER C 447 -37.00 -16.46 -20.99
CA SER C 447 -37.68 -15.66 -19.99
C SER C 447 -36.83 -14.41 -19.75
N ARG C 448 -37.35 -13.27 -20.16
CA ARG C 448 -36.61 -12.01 -20.19
C ARG C 448 -37.53 -10.89 -19.72
N GLY C 449 -36.93 -9.85 -19.14
CA GLY C 449 -37.61 -8.64 -18.74
C GLY C 449 -37.31 -8.27 -17.31
N ARG C 450 -37.88 -7.15 -16.88
CA ARG C 450 -37.69 -6.68 -15.50
C ARG C 450 -37.96 -7.79 -14.51
N PHE C 451 -39.06 -8.52 -14.70
CA PHE C 451 -39.34 -9.69 -13.88
C PHE C 451 -39.30 -10.98 -14.69
N GLY C 452 -39.27 -10.87 -16.02
CA GLY C 452 -38.97 -12.06 -16.82
C GLY C 452 -37.60 -12.64 -16.51
N SER C 453 -36.59 -11.79 -16.32
CA SER C 453 -35.25 -12.25 -15.98
C SER C 453 -34.74 -11.70 -14.65
N TRP C 454 -35.51 -10.82 -14.00
CA TRP C 454 -35.38 -10.47 -12.59
C TRP C 454 -34.10 -9.69 -12.26
N ARG C 455 -33.46 -9.05 -13.23
CA ARG C 455 -32.21 -8.34 -12.94
C ARG C 455 -32.47 -6.86 -13.05
N TYR C 456 -32.60 -6.23 -11.88
CA TYR C 456 -32.97 -4.82 -11.79
C TYR C 456 -32.18 -3.96 -12.77
N GLU C 457 -30.85 -4.12 -12.78
CA GLU C 457 -29.98 -3.23 -13.54
C GLU C 457 -30.27 -3.24 -15.05
N VAL C 458 -30.95 -4.25 -15.58
CA VAL C 458 -31.35 -4.17 -16.97
C VAL C 458 -32.88 -4.15 -17.06
N GLY C 459 -33.54 -3.59 -16.03
CA GLY C 459 -34.98 -3.55 -15.90
C GLY C 459 -35.72 -2.25 -16.16
N ASN C 460 -35.02 -1.15 -16.46
CA ASN C 460 -35.67 0.07 -16.95
C ASN C 460 -36.05 -0.10 -18.43
N GLN C 461 -36.53 0.99 -19.04
CA GLN C 461 -37.22 0.86 -20.32
C GLN C 461 -36.26 0.50 -21.45
N ASP C 462 -35.08 1.11 -21.54
CA ASP C 462 -34.23 0.83 -22.69
C ASP C 462 -33.63 -0.57 -22.61
N HIS C 463 -33.06 -0.93 -21.45
CA HIS C 463 -32.52 -2.28 -21.29
C HIS C 463 -33.59 -3.35 -21.54
N SER C 464 -34.79 -3.18 -20.98
CA SER C 464 -35.80 -4.23 -21.16
C SER C 464 -36.22 -4.34 -22.61
N PHE C 465 -36.44 -3.20 -23.27
CA PHE C 465 -36.74 -3.22 -24.69
C PHE C 465 -35.70 -4.02 -25.43
N MET C 466 -34.43 -3.82 -25.10
CA MET C 466 -33.38 -4.54 -25.80
C MET C 466 -33.29 -6.00 -25.36
N LEU C 467 -33.69 -6.32 -24.12
CA LEU C 467 -33.73 -7.71 -23.70
C LEU C 467 -34.57 -8.53 -24.67
N GLY C 468 -35.72 -7.98 -25.09
CA GLY C 468 -36.56 -8.66 -26.04
C GLY C 468 -35.97 -8.64 -27.44
N VAL C 469 -35.38 -7.52 -27.84
CA VAL C 469 -34.72 -7.45 -29.14
C VAL C 469 -33.61 -8.49 -29.24
N GLU C 470 -32.72 -8.52 -28.24
CA GLU C 470 -31.60 -9.46 -28.26
C GLU C 470 -32.07 -10.91 -28.14
N ALA C 471 -33.14 -11.15 -27.40
CA ALA C 471 -33.65 -12.51 -27.30
C ALA C 471 -34.11 -13.01 -28.67
N VAL C 472 -34.85 -12.18 -29.41
CA VAL C 472 -35.23 -12.54 -30.77
C VAL C 472 -33.98 -12.70 -31.63
N ASP C 473 -33.05 -11.75 -31.50
CA ASP C 473 -31.83 -11.77 -32.29
C ASP C 473 -31.00 -13.01 -31.96
N ASN C 474 -31.04 -13.47 -30.71
CA ASN C 474 -30.40 -14.73 -30.35
C ASN C 474 -31.17 -15.91 -30.92
N ILE C 475 -32.50 -15.87 -30.84
CA ILE C 475 -33.31 -16.96 -31.35
C ILE C 475 -33.10 -17.14 -32.85
N VAL C 476 -32.99 -16.04 -33.58
CA VAL C 476 -32.93 -16.08 -35.04
C VAL C 476 -31.51 -16.05 -35.56
N ASN C 477 -30.73 -15.06 -35.14
CA ASN C 477 -29.47 -14.74 -35.80
C ASN C 477 -28.23 -15.14 -35.01
N GLY C 478 -28.38 -15.91 -33.94
CA GLY C 478 -27.24 -16.28 -33.12
C GLY C 478 -26.53 -15.13 -32.41
N ALA C 479 -27.22 -14.03 -32.17
CA ALA C 479 -26.60 -12.89 -31.51
C ALA C 479 -26.34 -13.17 -30.03
N VAL C 480 -25.27 -12.58 -29.50
CA VAL C 480 -25.03 -12.69 -28.07
C VAL C 480 -26.07 -11.88 -27.32
N GLU C 481 -26.60 -12.44 -26.23
CA GLU C 481 -27.49 -11.70 -25.35
C GLU C 481 -26.62 -10.87 -24.43
N LEU C 482 -26.22 -9.70 -24.93
CA LEU C 482 -25.23 -8.88 -24.24
C LEU C 482 -25.81 -8.16 -23.04
N THR C 483 -27.01 -7.57 -23.21
CA THR C 483 -27.63 -6.83 -22.13
C THR C 483 -27.98 -7.74 -20.98
N LEU C 484 -28.46 -8.94 -21.28
CA LEU C 484 -28.85 -9.89 -20.24
C LEU C 484 -27.68 -10.30 -19.35
N ASN C 485 -26.54 -10.65 -19.95
CA ASN C 485 -25.44 -11.25 -19.22
C ASN C 485 -24.27 -10.32 -18.97
N TYR C 486 -24.20 -9.19 -19.65
CA TYR C 486 -23.05 -8.27 -19.53
C TYR C 486 -23.54 -6.82 -19.49
N PRO C 487 -24.38 -6.48 -18.51
CA PRO C 487 -24.90 -5.10 -18.43
C PRO C 487 -23.79 -4.07 -18.44
N ASP C 488 -22.69 -4.37 -17.73
CA ASP C 488 -21.55 -3.46 -17.71
C ASP C 488 -21.03 -3.18 -19.10
N PHE C 489 -20.91 -4.21 -19.93
CA PHE C 489 -20.38 -4.05 -21.28
C PHE C 489 -21.26 -3.13 -22.11
N VAL C 490 -22.58 -3.38 -22.15
CA VAL C 490 -23.40 -2.55 -23.03
C VAL C 490 -23.46 -1.12 -22.51
N ASN C 491 -23.45 -0.93 -21.18
CA ASN C 491 -23.53 0.42 -20.60
C ASN C 491 -22.31 1.27 -20.91
N GLY C 492 -21.13 0.66 -21.03
CA GLY C 492 -19.92 1.42 -21.24
C GLY C 492 -19.54 1.69 -22.68
N ARG C 493 -20.48 1.52 -23.60
CA ARG C 493 -20.15 1.66 -25.00
C ARG C 493 -21.30 2.30 -25.75
N GLN C 494 -21.00 2.72 -26.97
CA GLN C 494 -22.03 3.22 -27.87
C GLN C 494 -22.53 2.07 -28.70
N ASN C 495 -23.78 1.66 -28.45
CA ASN C 495 -24.36 0.52 -29.13
C ASN C 495 -25.02 1.03 -30.41
N THR C 496 -24.21 1.13 -31.45
CA THR C 496 -24.66 1.71 -32.71
C THR C 496 -24.89 0.69 -33.81
N GLU C 497 -24.52 -0.58 -33.61
CA GLU C 497 -24.48 -1.50 -34.74
C GLU C 497 -25.87 -1.97 -35.15
N ARG C 498 -26.72 -2.28 -34.18
CA ARG C 498 -28.07 -2.75 -34.46
C ARG C 498 -28.95 -1.53 -34.68
N ARG C 499 -29.63 -1.51 -35.82
CA ARG C 499 -30.47 -0.40 -36.22
C ARG C 499 -31.81 -0.93 -36.73
N LEU C 500 -32.82 -0.06 -36.72
CA LEU C 500 -34.14 -0.47 -37.18
C LEU C 500 -34.16 -0.79 -38.66
N VAL C 501 -33.13 -0.38 -39.39
CA VAL C 501 -32.92 -0.84 -40.77
C VAL C 501 -31.46 -1.31 -40.86
N ASP C 502 -31.26 -2.63 -40.88
CA ASP C 502 -29.97 -3.27 -41.09
C ASP C 502 -29.77 -3.56 -42.57
N GLY C 503 -28.55 -4.03 -42.90
CA GLY C 503 -28.26 -4.45 -44.26
C GLY C 503 -29.26 -5.45 -44.80
N ALA C 504 -29.73 -6.39 -43.95
CA ALA C 504 -30.64 -7.43 -44.41
C ALA C 504 -31.89 -6.84 -45.06
N GLN C 505 -32.46 -5.80 -44.46
CA GLN C 505 -33.65 -5.16 -45.00
C GLN C 505 -33.34 -4.27 -46.20
N VAL C 506 -32.16 -3.65 -46.23
CA VAL C 506 -31.75 -2.86 -47.39
C VAL C 506 -31.55 -3.76 -48.62
N PHE C 507 -30.90 -4.92 -48.43
CA PHE C 507 -30.59 -5.77 -49.58
C PHE C 507 -31.81 -6.50 -50.11
N ALA C 508 -32.90 -6.63 -49.34
CA ALA C 508 -34.06 -7.38 -49.80
C ALA C 508 -35.03 -6.53 -50.61
N LYS C 509 -35.06 -5.22 -50.39
CA LYS C 509 -35.93 -4.30 -51.12
C LYS C 509 -35.28 -3.79 -52.43
N HIS D 6 17.88 8.55 66.98
CA HIS D 6 18.89 8.20 65.99
C HIS D 6 19.05 6.67 65.91
N PRO D 7 19.33 6.14 64.69
CA PRO D 7 19.35 4.67 64.50
C PRO D 7 20.73 4.04 64.63
N ASP D 8 20.81 2.72 64.44
CA ASP D 8 22.04 1.99 64.74
C ASP D 8 23.16 2.31 63.74
N ILE D 9 22.87 2.29 62.44
CA ILE D 9 23.86 2.67 61.42
C ILE D 9 23.24 3.72 60.51
N SER D 10 24.09 4.60 59.98
CA SER D 10 23.66 5.65 59.06
C SER D 10 24.58 5.71 57.85
N VAL D 11 23.99 5.66 56.65
CA VAL D 11 24.72 5.78 55.39
C VAL D 11 23.90 6.66 54.43
N ASP D 12 24.58 7.19 53.42
CA ASP D 12 23.88 8.01 52.42
C ASP D 12 22.99 7.17 51.50
N VAL D 13 23.54 6.13 50.87
CA VAL D 13 22.80 5.27 49.97
C VAL D 13 22.91 3.85 50.51
N LEU D 14 21.75 3.23 50.76
CA LEU D 14 21.68 1.84 51.21
C LEU D 14 21.24 0.97 50.04
N VAL D 15 21.94 -0.16 49.85
CA VAL D 15 21.63 -1.10 48.77
C VAL D 15 21.13 -2.40 49.41
N ILE D 16 19.86 -2.72 49.20
CA ILE D 16 19.27 -3.95 49.70
C ILE D 16 19.36 -4.99 48.61
N GLY D 17 20.10 -6.06 48.90
CA GLY D 17 20.23 -7.16 47.96
C GLY D 17 21.60 -7.13 47.31
N ALA D 18 22.20 -8.31 47.17
CA ALA D 18 23.53 -8.40 46.57
C ALA D 18 23.55 -9.33 45.37
N GLY D 19 22.42 -9.37 44.63
CA GLY D 19 22.45 -9.89 43.30
C GLY D 19 23.11 -8.91 42.36
N PRO D 20 23.13 -9.24 41.07
CA PRO D 20 23.85 -8.39 40.12
C PRO D 20 23.41 -6.93 40.18
N THR D 21 22.11 -6.68 40.31
CA THR D 21 21.66 -5.30 40.43
C THR D 21 22.28 -4.64 41.66
N GLY D 22 22.15 -5.27 42.82
CA GLY D 22 22.73 -4.69 44.01
C GLY D 22 24.25 -4.53 43.91
N LEU D 23 24.93 -5.53 43.35
CA LEU D 23 26.37 -5.43 43.18
C LEU D 23 26.74 -4.31 42.21
N GLY D 24 25.92 -4.12 41.15
CA GLY D 24 26.11 -2.95 40.32
C GLY D 24 26.08 -1.65 41.10
N ALA D 25 25.01 -1.44 41.88
CA ALA D 25 24.92 -0.26 42.73
C ALA D 25 26.13 -0.13 43.63
N ALA D 26 26.57 -1.23 44.23
CA ALA D 26 27.72 -1.19 45.13
C ALA D 26 29.01 -0.92 44.37
N LYS D 27 29.22 -1.58 43.22
CA LYS D 27 30.45 -1.37 42.48
C LYS D 27 30.66 0.10 42.15
N ARG D 28 29.58 0.78 41.75
CA ARG D 28 29.66 2.19 41.37
C ARG D 28 29.80 3.08 42.60
N LEU D 29 29.10 2.78 43.69
CA LEU D 29 29.32 3.52 44.93
C LEU D 29 30.77 3.45 45.37
N ASN D 30 31.37 2.26 45.28
CA ASN D 30 32.77 2.08 45.69
C ASN D 30 33.73 2.76 44.72
N GLN D 31 33.34 2.90 43.45
CA GLN D 31 34.19 3.60 42.49
C GLN D 31 34.16 5.11 42.76
N ILE D 32 32.96 5.69 42.77
CA ILE D 32 32.80 7.12 43.01
C ILE D 32 33.51 7.53 44.29
N ASP D 33 33.37 6.71 45.34
CA ASP D 33 33.98 6.94 46.66
C ASP D 33 33.70 8.34 47.19
N GLY D 34 32.42 8.73 47.11
CA GLY D 34 31.98 9.99 47.63
C GLY D 34 31.06 9.78 48.82
N PRO D 35 29.77 9.62 48.56
CA PRO D 35 28.83 9.33 49.65
C PRO D 35 29.11 7.99 50.29
N SER D 36 28.86 7.90 51.59
CA SER D 36 28.98 6.65 52.33
C SER D 36 27.88 5.67 51.92
N TRP D 37 28.14 4.38 52.15
CA TRP D 37 27.17 3.38 51.73
C TRP D 37 27.44 2.03 52.41
N MET D 38 26.43 1.16 52.36
CA MET D 38 26.52 -0.23 52.81
C MET D 38 25.58 -1.03 51.92
N ILE D 39 25.89 -2.31 51.73
CA ILE D 39 25.05 -3.23 50.98
C ILE D 39 24.73 -4.44 51.87
N VAL D 40 23.46 -4.82 51.89
CA VAL D 40 22.98 -5.88 52.77
C VAL D 40 22.33 -6.98 51.95
N ASP D 41 22.34 -8.20 52.50
CA ASP D 41 21.65 -9.30 51.85
C ASP D 41 21.39 -10.41 52.87
N SER D 42 20.21 -11.04 52.75
CA SER D 42 19.83 -12.15 53.64
C SER D 42 20.63 -13.42 53.36
N ASN D 43 21.24 -13.54 52.19
CA ASN D 43 22.04 -14.71 51.84
C ASN D 43 23.51 -14.45 52.18
N GLU D 44 24.16 -15.43 52.81
CA GLU D 44 25.58 -15.28 53.14
C GLU D 44 26.45 -15.26 51.88
N THR D 45 25.92 -15.67 50.74
CA THR D 45 26.68 -15.74 49.51
C THR D 45 26.23 -14.67 48.52
N PRO D 46 27.14 -13.87 47.98
CA PRO D 46 26.74 -12.86 47.00
C PRO D 46 26.32 -13.54 45.71
N GLY D 47 25.52 -12.81 44.93
CA GLY D 47 25.10 -13.24 43.60
C GLY D 47 23.60 -13.36 43.41
N GLY D 48 22.81 -13.36 44.49
CA GLY D 48 21.36 -13.52 44.40
C GLY D 48 20.98 -14.73 43.57
N LEU D 49 19.91 -14.62 42.80
CA LEU D 49 19.52 -15.75 41.97
C LEU D 49 20.47 -15.96 40.77
N ALA D 50 21.65 -15.35 40.69
CA ALA D 50 22.66 -15.73 39.73
C ALA D 50 23.73 -16.62 40.36
N SER D 51 23.41 -17.26 41.49
CA SER D 51 24.32 -18.15 42.18
C SER D 51 24.37 -19.50 41.48
N THR D 52 25.28 -20.34 41.93
CA THR D 52 25.47 -21.65 41.37
C THR D 52 25.32 -22.71 42.46
N ASP D 53 24.46 -23.69 42.20
CA ASP D 53 24.30 -24.80 43.13
C ASP D 53 25.20 -25.96 42.72
N VAL D 54 25.43 -26.86 43.66
CA VAL D 54 26.18 -28.07 43.38
C VAL D 54 25.43 -29.22 44.05
N THR D 55 25.29 -30.32 43.31
CA THR D 55 24.68 -31.54 43.83
C THR D 55 25.67 -32.26 44.74
N PRO D 56 25.18 -33.13 45.62
CA PRO D 56 26.11 -33.91 46.46
C PRO D 56 27.12 -34.71 45.64
N GLU D 57 26.83 -34.98 44.37
CA GLU D 57 27.70 -35.77 43.52
C GLU D 57 28.74 -34.94 42.76
N GLY D 58 28.67 -33.61 42.84
CA GLY D 58 29.65 -32.74 42.25
C GLY D 58 29.27 -32.02 40.96
N PHE D 59 28.00 -31.96 40.61
CA PHE D 59 27.57 -31.31 39.38
C PHE D 59 27.05 -29.90 39.66
N LEU D 60 27.61 -28.93 38.95
CA LEU D 60 27.19 -27.54 39.12
C LEU D 60 25.98 -27.26 38.24
N TYR D 61 25.06 -26.44 38.75
CA TYR D 61 23.91 -26.02 37.98
C TYR D 61 23.59 -24.55 38.26
N ASP D 62 23.66 -23.74 37.22
CA ASP D 62 23.19 -22.37 37.24
C ASP D 62 21.66 -22.36 37.28
N VAL D 63 21.10 -21.16 37.51
CA VAL D 63 19.65 -21.01 37.55
C VAL D 63 18.97 -20.89 36.20
N GLY D 64 19.71 -20.79 35.09
CA GLY D 64 19.05 -20.71 33.79
C GLY D 64 20.05 -20.73 32.65
N GLY D 65 19.50 -20.76 31.43
CA GLY D 65 20.27 -21.05 30.23
C GLY D 65 20.41 -19.94 29.21
N HIS D 66 20.20 -18.70 29.65
CA HIS D 66 20.50 -17.48 28.88
C HIS D 66 21.91 -17.06 29.28
N VAL D 67 22.89 -17.35 28.43
CA VAL D 67 24.27 -17.00 28.73
C VAL D 67 24.43 -15.49 28.76
N ILE D 68 25.65 -15.01 28.90
CA ILE D 68 25.89 -13.57 29.05
C ILE D 68 26.26 -12.97 27.72
N PHE D 69 25.66 -11.82 27.42
CA PHE D 69 26.01 -10.97 26.29
C PHE D 69 25.98 -9.56 26.86
N SER D 70 27.13 -8.88 26.77
CA SER D 70 27.29 -7.58 27.41
C SER D 70 27.04 -6.44 26.44
N HIS D 71 26.24 -5.48 26.89
CA HIS D 71 25.94 -4.27 26.12
C HIS D 71 26.77 -3.09 26.59
N TYR D 72 27.63 -3.31 27.57
CA TYR D 72 28.27 -2.21 28.27
C TYR D 72 29.74 -2.50 28.52
N LYS D 73 30.60 -1.55 28.13
CA LYS D 73 32.00 -1.64 28.53
C LYS D 73 32.15 -1.66 30.04
N TYR D 74 31.21 -1.05 30.77
CA TYR D 74 31.34 -1.02 32.22
C TYR D 74 31.16 -2.41 32.83
N PHE D 75 30.19 -3.16 32.32
CA PHE D 75 30.04 -4.55 32.73
C PHE D 75 31.32 -5.32 32.44
N ASP D 76 31.88 -5.14 31.24
CA ASP D 76 33.12 -5.80 30.88
C ASP D 76 34.23 -5.49 31.88
N ASP D 77 34.40 -4.21 32.23
CA ASP D 77 35.42 -3.80 33.19
C ASP D 77 35.26 -4.49 34.54
N CYS D 78 34.01 -4.68 34.99
CA CYS D 78 33.82 -5.25 36.32
C CYS D 78 34.13 -6.72 36.31
N LEU D 79 33.80 -7.40 35.21
CA LEU D 79 34.16 -8.80 35.02
C LEU D 79 35.67 -8.96 34.86
N ASP D 80 36.29 -8.14 33.99
CA ASP D 80 37.72 -8.25 33.77
C ASP D 80 38.49 -8.06 35.06
N GLU D 81 38.08 -7.09 35.89
CA GLU D 81 38.70 -6.91 37.20
C GLU D 81 38.50 -8.12 38.09
N ALA D 82 37.29 -8.69 38.09
CA ALA D 82 36.95 -9.76 39.03
C ALA D 82 37.67 -11.07 38.69
N LEU D 83 37.78 -11.38 37.40
CA LEU D 83 38.40 -12.62 36.92
C LEU D 83 39.37 -12.26 35.80
N PRO D 84 40.58 -11.80 36.14
CA PRO D 84 41.46 -11.17 35.13
C PRO D 84 42.35 -12.10 34.33
N LYS D 85 42.53 -13.36 34.72
CA LYS D 85 43.43 -14.28 34.00
C LYS D 85 42.66 -14.93 32.86
N GLU D 86 43.36 -15.16 31.74
CA GLU D 86 42.68 -15.69 30.55
C GLU D 86 42.07 -17.06 30.80
N ASP D 87 42.64 -17.85 31.71
CA ASP D 87 42.11 -19.16 32.05
C ASP D 87 41.12 -19.11 33.22
N ASP D 88 40.56 -17.94 33.52
CA ASP D 88 39.39 -17.83 34.37
C ASP D 88 38.09 -17.99 33.58
N TRP D 89 38.19 -17.98 32.25
CA TRP D 89 37.07 -17.96 31.32
C TRP D 89 37.28 -18.98 30.22
N TYR D 90 36.18 -19.50 29.67
CA TYR D 90 36.21 -20.24 28.42
C TYR D 90 35.35 -19.52 27.38
N THR D 91 35.76 -19.59 26.12
CA THR D 91 35.03 -18.97 25.02
C THR D 91 34.35 -20.05 24.18
N HIS D 92 33.04 -19.91 23.94
CA HIS D 92 32.28 -20.80 23.07
C HIS D 92 31.44 -20.00 22.09
N GLN D 93 31.07 -20.66 21.00
CA GLN D 93 30.18 -20.08 20.00
C GLN D 93 28.73 -20.22 20.43
N ARG D 94 27.91 -19.23 20.04
CA ARG D 94 26.50 -19.23 20.43
C ARG D 94 25.75 -20.21 19.56
N ILE D 95 25.63 -21.44 20.05
CA ILE D 95 25.10 -22.56 19.29
C ILE D 95 23.81 -22.98 19.95
N SER D 96 22.71 -22.83 19.23
CA SER D 96 21.43 -23.24 19.77
C SER D 96 20.56 -23.81 18.66
N TYR D 97 19.65 -24.69 19.05
CA TYR D 97 18.76 -25.32 18.10
C TYR D 97 17.33 -25.34 18.64
N VAL D 98 16.38 -25.43 17.72
CA VAL D 98 14.99 -25.70 18.03
C VAL D 98 14.73 -27.16 17.73
N ARG D 99 14.16 -27.88 18.68
CA ARG D 99 13.80 -29.28 18.49
C ARG D 99 12.42 -29.33 17.87
N CYS D 100 12.34 -29.79 16.63
CA CYS D 100 11.06 -29.81 15.94
C CYS D 100 10.96 -31.03 15.04
N GLN D 101 9.98 -31.88 15.31
CA GLN D 101 9.63 -33.03 14.49
C GLN D 101 10.84 -33.92 14.17
N GLY D 102 11.44 -34.43 15.23
CA GLY D 102 12.59 -35.31 15.15
C GLY D 102 13.90 -34.67 14.73
N GLN D 103 13.94 -33.36 14.53
CA GLN D 103 15.11 -32.68 14.00
C GLN D 103 15.64 -31.62 14.96
N TRP D 104 16.96 -31.45 14.97
CA TRP D 104 17.58 -30.30 15.63
C TRP D 104 17.80 -29.21 14.58
N VAL D 105 16.92 -28.22 14.56
CA VAL D 105 16.89 -27.21 13.51
C VAL D 105 17.77 -26.04 13.95
N PRO D 106 18.84 -25.72 13.22
CA PRO D 106 19.72 -24.63 13.65
C PRO D 106 18.92 -23.37 13.85
N TYR D 107 19.31 -22.59 14.79
CA TYR D 107 18.61 -21.34 15.02
C TYR D 107 19.25 -20.23 14.17
N PRO D 108 18.50 -19.26 13.63
CA PRO D 108 17.05 -19.04 13.75
C PRO D 108 16.19 -19.99 12.93
N PHE D 109 15.08 -20.40 13.56
CA PHE D 109 14.21 -21.45 13.02
C PHE D 109 13.87 -21.20 11.56
N GLN D 110 13.40 -20.00 11.21
CA GLN D 110 12.87 -19.76 9.88
C GLN D 110 13.94 -19.91 8.82
N ASN D 111 15.19 -19.63 9.14
CA ASN D 111 16.27 -19.80 8.19
C ASN D 111 16.66 -21.24 7.98
N ASN D 112 15.93 -22.19 8.58
CA ASN D 112 16.35 -23.58 8.49
C ASN D 112 15.17 -24.54 8.31
N ILE D 113 14.01 -24.06 7.87
CA ILE D 113 12.87 -24.96 7.77
C ILE D 113 13.09 -25.99 6.65
N SER D 114 14.20 -25.86 5.90
CA SER D 114 14.48 -26.86 4.87
C SER D 114 14.58 -28.26 5.44
N MET D 115 14.84 -28.39 6.73
CA MET D 115 14.92 -29.68 7.41
C MET D 115 13.54 -30.31 7.64
N LEU D 116 12.46 -29.55 7.51
CA LEU D 116 11.13 -30.11 7.69
C LEU D 116 10.63 -30.72 6.39
N PRO D 117 9.55 -31.49 6.46
CA PRO D 117 8.96 -32.03 5.22
C PRO D 117 8.58 -30.92 4.25
N LYS D 118 8.67 -31.28 2.97
CA LYS D 118 8.31 -30.36 1.89
C LYS D 118 6.89 -29.83 2.03
N GLU D 119 5.92 -30.68 2.35
CA GLU D 119 4.56 -30.15 2.51
C GLU D 119 4.51 -29.05 3.57
N GLU D 120 5.32 -29.18 4.61
CA GLU D 120 5.34 -28.18 5.67
C GLU D 120 6.09 -26.92 5.25
N GLN D 121 7.15 -27.09 4.44
CA GLN D 121 7.84 -25.94 3.86
C GLN D 121 6.89 -25.06 3.07
N VAL D 122 6.00 -25.67 2.28
CA VAL D 122 5.03 -24.91 1.52
C VAL D 122 4.14 -24.09 2.46
N LYS D 123 3.61 -24.72 3.51
CA LYS D 123 2.71 -23.99 4.41
C LYS D 123 3.45 -22.84 5.07
N CYS D 124 4.72 -23.06 5.43
CA CYS D 124 5.49 -22.00 6.07
C CYS D 124 5.73 -20.85 5.11
N ILE D 125 6.23 -21.15 3.90
CA ILE D 125 6.53 -20.10 2.94
C ILE D 125 5.26 -19.33 2.56
N ASP D 126 4.16 -20.06 2.34
CA ASP D 126 2.89 -19.41 2.03
C ASP D 126 2.48 -18.46 3.15
N GLY D 127 2.69 -18.86 4.40
CA GLY D 127 2.39 -17.97 5.51
C GLY D 127 3.29 -16.76 5.54
N MET D 128 4.57 -16.94 5.24
CA MET D 128 5.46 -15.81 5.27
C MET D 128 5.21 -14.88 4.08
N ILE D 129 4.74 -15.43 2.96
CA ILE D 129 4.37 -14.57 1.83
C ILE D 129 3.20 -13.69 2.21
N ASP D 130 2.19 -14.26 2.88
CA ASP D 130 1.08 -13.45 3.38
C ASP D 130 1.60 -12.36 4.30
N ALA D 131 2.50 -12.72 5.20
CA ALA D 131 3.01 -11.75 6.15
C ALA D 131 3.78 -10.63 5.45
N ALA D 132 4.61 -10.98 4.47
CA ALA D 132 5.39 -9.97 3.75
C ALA D 132 4.49 -9.01 3.00
N LEU D 133 3.42 -9.53 2.40
CA LEU D 133 2.51 -8.66 1.66
C LEU D 133 1.77 -7.75 2.62
N GLU D 134 1.37 -8.27 3.79
CA GLU D 134 0.71 -7.44 4.79
C GLU D 134 1.67 -6.39 5.31
N ALA D 135 2.93 -6.78 5.54
CA ALA D 135 3.93 -5.83 6.00
C ALA D 135 4.09 -4.66 5.04
N ARG D 136 3.91 -4.90 3.74
CA ARG D 136 4.12 -3.87 2.72
C ARG D 136 3.11 -2.73 2.79
N VAL D 137 1.95 -2.93 3.42
CA VAL D 137 0.91 -1.91 3.51
C VAL D 137 0.55 -1.70 4.98
N ALA D 138 1.35 -2.23 5.88
CA ALA D 138 1.11 -2.06 7.30
C ALA D 138 1.22 -0.61 7.69
N ASN D 139 0.31 -0.15 8.56
CA ASN D 139 0.45 1.18 9.15
C ASN D 139 0.17 1.19 10.66
N THR D 140 0.23 0.06 11.34
CA THR D 140 0.09 0.03 12.80
C THR D 140 1.20 -0.82 13.42
N LYS D 141 1.47 -0.55 14.66
CA LYS D 141 2.36 -1.43 15.41
C LYS D 141 1.56 -2.61 15.96
N PRO D 142 2.19 -3.76 16.14
CA PRO D 142 1.50 -4.87 16.81
C PRO D 142 1.24 -4.49 18.25
N LYS D 143 0.09 -4.93 18.74
CA LYS D 143 -0.36 -4.58 20.09
C LYS D 143 -0.07 -5.68 21.10
N THR D 144 0.03 -6.92 20.64
CA THR D 144 0.32 -8.09 21.47
C THR D 144 1.54 -8.84 20.92
N PHE D 145 2.19 -9.57 21.83
CA PHE D 145 3.30 -10.46 21.47
C PHE D 145 2.91 -11.38 20.32
N ASP D 146 1.71 -11.95 20.36
CA ASP D 146 1.26 -12.83 19.29
C ASP D 146 1.17 -12.13 17.95
N GLU D 147 0.61 -10.92 17.92
CA GLU D 147 0.57 -10.18 16.66
C GLU D 147 1.98 -9.96 16.13
N TRP D 148 2.93 -9.71 17.03
CA TRP D 148 4.30 -9.45 16.64
C TRP D 148 4.93 -10.69 15.99
N ILE D 149 4.63 -11.86 16.55
CA ILE D 149 5.14 -13.12 16.01
C ILE D 149 4.58 -13.35 14.60
N VAL D 150 3.27 -13.29 14.46
CA VAL D 150 2.63 -13.56 13.18
C VAL D 150 3.10 -12.57 12.12
N ARG D 151 3.26 -11.30 12.49
CA ARG D 151 3.74 -10.33 11.50
C ARG D 151 5.18 -10.63 11.11
N MET D 152 5.93 -11.28 12.02
CA MET D 152 7.33 -11.58 11.77
C MET D 152 7.51 -12.84 10.94
N MET D 153 6.68 -13.87 11.21
CA MET D 153 6.92 -15.21 10.69
C MET D 153 5.82 -15.76 9.80
N GLY D 154 4.62 -15.22 9.86
CA GLY D 154 3.48 -15.85 9.23
C GLY D 154 2.93 -16.99 10.06
N THR D 155 1.71 -17.40 9.72
CA THR D 155 0.99 -18.35 10.54
C THR D 155 1.75 -19.66 10.70
N GLY D 156 2.14 -20.27 9.57
CA GLY D 156 2.81 -21.56 9.61
C GLY D 156 4.02 -21.61 10.53
N ILE D 157 4.96 -20.69 10.33
CA ILE D 157 6.17 -20.69 11.15
C ILE D 157 5.86 -20.28 12.59
N ALA D 158 4.88 -19.40 12.79
CA ALA D 158 4.54 -19.06 14.17
C ALA D 158 4.03 -20.28 14.92
N ASP D 159 3.25 -21.12 14.26
CA ASP D 159 2.66 -22.27 14.94
C ASP D 159 3.69 -23.35 15.25
N LEU D 160 4.74 -23.47 14.43
CA LEU D 160 5.72 -24.52 14.69
C LEU D 160 6.60 -24.17 15.88
N PHE D 161 6.94 -22.90 16.05
CA PHE D 161 7.92 -22.61 17.09
C PHE D 161 7.51 -21.52 18.06
N MET D 162 7.51 -20.24 17.64
CA MET D 162 7.44 -19.15 18.62
C MET D 162 6.16 -19.18 19.43
N ARG D 163 5.02 -19.54 18.80
CA ARG D 163 3.77 -19.61 19.57
C ARG D 163 3.81 -20.73 20.62
N PRO D 164 3.91 -22.01 20.26
CA PRO D 164 3.87 -23.04 21.31
C PRO D 164 5.01 -22.93 22.29
N TYR D 165 6.17 -22.47 21.85
CA TYR D 165 7.33 -22.33 22.73
C TYR D 165 7.10 -21.25 23.79
N ASN D 166 6.64 -20.08 23.37
CA ASN D 166 6.51 -19.02 24.35
C ASN D 166 5.44 -19.32 25.38
N PHE D 167 4.42 -20.10 25.02
CA PHE D 167 3.52 -20.57 26.06
C PHE D 167 4.28 -21.41 27.08
N LYS D 168 5.17 -22.30 26.63
CA LYS D 168 5.94 -23.07 27.59
C LYS D 168 6.91 -22.21 28.39
N VAL D 169 7.36 -21.08 27.83
CA VAL D 169 8.27 -20.19 28.55
C VAL D 169 7.54 -19.34 29.58
N TRP D 170 6.52 -18.60 29.14
CA TRP D 170 5.91 -17.59 29.99
C TRP D 170 4.73 -18.11 30.80
N ALA D 171 4.22 -19.28 30.44
CA ALA D 171 3.05 -19.89 31.08
C ALA D 171 1.86 -18.94 31.02
N VAL D 172 1.86 -18.08 30.01
CA VAL D 172 0.68 -17.35 29.56
C VAL D 172 0.68 -17.32 28.05
N PRO D 173 -0.49 -17.23 27.43
CA PRO D 173 -0.52 -17.26 25.95
C PRO D 173 0.11 -16.02 25.36
N THR D 174 0.63 -16.15 24.14
CA THR D 174 1.20 -15.01 23.45
C THR D 174 0.22 -13.87 23.27
N THR D 175 -1.09 -14.15 23.24
CA THR D 175 -2.08 -13.09 23.02
C THR D 175 -2.29 -12.22 24.25
N LYS D 176 -1.81 -12.63 25.41
CA LYS D 176 -2.00 -11.86 26.64
C LYS D 176 -0.75 -11.07 27.02
N MET D 177 0.27 -11.06 26.17
CA MET D 177 1.52 -10.39 26.45
C MET D 177 1.70 -9.17 25.54
N GLN D 178 2.36 -8.15 26.07
CA GLN D 178 2.72 -7.02 25.22
C GLN D 178 3.95 -7.37 24.39
N CYS D 179 4.37 -6.46 23.52
CA CYS D 179 5.51 -6.72 22.65
C CYS D 179 6.51 -5.58 22.58
N ALA D 180 6.29 -4.45 23.25
CA ALA D 180 7.27 -3.37 23.22
C ALA D 180 8.62 -3.83 23.75
N TRP D 181 8.62 -4.79 24.69
CA TRP D 181 9.85 -5.28 25.32
C TRP D 181 10.77 -5.98 24.34
N LEU D 182 10.25 -6.35 23.17
CA LEU D 182 11.06 -7.01 22.16
C LEU D 182 11.90 -6.03 21.35
N GLY D 183 11.60 -4.74 21.39
CA GLY D 183 12.35 -3.77 20.64
C GLY D 183 11.49 -2.98 19.67
N GLU D 184 12.14 -2.04 18.98
CA GLU D 184 11.50 -1.18 17.99
C GLU D 184 11.69 -1.69 16.57
N ARG D 185 12.43 -2.78 16.37
CA ARG D 185 12.50 -3.43 15.06
C ARG D 185 11.10 -3.74 14.54
N VAL D 186 10.82 -3.28 13.32
CA VAL D 186 9.54 -3.48 12.67
C VAL D 186 9.27 -4.98 12.51
N ALA D 187 8.03 -5.39 12.74
CA ALA D 187 7.65 -6.79 12.70
C ALA D 187 7.33 -7.17 11.26
N ALA D 188 8.34 -7.62 10.52
CA ALA D 188 8.18 -8.00 9.13
C ALA D 188 9.14 -9.13 8.80
N PRO D 189 8.81 -9.98 7.83
CA PRO D 189 9.68 -11.10 7.52
C PRO D 189 10.74 -10.73 6.50
N ASN D 190 11.86 -11.45 6.60
CA ASN D 190 12.89 -11.46 5.56
C ASN D 190 12.58 -12.63 4.65
N LEU D 191 11.58 -12.43 3.78
CA LEU D 191 11.11 -13.52 2.93
C LEU D 191 12.21 -14.08 2.04
N LYS D 192 13.07 -13.21 1.49
CA LYS D 192 14.11 -13.69 0.57
C LYS D 192 15.10 -14.58 1.30
N ALA D 193 15.49 -14.20 2.53
CA ALA D 193 16.39 -15.05 3.29
C ALA D 193 15.78 -16.44 3.50
N VAL D 194 14.50 -16.50 3.89
CA VAL D 194 13.85 -17.78 4.19
C VAL D 194 13.65 -18.62 2.94
N THR D 195 13.19 -18.02 1.83
CA THR D 195 13.02 -18.83 0.63
C THR D 195 14.35 -19.25 0.03
N THR D 196 15.38 -18.38 0.13
CA THR D 196 16.67 -18.73 -0.42
C THR D 196 17.25 -19.98 0.23
N ASN D 197 17.17 -20.08 1.56
CA ASN D 197 17.71 -21.27 2.19
C ASN D 197 16.87 -22.50 1.83
N VAL D 198 15.55 -22.36 1.74
CA VAL D 198 14.72 -23.47 1.32
C VAL D 198 15.09 -23.91 -0.10
N ILE D 199 15.28 -22.95 -1.00
CA ILE D 199 15.62 -23.31 -2.38
C ILE D 199 16.98 -23.97 -2.44
N LEU D 200 17.97 -23.37 -1.77
CA LEU D 200 19.29 -23.97 -1.78
C LEU D 200 19.34 -25.26 -0.96
N GLY D 201 18.30 -25.56 -0.16
CA GLY D 201 18.33 -26.70 0.73
C GLY D 201 19.31 -26.57 1.87
N LYS D 202 19.66 -25.36 2.24
CA LYS D 202 20.74 -25.04 3.14
C LYS D 202 20.26 -25.02 4.60
N THR D 203 21.16 -25.41 5.51
CA THR D 203 21.00 -25.08 6.93
C THR D 203 22.14 -24.19 7.39
N ALA D 204 21.85 -23.32 8.36
CA ALA D 204 22.85 -22.40 8.87
C ALA D 204 22.38 -21.73 10.17
N GLY D 205 23.25 -21.72 11.18
CA GLY D 205 22.96 -21.04 12.42
C GLY D 205 23.57 -19.65 12.54
N ASN D 206 23.01 -18.85 13.44
CA ASN D 206 23.52 -17.49 13.70
C ASN D 206 24.75 -17.47 14.61
N TRP D 207 25.65 -18.45 14.45
CA TRP D 207 26.93 -18.47 15.15
C TRP D 207 28.05 -18.66 14.12
N GLY D 208 29.27 -18.67 14.64
CA GLY D 208 30.48 -18.52 13.85
C GLY D 208 31.49 -17.88 14.78
N PRO D 209 32.74 -17.72 14.33
CA PRO D 209 33.80 -17.29 15.27
C PRO D 209 33.61 -15.88 15.84
N ASN D 210 32.84 -15.01 15.18
CA ASN D 210 32.60 -13.68 15.76
C ASN D 210 31.46 -13.69 16.80
N ALA D 211 30.62 -14.73 16.78
CA ALA D 211 29.45 -14.83 17.66
C ALA D 211 29.80 -15.75 18.82
N THR D 212 30.32 -15.17 19.90
CA THR D 212 30.78 -16.00 21.00
C THR D 212 30.18 -15.52 22.30
N PHE D 213 30.41 -16.31 23.34
CA PHE D 213 30.17 -15.91 24.71
C PHE D 213 31.27 -16.53 25.55
N ARG D 214 31.51 -15.92 26.70
CA ARG D 214 32.49 -16.45 27.63
C ARG D 214 31.76 -16.93 28.88
N PHE D 215 32.29 -17.99 29.48
CA PHE D 215 31.65 -18.58 30.64
C PHE D 215 32.72 -18.83 31.68
N PRO D 216 32.42 -18.62 32.96
CA PRO D 216 33.46 -18.76 33.98
C PRO D 216 34.01 -20.18 33.99
N ALA D 217 35.34 -20.29 34.05
CA ALA D 217 35.98 -21.60 34.07
C ALA D 217 35.58 -22.39 35.31
N ARG D 218 35.39 -21.71 36.43
CA ARG D 218 35.10 -22.37 37.70
C ARG D 218 33.94 -21.70 38.41
N GLY D 219 33.19 -22.52 39.15
CA GLY D 219 32.11 -22.03 39.98
C GLY D 219 30.83 -21.74 39.25
N GLY D 220 30.76 -21.95 37.93
CA GLY D 220 29.58 -21.50 37.22
C GLY D 220 29.42 -19.97 37.27
N THR D 221 28.20 -19.53 36.96
CA THR D 221 27.90 -18.11 36.94
C THR D 221 28.09 -17.46 38.30
N GLY D 222 27.68 -18.14 39.38
CA GLY D 222 27.83 -17.56 40.70
C GLY D 222 29.27 -17.23 41.08
N GLY D 223 30.24 -17.76 40.32
CA GLY D 223 31.63 -17.43 40.60
C GLY D 223 32.01 -16.03 40.14
N ILE D 224 31.43 -15.57 39.02
CA ILE D 224 31.60 -14.18 38.62
C ILE D 224 31.25 -13.26 39.77
N TRP D 225 30.06 -13.47 40.35
CA TRP D 225 29.55 -12.56 41.34
C TRP D 225 30.27 -12.68 42.68
N ILE D 226 30.77 -13.88 43.00
CA ILE D 226 31.67 -14.00 44.15
C ILE D 226 32.91 -13.12 43.93
N ALA D 227 33.50 -13.20 42.73
CA ALA D 227 34.71 -12.43 42.44
C ALA D 227 34.45 -10.93 42.45
N VAL D 228 33.36 -10.49 41.80
CA VAL D 228 32.98 -9.08 41.83
C VAL D 228 32.77 -8.61 43.25
N ALA D 229 31.99 -9.35 44.04
CA ALA D 229 31.70 -8.90 45.40
C ALA D 229 32.97 -8.80 46.23
N ASN D 230 33.95 -9.68 46.00
CA ASN D 230 35.23 -9.61 46.73
C ASN D 230 35.94 -8.27 46.53
N THR D 231 35.73 -7.59 45.40
CA THR D 231 36.46 -6.34 45.17
C THR D 231 35.96 -5.22 46.08
N LEU D 232 34.80 -5.39 46.70
CA LEU D 232 34.25 -4.40 47.60
C LEU D 232 35.02 -4.41 48.92
N PRO D 233 35.10 -3.27 49.61
CA PRO D 233 35.61 -3.27 50.98
C PRO D 233 34.69 -4.08 51.89
N LYS D 234 35.25 -5.14 52.50
CA LYS D 234 34.44 -6.07 53.29
C LYS D 234 33.67 -5.34 54.38
N GLU D 235 34.30 -4.34 55.01
CA GLU D 235 33.65 -3.67 56.13
C GLU D 235 32.36 -2.95 55.73
N LYS D 236 32.18 -2.65 54.43
CA LYS D 236 30.97 -2.00 53.94
C LYS D 236 29.89 -2.98 53.52
N THR D 237 30.05 -4.27 53.83
CA THR D 237 29.05 -5.29 53.55
C THR D 237 28.50 -5.89 54.84
N ARG D 238 27.31 -6.49 54.73
CA ARG D 238 26.63 -7.17 55.83
C ARG D 238 25.72 -8.23 55.19
N PHE D 239 26.28 -9.43 54.98
CA PHE D 239 25.63 -10.55 54.30
C PHE D 239 25.29 -11.66 55.29
N GLY D 240 24.20 -12.37 55.01
CA GLY D 240 23.79 -13.50 55.83
C GLY D 240 22.56 -13.20 56.67
N GLU D 241 22.35 -14.04 57.69
CA GLU D 241 21.22 -13.85 58.58
C GLU D 241 21.24 -12.47 59.23
N LYS D 242 22.43 -11.90 59.46
CA LYS D 242 22.51 -10.57 60.07
C LYS D 242 22.01 -9.48 59.14
N GLY D 243 21.91 -9.75 57.83
CA GLY D 243 21.54 -8.73 56.87
C GLY D 243 20.18 -8.92 56.23
N LYS D 244 19.31 -9.74 56.84
CA LYS D 244 17.95 -9.88 56.35
C LYS D 244 17.15 -8.64 56.74
N VAL D 245 16.50 -8.02 55.76
CA VAL D 245 15.68 -6.84 56.01
C VAL D 245 14.26 -7.32 56.33
N THR D 246 13.70 -6.81 57.42
CA THR D 246 12.33 -7.16 57.82
C THR D 246 11.37 -6.00 57.78
N LYS D 247 11.82 -4.78 58.10
CA LYS D 247 11.02 -3.57 57.97
C LYS D 247 11.75 -2.54 57.11
N VAL D 248 10.97 -1.73 56.39
CA VAL D 248 11.46 -0.55 55.67
C VAL D 248 10.49 0.56 56.00
N ASN D 249 10.92 1.56 56.79
CA ASN D 249 10.06 2.66 57.22
C ASN D 249 10.28 3.81 56.25
N ALA D 250 9.49 3.84 55.18
CA ALA D 250 9.70 4.80 54.11
C ALA D 250 9.66 6.24 54.60
N ASN D 251 8.80 6.55 55.57
CA ASN D 251 8.65 7.94 55.99
C ASN D 251 9.75 8.37 56.95
N ASN D 252 10.30 7.43 57.73
CA ASN D 252 11.44 7.71 58.61
C ASN D 252 12.79 7.39 57.98
N LYS D 253 12.80 6.90 56.73
CA LYS D 253 14.00 6.46 56.01
C LYS D 253 14.90 5.54 56.85
N THR D 254 14.29 4.46 57.34
CA THR D 254 14.97 3.48 58.18
C THR D 254 14.57 2.08 57.77
N VAL D 255 15.56 1.19 57.60
CA VAL D 255 15.34 -0.23 57.40
C VAL D 255 15.79 -0.94 58.66
N THR D 256 14.98 -1.91 59.13
CA THR D 256 15.28 -2.71 60.32
C THR D 256 15.57 -4.15 59.91
N LEU D 257 16.61 -4.72 60.50
CA LEU D 257 17.06 -6.07 60.17
C LEU D 257 16.43 -7.11 61.10
N GLN D 258 16.71 -8.39 60.81
CA GLN D 258 16.18 -9.48 61.62
C GLN D 258 16.67 -9.40 63.05
N ASP D 259 17.97 -9.16 63.23
CA ASP D 259 18.59 -9.03 64.54
C ASP D 259 18.28 -7.70 65.21
N GLY D 260 17.45 -6.85 64.61
CA GLY D 260 17.07 -5.58 65.23
C GLY D 260 17.94 -4.39 64.89
N THR D 261 19.03 -4.58 64.13
CA THR D 261 19.85 -3.47 63.70
C THR D 261 19.06 -2.54 62.78
N THR D 262 19.09 -1.25 63.05
CA THR D 262 18.41 -0.28 62.20
C THR D 262 19.43 0.52 61.41
N ILE D 263 19.25 0.56 60.09
CA ILE D 263 20.10 1.31 59.18
C ILE D 263 19.29 2.51 58.73
N GLY D 264 19.86 3.71 58.88
CA GLY D 264 19.24 4.92 58.40
C GLY D 264 19.89 5.31 57.07
N TYR D 265 19.05 5.73 56.13
CA TYR D 265 19.52 6.06 54.78
C TYR D 265 19.01 7.43 54.37
N LYS D 266 19.73 8.07 53.48
CA LYS D 266 19.18 9.24 52.80
C LYS D 266 18.54 8.88 51.46
N LYS D 267 19.08 7.88 50.73
CA LYS D 267 18.47 7.33 49.52
C LYS D 267 18.61 5.82 49.53
N LEU D 268 17.59 5.11 49.00
CA LEU D 268 17.55 3.64 49.08
C LEU D 268 17.46 3.00 47.70
N VAL D 269 18.38 2.08 47.42
CA VAL D 269 18.36 1.26 46.22
C VAL D 269 17.95 -0.14 46.66
N SER D 270 16.70 -0.50 46.42
CA SER D 270 16.15 -1.78 46.85
C SER D 270 16.05 -2.70 45.64
N THR D 271 16.78 -3.82 45.69
CA THR D 271 16.73 -4.79 44.60
C THR D 271 15.97 -6.04 44.97
N MET D 272 15.25 -6.04 46.08
CA MET D 272 14.36 -7.15 46.34
C MET D 272 13.16 -7.07 45.41
N ALA D 273 12.41 -8.17 45.30
CA ALA D 273 11.19 -8.17 44.52
C ALA D 273 10.24 -7.09 45.04
N VAL D 274 9.67 -6.30 44.11
CA VAL D 274 8.91 -5.13 44.55
C VAL D 274 7.67 -5.52 45.34
N ASP D 275 7.11 -6.71 45.09
CA ASP D 275 5.94 -7.11 45.86
C ASP D 275 6.30 -7.38 47.32
N PHE D 276 7.48 -7.94 47.58
CA PHE D 276 7.95 -8.10 48.96
C PHE D 276 8.31 -6.75 49.57
N LEU D 277 8.88 -5.84 48.77
CA LEU D 277 9.16 -4.52 49.29
C LEU D 277 7.89 -3.85 49.79
N ALA D 278 6.79 -4.00 49.03
CA ALA D 278 5.52 -3.42 49.45
C ALA D 278 5.05 -4.05 50.75
N GLU D 279 5.23 -5.36 50.90
CA GLU D 279 4.90 -5.98 52.18
C GLU D 279 5.76 -5.43 53.30
N ALA D 280 7.06 -5.26 53.04
CA ALA D 280 7.99 -4.82 54.08
C ALA D 280 7.84 -3.36 54.46
N MET D 281 7.10 -2.58 53.68
CA MET D 281 6.78 -1.21 54.02
C MET D 281 5.44 -1.08 54.73
N ASN D 282 4.72 -2.18 54.93
CA ASN D 282 3.35 -2.20 55.46
C ASN D 282 2.52 -1.08 54.81
N ASP D 283 2.52 -1.09 53.47
CA ASP D 283 1.88 -0.08 52.62
C ASP D 283 0.79 -0.77 51.80
N GLN D 284 -0.45 -0.76 52.30
CA GLN D 284 -1.49 -1.56 51.65
C GLN D 284 -1.85 -1.05 50.24
N GLU D 285 -1.57 0.22 49.91
CA GLU D 285 -1.80 0.67 48.55
C GLU D 285 -0.81 0.02 47.58
N LEU D 286 0.48 -0.01 47.94
CA LEU D 286 1.48 -0.64 47.10
C LEU D 286 1.28 -2.15 47.05
N VAL D 287 0.90 -2.76 48.17
CA VAL D 287 0.66 -4.20 48.16
C VAL D 287 -0.45 -4.54 47.17
N GLY D 288 -1.54 -3.79 47.19
CA GLY D 288 -2.60 -4.03 46.23
C GLY D 288 -2.13 -3.93 44.79
N LEU D 289 -1.33 -2.90 44.49
CA LEU D 289 -0.81 -2.68 43.14
C LEU D 289 0.18 -3.77 42.75
N THR D 290 1.16 -4.06 43.61
CA THR D 290 2.12 -5.11 43.29
C THR D 290 1.42 -6.46 43.10
N LYS D 291 0.39 -6.73 43.88
CA LYS D 291 -0.34 -7.98 43.69
C LYS D 291 -1.00 -8.08 42.30
N GLN D 292 -1.11 -6.96 41.56
CA GLN D 292 -1.61 -7.01 40.18
C GLN D 292 -0.56 -7.51 39.19
N LEU D 293 0.71 -7.49 39.56
CA LEU D 293 1.77 -7.95 38.67
C LEU D 293 1.77 -9.48 38.59
N PHE D 294 1.91 -9.98 37.37
CA PHE D 294 1.92 -11.42 37.13
C PHE D 294 3.36 -11.91 37.03
N TYR D 295 3.59 -13.12 37.55
CA TYR D 295 4.91 -13.72 37.43
C TYR D 295 4.77 -15.21 37.38
N SER D 296 5.75 -15.88 36.76
CA SER D 296 5.81 -17.33 36.70
C SER D 296 6.94 -17.84 37.59
N SER D 297 6.76 -19.05 38.11
CA SER D 297 7.79 -19.74 38.89
C SER D 297 8.54 -20.72 37.99
N THR D 298 9.83 -20.91 38.29
CA THR D 298 10.71 -21.66 37.40
C THR D 298 11.35 -22.84 38.13
N HIS D 299 11.19 -24.02 37.54
CA HIS D 299 11.83 -25.24 38.01
C HIS D 299 13.10 -25.48 37.21
N VAL D 300 14.24 -25.60 37.89
CA VAL D 300 15.50 -25.98 37.26
C VAL D 300 15.75 -27.44 37.56
N ILE D 301 15.92 -28.24 36.53
CA ILE D 301 16.27 -29.66 36.70
C ILE D 301 17.66 -29.87 36.11
N GLY D 302 18.53 -30.50 36.89
CA GLY D 302 19.86 -30.87 36.43
C GLY D 302 19.93 -32.39 36.39
N VAL D 303 20.54 -32.92 35.34
CA VAL D 303 20.71 -34.36 35.19
C VAL D 303 22.16 -34.63 34.83
N GLY D 304 22.85 -35.43 35.65
CA GLY D 304 24.22 -35.81 35.37
C GLY D 304 24.27 -37.22 34.78
N VAL D 305 25.00 -37.35 33.68
CA VAL D 305 25.01 -38.58 32.91
C VAL D 305 26.43 -39.10 32.81
N ARG D 306 26.57 -40.42 32.82
CA ARG D 306 27.86 -41.06 32.62
C ARG D 306 28.13 -41.28 31.13
N GLY D 307 29.40 -41.15 30.78
CA GLY D 307 29.88 -41.38 29.43
C GLY D 307 30.57 -40.15 28.87
N SER D 308 31.25 -40.37 27.76
CA SER D 308 31.79 -39.22 27.07
C SER D 308 30.65 -38.60 26.28
N ARG D 309 30.83 -37.36 25.89
CA ARG D 309 29.71 -36.62 25.32
C ARG D 309 29.24 -37.29 24.03
N PRO D 310 27.96 -37.55 23.88
CA PRO D 310 27.46 -38.20 22.66
C PRO D 310 27.52 -37.29 21.44
N GLU D 311 27.81 -37.90 20.29
CA GLU D 311 27.86 -37.15 19.03
C GLU D 311 26.56 -36.41 18.76
N ARG D 312 25.41 -37.02 19.10
CA ARG D 312 24.14 -36.38 18.81
C ARG D 312 24.00 -35.08 19.58
N ILE D 313 24.72 -34.95 20.69
CA ILE D 313 24.72 -33.71 21.47
C ILE D 313 25.73 -32.72 20.89
N GLY D 314 27.01 -33.11 20.85
CA GLY D 314 28.00 -32.31 20.17
C GLY D 314 28.31 -31.01 20.90
N ASP D 315 28.64 -29.98 20.12
CA ASP D 315 29.05 -28.70 20.68
C ASP D 315 27.85 -27.80 20.97
N LYS D 316 26.67 -28.39 21.13
CA LYS D 316 25.45 -27.62 21.30
C LYS D 316 25.46 -26.93 22.64
N CYS D 317 24.67 -25.85 22.76
CA CYS D 317 24.73 -25.08 24.00
C CYS D 317 23.35 -24.96 24.63
N TRP D 318 22.46 -24.12 24.12
CA TRP D 318 21.08 -24.17 24.57
C TRP D 318 20.16 -24.70 23.48
N LEU D 319 19.09 -25.35 23.90
CA LEU D 319 18.15 -25.97 22.99
C LEU D 319 16.74 -25.53 23.36
N TYR D 320 15.93 -25.29 22.35
CA TYR D 320 14.56 -24.82 22.53
C TYR D 320 13.56 -25.91 22.18
N PHE D 321 12.49 -26.03 22.96
CA PHE D 321 11.55 -27.14 22.86
C PHE D 321 10.10 -26.68 22.81
N PRO D 322 9.61 -26.32 21.62
CA PRO D 322 8.17 -25.96 21.48
C PRO D 322 7.20 -27.14 21.58
N GLU D 323 7.61 -28.36 21.28
CA GLU D 323 6.62 -29.45 21.23
C GLU D 323 6.24 -29.93 22.62
N ASP D 324 5.13 -30.67 22.68
CA ASP D 324 4.57 -31.04 23.98
C ASP D 324 4.93 -32.46 24.40
N ASN D 325 6.09 -32.97 23.95
CA ASN D 325 6.56 -34.25 24.40
C ASN D 325 7.63 -34.13 25.46
N CYS D 326 7.77 -32.94 26.05
CA CYS D 326 8.68 -32.76 27.19
C CYS D 326 8.17 -31.56 27.96
N PRO D 327 8.26 -31.56 29.29
CA PRO D 327 7.73 -30.44 30.06
C PRO D 327 8.57 -29.18 30.02
N PHE D 328 9.85 -29.28 29.67
CA PHE D 328 10.75 -28.13 29.70
C PHE D 328 10.69 -27.33 28.41
N TYR D 329 11.00 -26.03 28.51
CA TYR D 329 11.09 -25.20 27.31
C TYR D 329 12.52 -25.06 26.80
N ARG D 330 13.49 -25.16 27.68
CA ARG D 330 14.87 -24.99 27.25
C ARG D 330 15.75 -26.00 27.96
N ALA D 331 16.83 -26.39 27.29
CA ALA D 331 17.79 -27.32 27.84
C ALA D 331 19.16 -26.77 27.56
N THR D 332 20.12 -27.10 28.41
CA THR D 332 21.48 -26.66 28.23
C THR D 332 22.44 -27.82 28.41
N ILE D 333 23.44 -27.90 27.55
CA ILE D 333 24.51 -28.91 27.72
C ILE D 333 25.53 -28.27 28.65
N PHE D 334 25.19 -28.26 29.95
CA PHE D 334 26.00 -27.49 30.89
C PHE D 334 27.44 -27.97 30.93
N SER D 335 27.68 -29.25 30.62
CA SER D 335 29.03 -29.81 30.62
C SER D 335 29.89 -29.27 29.47
N ASN D 336 29.27 -28.73 28.40
CA ASN D 336 30.06 -28.09 27.35
C ASN D 336 30.60 -26.73 27.74
N TYR D 337 30.00 -26.05 28.71
CA TYR D 337 30.43 -24.70 29.04
C TYR D 337 31.78 -24.71 29.76
N SER D 338 32.02 -25.69 30.64
CA SER D 338 33.29 -25.72 31.36
C SER D 338 33.54 -27.11 31.91
N PRO D 339 34.76 -27.63 31.79
CA PRO D 339 35.03 -28.95 32.37
C PRO D 339 34.94 -28.98 33.88
N TYR D 340 34.97 -27.84 34.55
CA TYR D 340 34.83 -27.80 35.99
C TYR D 340 33.38 -27.69 36.45
N ASN D 341 32.43 -27.91 35.54
CA ASN D 341 31.00 -27.95 35.86
C ASN D 341 30.54 -29.32 36.35
N GLN D 342 31.43 -30.32 36.39
CA GLN D 342 31.09 -31.69 36.71
C GLN D 342 32.37 -32.44 37.09
N PRO D 343 32.26 -33.59 37.75
CA PRO D 343 33.47 -34.25 38.24
C PRO D 343 34.38 -34.72 37.12
N GLU D 344 35.66 -34.86 37.47
CA GLU D 344 36.66 -35.34 36.53
C GLU D 344 36.41 -36.81 36.20
N ALA D 345 37.03 -37.28 35.12
CA ALA D 345 36.76 -38.64 34.65
C ALA D 345 37.14 -39.68 35.70
N SER D 346 38.18 -39.43 36.49
CA SER D 346 38.61 -40.39 37.50
C SER D 346 37.67 -40.49 38.69
N ALA D 347 36.73 -39.55 38.83
CA ALA D 347 35.80 -39.57 39.95
C ALA D 347 34.83 -40.74 39.79
N ALA D 348 34.63 -41.49 40.87
CA ALA D 348 33.79 -42.67 40.86
C ALA D 348 32.42 -42.37 41.47
N LEU D 349 31.35 -42.72 40.73
CA LEU D 349 29.98 -42.51 41.20
C LEU D 349 29.10 -43.69 40.80
N PRO D 350 28.18 -44.09 41.69
CA PRO D 350 27.21 -45.11 41.32
C PRO D 350 26.15 -44.55 40.38
N THR D 351 25.63 -45.43 39.54
CA THR D 351 24.46 -45.09 38.73
C THR D 351 23.21 -45.08 39.60
N MET D 352 22.44 -44.00 39.51
CA MET D 352 21.20 -43.90 40.26
C MET D 352 20.04 -44.56 39.52
N GLN D 353 19.92 -44.31 38.22
CA GLN D 353 18.84 -44.86 37.40
C GLN D 353 19.28 -44.80 35.95
N LEU D 354 18.57 -45.55 35.11
CA LEU D 354 18.70 -45.38 33.67
C LEU D 354 17.67 -44.37 33.19
N ALA D 355 17.88 -43.83 31.99
CA ALA D 355 17.00 -42.78 31.52
C ALA D 355 15.54 -43.22 31.42
N ASP D 356 15.31 -44.51 31.19
CA ASP D 356 13.96 -45.06 31.11
C ASP D 356 13.34 -45.36 32.48
N GLY D 357 14.05 -45.10 33.58
CA GLY D 357 13.52 -45.29 34.92
C GLY D 357 13.94 -46.57 35.60
N SER D 358 14.54 -47.51 34.86
CA SER D 358 14.80 -48.83 35.42
C SER D 358 16.05 -48.79 36.29
N ARG D 359 16.18 -49.79 37.16
CA ARG D 359 17.32 -49.88 38.05
C ARG D 359 18.59 -50.24 37.26
N PRO D 360 19.76 -49.78 37.69
CA PRO D 360 21.00 -50.14 37.01
C PRO D 360 21.35 -51.57 37.35
N GLN D 361 22.15 -52.17 36.46
CA GLN D 361 22.62 -53.52 36.73
C GLN D 361 23.44 -53.56 38.01
N SER D 362 24.38 -52.63 38.14
CA SER D 362 25.29 -52.58 39.26
C SER D 362 25.04 -51.34 40.11
N THR D 363 25.09 -51.52 41.43
CA THR D 363 25.09 -50.39 42.34
C THR D 363 26.50 -49.86 42.63
N GLU D 364 27.54 -50.50 42.12
CA GLU D 364 28.91 -50.09 42.43
C GLU D 364 29.29 -48.84 41.65
N ALA D 365 30.16 -48.05 42.26
CA ALA D 365 30.63 -46.82 41.65
C ALA D 365 31.68 -47.11 40.58
N LYS D 366 31.41 -46.69 39.36
CA LYS D 366 32.36 -46.75 38.25
C LYS D 366 32.85 -45.35 37.96
N GLU D 367 33.93 -45.27 37.19
CA GLU D 367 34.49 -43.97 36.83
C GLU D 367 33.62 -43.30 35.75
N GLY D 368 33.98 -42.06 35.42
CA GLY D 368 33.36 -41.34 34.33
C GLY D 368 33.99 -41.63 32.98
N PRO D 369 34.14 -40.61 32.13
CA PRO D 369 33.77 -39.18 32.25
C PRO D 369 32.27 -38.91 32.36
N TYR D 370 31.89 -37.66 32.55
CA TYR D 370 30.51 -37.28 32.74
C TYR D 370 30.15 -36.09 31.86
N TRP D 371 28.86 -35.98 31.56
CA TRP D 371 28.30 -34.76 30.98
C TRP D 371 27.02 -34.42 31.72
N SER D 372 26.44 -33.28 31.37
CA SER D 372 25.48 -32.64 32.26
C SER D 372 24.48 -31.86 31.44
N ILE D 373 23.20 -32.05 31.74
CA ILE D 373 22.10 -31.34 31.11
C ILE D 373 21.37 -30.54 32.17
N MET D 374 20.95 -29.33 31.82
CA MET D 374 20.07 -28.52 32.67
C MET D 374 18.79 -28.19 31.92
N LEU D 375 17.67 -28.37 32.59
CA LEU D 375 16.35 -28.12 32.02
C LEU D 375 15.67 -26.96 32.74
N GLU D 376 14.76 -26.32 32.05
CA GLU D 376 13.94 -25.27 32.64
C GLU D 376 12.47 -25.55 32.37
N VAL D 377 11.66 -25.52 33.43
CA VAL D 377 10.21 -25.68 33.33
C VAL D 377 9.59 -24.49 34.07
N SER D 378 8.60 -23.86 33.46
CA SER D 378 7.93 -22.73 34.08
C SER D 378 6.53 -23.12 34.50
N GLU D 379 6.05 -22.48 35.57
CA GLU D 379 4.79 -22.81 36.23
C GLU D 379 4.00 -21.54 36.50
N SER D 380 2.68 -21.62 36.30
CA SER D 380 1.78 -20.53 36.64
C SER D 380 0.37 -21.08 36.83
N SER D 381 -0.52 -20.21 37.31
CA SER D 381 -1.93 -20.57 37.48
C SER D 381 -2.57 -21.02 36.16
N MET D 382 -2.04 -20.60 35.00
CA MET D 382 -2.55 -21.02 33.70
C MET D 382 -1.86 -22.27 33.18
N LYS D 383 -0.93 -22.82 33.95
CA LYS D 383 -0.09 -23.93 33.53
C LYS D 383 0.57 -24.53 34.77
N PRO D 384 -0.12 -25.39 35.52
CA PRO D 384 0.45 -25.90 36.77
C PRO D 384 1.54 -26.92 36.50
N VAL D 385 2.29 -27.22 37.55
CA VAL D 385 3.45 -28.12 37.49
C VAL D 385 3.43 -28.97 38.74
N ASN D 386 3.41 -30.29 38.56
CA ASN D 386 3.38 -31.27 39.64
C ASN D 386 4.79 -31.37 40.23
N GLN D 387 4.99 -30.74 41.39
CA GLN D 387 6.31 -30.74 42.02
C GLN D 387 6.82 -32.15 42.27
N GLU D 388 5.91 -33.09 42.55
CA GLU D 388 6.31 -34.44 42.90
C GLU D 388 6.81 -35.24 41.69
N THR D 389 6.35 -34.91 40.48
CA THR D 389 6.70 -35.72 39.32
C THR D 389 7.54 -34.99 38.26
N ILE D 390 7.79 -33.68 38.40
CA ILE D 390 8.41 -32.95 37.30
C ILE D 390 9.80 -33.51 36.98
N LEU D 391 10.56 -33.94 38.00
CA LEU D 391 11.87 -34.52 37.72
C LEU D 391 11.77 -35.73 36.81
N ALA D 392 10.88 -36.67 37.12
CA ALA D 392 10.75 -37.85 36.27
C ALA D 392 10.25 -37.49 34.88
N ASP D 393 9.23 -36.63 34.79
CA ASP D 393 8.72 -36.22 33.47
C ASP D 393 9.81 -35.55 32.65
N CYS D 394 10.69 -34.77 33.29
CA CYS D 394 11.81 -34.20 32.55
C CYS D 394 12.72 -35.31 32.02
N ILE D 395 13.08 -36.26 32.88
CA ILE D 395 13.95 -37.35 32.43
C ILE D 395 13.30 -38.09 31.27
N GLN D 396 11.98 -38.32 31.34
CA GLN D 396 11.30 -38.92 30.20
C GLN D 396 11.39 -38.02 28.97
N GLY D 397 11.23 -36.70 29.16
CA GLY D 397 11.37 -35.79 28.06
C GLY D 397 12.75 -35.83 27.42
N LEU D 398 13.77 -36.12 28.20
CA LEU D 398 15.09 -36.29 27.60
C LEU D 398 15.11 -37.50 26.67
N VAL D 399 14.37 -38.56 27.00
CA VAL D 399 14.28 -39.70 26.09
C VAL D 399 13.41 -39.37 24.89
N ASN D 400 12.29 -38.67 25.10
CA ASN D 400 11.40 -38.41 23.98
C ASN D 400 12.08 -37.54 22.94
N THR D 401 12.89 -36.59 23.38
CA THR D 401 13.61 -35.70 22.48
C THR D 401 14.94 -36.27 22.02
N GLU D 402 15.22 -37.53 22.35
CA GLU D 402 16.44 -38.19 21.91
C GLU D 402 17.68 -37.50 22.43
N MET D 403 17.55 -36.78 23.55
CA MET D 403 18.76 -36.28 24.19
C MET D 403 19.44 -37.39 24.99
N LEU D 404 18.66 -38.25 25.61
CA LEU D 404 19.17 -39.42 26.29
C LEU D 404 18.58 -40.66 25.64
N LYS D 405 19.43 -41.65 25.41
CA LYS D 405 18.96 -42.99 25.09
C LYS D 405 18.39 -43.63 26.33
N PRO D 406 17.42 -44.55 26.19
CA PRO D 406 16.89 -45.27 27.38
C PRO D 406 17.95 -45.87 28.26
N THR D 407 19.09 -46.29 27.68
CA THR D 407 20.13 -46.97 28.44
C THR D 407 21.15 -46.05 29.07
N ASP D 408 21.10 -44.74 28.81
CA ASP D 408 22.05 -43.83 29.42
C ASP D 408 21.96 -43.90 30.95
N GLU D 409 23.12 -43.78 31.61
CA GLU D 409 23.22 -43.95 33.05
C GLU D 409 23.24 -42.59 33.76
N ILE D 410 22.26 -42.34 34.61
CA ILE D 410 22.15 -41.09 35.34
C ILE D 410 22.85 -41.24 36.69
N VAL D 411 23.79 -40.32 36.98
CA VAL D 411 24.56 -40.36 38.23
C VAL D 411 24.21 -39.22 39.17
N SER D 412 23.40 -38.26 38.74
CA SER D 412 23.05 -37.15 39.63
C SER D 412 21.77 -36.50 39.15
N THR D 413 20.93 -36.08 40.09
CA THR D 413 19.76 -35.28 39.74
C THR D 413 19.73 -34.03 40.59
N TYR D 414 19.09 -33.00 40.05
CA TYR D 414 18.98 -31.71 40.72
C TYR D 414 17.60 -31.16 40.45
N HIS D 415 16.95 -30.63 41.49
CA HIS D 415 15.68 -29.94 41.28
C HIS D 415 15.50 -28.85 42.34
N ARG D 416 15.41 -27.61 41.89
CA ARG D 416 15.06 -26.48 42.74
C ARG D 416 13.96 -25.68 42.06
N ARG D 417 13.04 -25.15 42.86
CA ARG D 417 11.93 -24.38 42.33
C ARG D 417 12.06 -22.96 42.86
N PHE D 418 12.12 -21.99 41.95
CA PHE D 418 12.26 -20.58 42.30
C PHE D 418 10.89 -19.94 42.14
N ASP D 419 10.34 -19.43 43.24
CA ASP D 419 8.99 -18.88 43.19
C ASP D 419 8.91 -17.71 42.22
N HIS D 420 9.78 -16.70 42.37
CA HIS D 420 9.81 -15.59 41.42
C HIS D 420 10.86 -15.92 40.36
N GLY D 421 10.42 -16.44 39.22
CA GLY D 421 11.27 -16.82 38.12
C GLY D 421 11.29 -15.78 37.02
N TYR D 422 10.16 -15.60 36.34
CA TYR D 422 10.06 -14.60 35.29
C TYR D 422 9.02 -13.56 35.66
N PRO D 423 9.36 -12.26 35.62
CA PRO D 423 8.32 -11.22 35.64
C PRO D 423 7.70 -11.12 34.26
N THR D 424 6.40 -11.40 34.18
CA THR D 424 5.76 -11.62 32.89
C THR D 424 5.45 -10.31 32.17
N PRO D 425 5.93 -10.10 30.96
CA PRO D 425 5.55 -8.92 30.20
C PRO D 425 4.11 -9.00 29.72
N THR D 426 3.16 -8.95 30.65
CA THR D 426 1.75 -8.95 30.29
C THR D 426 1.36 -7.61 29.64
N LEU D 427 0.21 -7.62 28.97
CA LEU D 427 -0.36 -6.36 28.49
C LEU D 427 -0.55 -5.35 29.63
N GLU D 428 -0.86 -5.81 30.84
CA GLU D 428 -1.17 -4.94 31.96
C GLU D 428 0.06 -4.39 32.67
N ARG D 429 1.26 -4.89 32.35
CA ARG D 429 2.42 -4.62 33.20
C ARG D 429 2.71 -3.12 33.32
N GLU D 430 2.81 -2.41 32.21
CA GLU D 430 3.19 -1.00 32.29
C GLU D 430 2.14 -0.16 32.99
N GLY D 431 0.87 -0.42 32.74
CA GLY D 431 -0.17 0.30 33.46
C GLY D 431 -0.01 0.22 34.96
N THR D 432 0.30 -0.97 35.47
CA THR D 432 0.56 -1.13 36.91
C THR D 432 1.92 -0.57 37.29
N LEU D 433 2.95 -0.80 36.48
CA LEU D 433 4.28 -0.36 36.87
C LEU D 433 4.38 1.16 36.91
N THR D 434 3.68 1.88 36.00
CA THR D 434 3.70 3.35 36.04
C THR D 434 2.87 3.93 37.17
N GLN D 435 2.16 3.10 37.94
CA GLN D 435 1.58 3.51 39.20
C GLN D 435 2.51 3.21 40.38
N ILE D 436 3.30 2.14 40.30
CA ILE D 436 4.10 1.74 41.46
C ILE D 436 5.39 2.53 41.55
N LEU D 437 6.16 2.56 40.45
CA LEU D 437 7.48 3.15 40.52
C LEU D 437 7.52 4.64 40.89
N PRO D 438 6.63 5.51 40.39
CA PRO D 438 6.73 6.91 40.85
C PRO D 438 6.44 7.06 42.33
N LYS D 439 5.52 6.27 42.87
CA LYS D 439 5.27 6.30 44.32
C LYS D 439 6.53 5.94 45.11
N LEU D 440 7.24 4.88 44.70
CA LEU D 440 8.47 4.55 45.42
C LEU D 440 9.56 5.59 45.19
N GLN D 441 9.58 6.21 44.00
CA GLN D 441 10.54 7.28 43.71
C GLN D 441 10.27 8.51 44.59
N ASP D 442 8.99 8.81 44.85
CA ASP D 442 8.68 9.97 45.66
C ASP D 442 9.08 9.77 47.11
N LYS D 443 9.21 8.52 47.56
CA LYS D 443 9.71 8.23 48.89
C LYS D 443 11.24 8.01 48.88
N ASP D 444 11.93 8.48 47.83
CA ASP D 444 13.38 8.32 47.67
C ASP D 444 13.80 6.85 47.66
N ILE D 445 13.07 6.02 46.93
CA ILE D 445 13.38 4.59 46.85
C ILE D 445 13.59 4.20 45.40
N TRP D 446 14.81 3.79 45.08
CA TRP D 446 15.14 3.29 43.75
C TRP D 446 14.93 1.79 43.77
N SER D 447 13.72 1.35 43.43
CA SER D 447 13.40 -0.08 43.36
C SER D 447 13.77 -0.58 41.96
N ARG D 448 14.84 -1.37 41.87
CA ARG D 448 15.44 -1.70 40.58
C ARG D 448 15.81 -3.18 40.56
N GLY D 449 15.76 -3.77 39.38
CA GLY D 449 16.23 -5.13 39.21
C GLY D 449 15.21 -6.01 38.52
N ARG D 450 15.59 -7.28 38.38
CA ARG D 450 14.73 -8.27 37.72
C ARG D 450 13.33 -8.26 38.28
N PHE D 451 13.22 -8.23 39.61
CA PHE D 451 11.94 -8.06 40.29
C PHE D 451 11.84 -6.78 41.10
N GLY D 452 12.96 -6.07 41.30
CA GLY D 452 12.87 -4.72 41.85
C GLY D 452 12.07 -3.76 40.98
N SER D 453 12.23 -3.86 39.66
CA SER D 453 11.46 -3.05 38.74
C SER D 453 10.65 -3.87 37.73
N TRP D 454 10.76 -5.20 37.76
CA TRP D 454 9.81 -6.12 37.14
C TRP D 454 9.79 -6.07 35.63
N ARG D 455 10.84 -5.58 34.97
CA ARG D 455 10.87 -5.49 33.51
C ARG D 455 11.83 -6.53 32.97
N TYR D 456 11.26 -7.63 32.47
CA TYR D 456 12.03 -8.77 32.00
C TYR D 456 13.15 -8.36 31.03
N GLU D 457 12.82 -7.49 30.07
CA GLU D 457 13.77 -7.17 29.01
C GLU D 457 15.06 -6.52 29.53
N VAL D 458 15.07 -6.02 30.77
CA VAL D 458 16.33 -5.57 31.37
C VAL D 458 16.65 -6.35 32.64
N GLY D 459 16.24 -7.62 32.69
CA GLY D 459 16.40 -8.45 33.88
C GLY D 459 17.45 -9.56 33.91
N ASN D 460 18.15 -9.76 32.80
CA ASN D 460 19.29 -10.66 32.79
C ASN D 460 20.49 -9.94 33.41
N GLN D 461 21.66 -10.60 33.38
CA GLN D 461 22.76 -10.19 34.24
C GLN D 461 23.36 -8.83 33.84
N ASP D 462 23.60 -8.60 32.54
CA ASP D 462 24.28 -7.34 32.20
C ASP D 462 23.34 -6.15 32.39
N HIS D 463 22.10 -6.24 31.93
CA HIS D 463 21.16 -5.15 32.15
C HIS D 463 20.95 -4.91 33.66
N SER D 464 20.75 -5.98 34.43
CA SER D 464 20.46 -5.80 35.85
C SER D 464 21.63 -5.14 36.57
N PHE D 465 22.86 -5.62 36.30
CA PHE D 465 24.03 -4.99 36.88
C PHE D 465 24.02 -3.50 36.62
N MET D 466 23.68 -3.11 35.40
CA MET D 466 23.69 -1.70 35.04
C MET D 466 22.51 -0.96 35.64
N LEU D 467 21.39 -1.65 35.91
CA LEU D 467 20.28 -0.98 36.58
C LEU D 467 20.75 -0.38 37.90
N GLY D 468 21.54 -1.14 38.66
CA GLY D 468 22.08 -0.63 39.90
C GLY D 468 23.12 0.45 39.69
N VAL D 469 23.97 0.27 38.68
CA VAL D 469 24.99 1.27 38.37
C VAL D 469 24.34 2.61 38.00
N GLU D 470 23.36 2.57 37.10
CA GLU D 470 22.69 3.79 36.66
C GLU D 470 21.85 4.41 37.76
N ALA D 471 21.26 3.59 38.62
CA ALA D 471 20.50 4.11 39.76
C ALA D 471 21.41 4.89 40.71
N VAL D 472 22.59 4.37 40.99
CA VAL D 472 23.54 5.14 41.77
C VAL D 472 23.96 6.39 41.01
N ASP D 473 24.24 6.23 39.72
CA ASP D 473 24.72 7.35 38.91
C ASP D 473 23.68 8.46 38.86
N ASN D 474 22.40 8.10 38.93
CA ASN D 474 21.35 9.09 39.01
C ASN D 474 21.30 9.75 40.39
N ILE D 475 21.53 8.96 41.44
CA ILE D 475 21.49 9.47 42.81
C ILE D 475 22.59 10.50 43.04
N VAL D 476 23.79 10.23 42.53
CA VAL D 476 24.96 11.05 42.82
C VAL D 476 25.24 12.05 41.72
N ASN D 477 25.28 11.58 40.47
CA ASN D 477 25.79 12.39 39.36
C ASN D 477 24.69 12.88 38.43
N GLY D 478 23.42 12.66 38.77
CA GLY D 478 22.34 13.08 37.88
C GLY D 478 22.29 12.41 36.52
N ALA D 479 22.84 11.21 36.36
CA ALA D 479 22.79 10.54 35.07
C ALA D 479 21.38 10.01 34.80
N VAL D 480 21.00 10.00 33.53
CA VAL D 480 19.71 9.43 33.11
C VAL D 480 19.74 7.91 33.28
N GLU D 481 18.67 7.37 33.84
CA GLU D 481 18.53 5.92 33.99
C GLU D 481 18.07 5.35 32.64
N LEU D 482 19.05 5.06 31.79
CA LEU D 482 18.78 4.72 30.40
C LEU D 482 18.26 3.30 30.27
N THR D 483 18.90 2.35 30.95
CA THR D 483 18.51 0.95 30.87
C THR D 483 17.11 0.72 31.43
N LEU D 484 16.78 1.41 32.53
CA LEU D 484 15.45 1.25 33.12
C LEU D 484 14.35 1.66 32.15
N ASN D 485 14.49 2.84 31.50
CA ASN D 485 13.41 3.45 30.73
C ASN D 485 13.55 3.36 29.22
N TYR D 486 14.73 3.05 28.70
CA TYR D 486 14.95 3.04 27.25
C TYR D 486 15.77 1.84 26.87
N PRO D 487 15.29 0.63 27.20
CA PRO D 487 16.04 -0.58 26.86
C PRO D 487 16.42 -0.66 25.39
N ASP D 488 15.50 -0.26 24.50
CA ASP D 488 15.79 -0.25 23.07
C ASP D 488 17.01 0.59 22.75
N PHE D 489 17.11 1.76 23.39
CA PHE D 489 18.20 2.68 23.12
C PHE D 489 19.54 2.07 23.52
N VAL D 490 19.65 1.51 24.72
CA VAL D 490 20.93 0.99 25.15
C VAL D 490 21.30 -0.26 24.36
N ASN D 491 20.32 -1.11 24.04
CA ASN D 491 20.65 -2.32 23.31
C ASN D 491 21.16 -2.01 21.91
N GLY D 492 20.72 -0.90 21.33
CA GLY D 492 21.09 -0.60 19.97
C GLY D 492 22.34 0.24 19.79
N ARG D 493 23.15 0.36 20.83
CA ARG D 493 24.33 1.20 20.77
C ARG D 493 25.46 0.50 21.50
N GLN D 494 26.67 0.99 21.25
CA GLN D 494 27.86 0.56 21.96
C GLN D 494 28.07 1.51 23.14
N ASN D 495 27.88 0.99 24.36
CA ASN D 495 27.93 1.80 25.57
C ASN D 495 29.33 1.80 26.17
N THR D 496 30.16 2.70 25.65
CA THR D 496 31.58 2.77 25.96
C THR D 496 31.94 3.92 26.90
N GLU D 497 30.99 4.80 27.24
CA GLU D 497 31.35 6.02 27.96
C GLU D 497 31.58 5.76 29.44
N ARG D 498 30.68 5.00 30.08
CA ARG D 498 30.87 4.73 31.51
C ARG D 498 31.84 3.56 31.64
N ARG D 499 32.92 3.78 32.39
CA ARG D 499 33.97 2.81 32.59
C ARG D 499 34.32 2.75 34.08
N LEU D 500 34.95 1.64 34.49
CA LEU D 500 35.27 1.46 35.90
C LEU D 500 36.31 2.44 36.40
N VAL D 501 37.02 3.12 35.50
CA VAL D 501 37.91 4.24 35.86
C VAL D 501 37.54 5.41 34.96
N ASP D 502 36.79 6.36 35.50
CA ASP D 502 36.40 7.57 34.79
C ASP D 502 37.42 8.69 35.02
N GLY D 503 37.24 9.80 34.29
CA GLY D 503 38.09 10.95 34.51
C GLY D 503 38.14 11.36 35.97
N ALA D 504 37.01 11.26 36.67
CA ALA D 504 36.96 11.70 38.06
C ALA D 504 38.04 11.03 38.90
N GLN D 505 38.24 9.72 38.70
CA GLN D 505 39.24 8.98 39.46
C GLN D 505 40.67 9.26 38.98
N VAL D 506 40.86 9.46 37.67
CA VAL D 506 42.20 9.78 37.18
C VAL D 506 42.67 11.13 37.69
N PHE D 507 41.78 12.13 37.72
CA PHE D 507 42.15 13.48 38.13
C PHE D 507 42.37 13.61 39.64
N ALA D 508 41.93 12.65 40.44
CA ALA D 508 42.11 12.73 41.88
C ALA D 508 43.45 12.17 42.34
N LYS D 509 44.01 11.21 41.60
CA LYS D 509 45.31 10.60 41.90
C LYS D 509 46.47 11.35 41.23
PA FAD E . -4.17 -14.02 -45.19
O1A FAD E . -4.41 -15.46 -44.96
O2A FAD E . -2.76 -13.56 -44.77
O5B FAD E . -4.35 -13.47 -46.68
C5B FAD E . -5.66 -13.26 -47.26
C4B FAD E . -5.66 -13.62 -48.74
O4B FAD E . -5.79 -12.43 -49.55
C3B FAD E . -4.44 -14.38 -49.27
O3B FAD E . -4.81 -15.62 -49.85
C2B FAD E . -3.85 -13.42 -50.31
O2B FAD E . -3.26 -14.13 -51.40
C1B FAD E . -5.10 -12.65 -50.75
N9A FAD E . -4.78 -11.39 -51.41
C8A FAD E . -3.84 -10.46 -51.03
N7A FAD E . -3.72 -9.45 -51.85
C5A FAD E . -4.64 -9.73 -52.84
C6A FAD E . -5.02 -9.04 -54.02
N6A FAD E . -4.49 -7.88 -54.40
N1A FAD E . -5.97 -9.60 -54.80
C2A FAD E . -6.51 -10.76 -54.43
N3A FAD E . -6.24 -11.50 -53.35
C4A FAD E . -5.29 -10.93 -52.60
N1 FAD E . -2.39 -18.83 -36.76
C2 FAD E . -2.67 -19.68 -35.71
O2 FAD E . -3.82 -19.90 -35.33
N3 FAD E . -1.64 -20.29 -35.03
C4 FAD E . -0.30 -20.16 -35.29
O4 FAD E . 0.51 -20.79 -34.60
C4X FAD E . 0.00 -19.27 -36.41
N5 FAD E . 1.26 -19.10 -36.75
C5X FAD E . 1.53 -18.24 -37.84
C6 FAD E . 2.85 -18.04 -38.23
C7 FAD E . 3.15 -17.20 -39.31
C7M FAD E . 4.59 -16.99 -39.70
C8 FAD E . 2.12 -16.56 -40.01
C8M FAD E . 2.41 -15.64 -41.16
C9 FAD E . 0.80 -16.77 -39.61
C9A FAD E . 0.51 -17.61 -38.54
N10 FAD E . -0.81 -17.86 -38.19
C10 FAD E . -1.11 -18.65 -37.08
C1' FAD E . -1.84 -17.05 -38.81
C2' FAD E . -2.86 -17.74 -39.68
O2' FAD E . -2.30 -17.88 -40.99
C3' FAD E . -4.01 -16.74 -39.80
O3' FAD E . -5.19 -17.10 -39.09
C4' FAD E . -4.37 -16.28 -41.20
O4' FAD E . -3.15 -15.95 -41.87
C5' FAD E . -5.32 -15.10 -41.08
O5' FAD E . -4.98 -14.13 -42.08
P FAD E . -6.05 -13.62 -43.10
O1P FAD E . -6.98 -14.76 -43.54
O2P FAD E . -6.65 -12.43 -42.43
O3P FAD E . -5.20 -13.16 -44.35
PA NAI F . -6.00 -17.87 -25.05
O1A NAI F . -4.85 -17.15 -24.38
O2A NAI F . -7.42 -17.78 -24.53
O5B NAI F . -5.57 -19.48 -25.25
C5B NAI F . -6.44 -20.19 -24.41
C4B NAI F . -5.88 -21.55 -24.10
O4B NAI F . -4.66 -21.76 -24.77
C3B NAI F . -5.61 -21.61 -22.56
O3B NAI F . -5.78 -22.92 -22.10
C2B NAI F . -4.13 -21.27 -22.52
O2B NAI F . -3.50 -21.72 -21.44
C1B NAI F . -3.70 -22.07 -23.77
N9A NAI F . -2.35 -21.71 -24.23
C8A NAI F . -1.84 -20.44 -24.67
N7A NAI F . -0.52 -20.50 -25.01
C5A NAI F . -0.17 -21.86 -24.77
C6A NAI F . 1.02 -22.57 -24.92
N6A NAI F . 2.14 -21.94 -25.37
N1A NAI F . 1.14 -23.89 -24.61
C2A NAI F . -0.03 -24.48 -24.16
N3A NAI F . -1.25 -23.96 -23.97
C4A NAI F . -1.30 -22.61 -24.28
O3 NAI F . -6.23 -17.04 -26.53
PN NAI F . -4.97 -16.99 -27.55
O1N NAI F . -4.03 -15.93 -27.10
O2N NAI F . -5.41 -17.08 -28.99
O5D NAI F . -3.97 -18.51 -27.36
C5D NAI F . -4.14 -19.32 -28.45
C4D NAI F . -2.78 -19.55 -29.10
O4D NAI F . -2.67 -18.76 -30.32
C3D NAI F . -1.64 -19.05 -28.13
O3D NAI F . -0.67 -20.07 -27.93
C2D NAI F . -1.06 -17.87 -28.91
O2D NAI F . 0.32 -17.77 -28.74
C1D NAI F . -1.36 -18.31 -30.38
N1N NAI F . -1.29 -17.16 -31.27
C2N NAI F . -0.34 -17.15 -32.31
C3N NAI F . -0.42 -16.22 -33.32
C7N NAI F . 0.64 -16.26 -34.34
O7N NAI F . 0.56 -15.80 -35.48
N7N NAI F . 1.82 -16.85 -33.93
C4N NAI F . -1.52 -15.18 -33.36
C5N NAI F . -2.27 -15.11 -32.05
C6N NAI F . -2.15 -16.04 -31.10
S SO4 G . -0.38 -37.06 -27.72
O1 SO4 G . -0.84 -37.38 -29.08
O2 SO4 G . -1.47 -37.30 -26.77
O3 SO4 G . 0.78 -37.89 -27.34
O4 SO4 G . 0.01 -35.66 -27.65
S SO4 H . 2.85 -19.37 -29.91
O1 SO4 H . 1.64 -19.85 -30.56
O2 SO4 H . 3.38 -18.20 -30.64
O3 SO4 H . 3.80 -20.48 -29.95
O4 SO4 H . 2.59 -19.02 -28.50
PA FAD I . 29.72 30.91 19.98
O1A FAD I . 28.63 31.78 20.50
O2A FAD I . 30.27 31.20 18.60
O5B FAD I . 30.93 30.90 20.98
C5B FAD I . 32.29 30.85 20.51
C4B FAD I . 33.15 31.63 21.48
O4B FAD I . 34.54 31.25 21.33
C3B FAD I . 33.09 33.15 21.30
O3B FAD I . 33.07 33.81 22.55
C2B FAD I . 34.38 33.44 20.52
O2B FAD I . 34.86 34.76 20.71
C1B FAD I . 35.32 32.41 21.16
N9A FAD I . 36.49 32.13 20.34
C8A FAD I . 36.53 31.84 19.01
N7A FAD I . 37.74 31.68 18.52
C5A FAD I . 38.55 31.88 19.62
C6A FAD I . 39.95 31.86 19.78
N6A FAD I . 40.81 31.59 18.79
N1A FAD I . 40.45 32.11 21.01
C2A FAD I . 39.59 32.38 22.01
N3A FAD I . 38.27 32.43 21.98
C4A FAD I . 37.80 32.17 20.76
N1 FAD I . 20.28 30.54 19.36
C2 FAD I . 19.00 30.35 19.84
O2 FAD I . 18.76 29.66 20.83
N3 FAD I . 17.94 30.93 19.17
C4 FAD I . 18.01 31.73 18.04
O4 FAD I . 16.98 32.20 17.55
C4X FAD I . 19.37 31.93 17.55
N5 FAD I . 19.53 32.68 16.49
C5X FAD I . 20.84 32.87 16.02
C6 FAD I . 21.05 33.69 14.90
C7 FAD I . 22.34 33.92 14.42
C7M FAD I . 22.53 34.77 13.20
C8 FAD I . 23.45 33.33 15.07
C8M FAD I . 24.85 33.54 14.57
C9 FAD I . 23.22 32.53 16.18
C9A FAD I . 21.95 32.30 16.66
N10 FAD I . 21.75 31.54 17.81
C10 FAD I . 20.45 31.28 18.27
C1' FAD I . 22.91 30.84 18.36
C2' FAD I . 23.09 30.85 19.86
O2' FAD I . 23.66 32.11 20.20
C3' FAD I . 24.09 29.72 20.16
O3' FAD I . 23.78 28.83 21.23
C4' FAD I . 25.54 30.17 20.23
O4' FAD I . 25.73 31.23 19.29
C5' FAD I . 26.45 29.02 19.94
O5' FAD I . 27.21 28.72 21.12
P FAD I . 28.74 28.41 21.03
O1P FAD I . 29.34 28.75 22.40
O2P FAD I . 28.96 27.04 20.55
O3P FAD I . 29.23 29.41 19.93
PA NAI J . 11.47 21.59 19.46
O1A NAI J . 11.22 20.55 20.51
O2A NAI J . 11.48 21.22 18.00
O5B NAI J . 10.42 22.85 19.68
C5B NAI J . 10.01 22.82 21.02
C4B NAI J . 8.77 23.71 21.19
O4B NAI J . 8.88 24.93 20.44
C3B NAI J . 7.52 22.93 20.69
O3B NAI J . 6.39 23.31 21.42
C2B NAI J . 7.38 23.47 19.27
O2B NAI J . 6.13 23.39 18.78
C1B NAI J . 7.77 24.97 19.53
N9A NAI J . 8.19 25.65 18.29
C8A NAI J . 9.19 25.26 17.35
N7A NAI J . 9.31 26.11 16.30
C5A NAI J . 8.34 27.12 16.60
C6A NAI J . 7.96 28.29 15.92
N6A NAI J . 8.57 28.65 14.73
N1A NAI J . 6.97 29.11 16.41
C2A NAI J . 6.40 28.71 17.59
N3A NAI J . 6.63 27.65 18.35
C4A NAI J . 7.63 26.84 17.82
O3 NAI J . 13.02 22.05 19.95
PN NAI J . 13.89 22.81 18.81
O1N NAI J . 15.07 23.38 19.50
O2N NAI J . 14.03 22.06 17.49
O5D NAI J . 12.97 24.25 18.29
C5D NAI J . 13.02 25.26 19.22
C4D NAI J . 13.27 26.58 18.45
O4D NAI J . 14.71 26.81 18.24
C3D NAI J . 12.63 26.53 17.00
O3D NAI J . 11.95 27.73 16.75
C2D NAI J . 13.87 26.38 16.12
O2D NAI J . 13.74 26.93 14.86
C1D NAI J . 14.87 27.27 16.90
N1N NAI J . 16.23 27.03 16.42
C2N NAI J . 17.00 28.10 15.99
C3N NAI J . 18.34 27.93 15.71
C7N NAI J . 19.08 29.10 15.24
O7N NAI J . 20.27 29.27 15.41
N7N NAI J . 18.36 30.04 14.51
C4N NAI J . 19.02 26.60 15.86
C5N NAI J . 18.04 25.49 16.06
C6N NAI J . 16.75 25.71 16.33
S SO4 K . 12.04 21.71 40.77
O1 SO4 K . 10.61 21.38 40.73
O2 SO4 K . 12.50 21.79 39.39
O3 SO4 K . 12.79 20.69 41.50
O4 SO4 K . 12.24 22.98 41.46
S SO4 L . 2.20 38.31 25.62
O1 SO4 L . 2.62 37.14 24.87
O2 SO4 L . 1.35 39.13 24.74
O3 SO4 L . 1.44 37.89 26.80
O4 SO4 L . 3.38 39.06 26.05
S SO4 M . 13.54 30.28 14.16
O1 SO4 M . 12.75 29.08 13.85
O2 SO4 M . 12.79 31.44 13.72
O3 SO4 M . 14.82 30.25 13.42
O4 SO4 M . 13.75 30.37 15.60
PA FAD N . -43.88 -5.52 -17.77
O1A FAD N . -44.65 -4.27 -17.70
O2A FAD N . -43.88 -6.45 -16.52
O5B FAD N . -44.47 -6.35 -19.01
C5B FAD N . -45.14 -7.63 -18.81
C4B FAD N . -46.47 -7.68 -19.56
O4B FAD N . -46.94 -9.05 -19.64
C3B FAD N . -47.60 -6.86 -18.92
O3B FAD N . -48.29 -6.08 -19.89
C2B FAD N . -48.47 -7.94 -18.27
O2B FAD N . -49.84 -7.56 -18.12
C1B FAD N . -48.29 -9.10 -19.25
N9A FAD N . -48.59 -10.40 -18.65
C8A FAD N . -48.21 -10.84 -17.41
N7A FAD N . -48.66 -12.03 -17.10
C5A FAD N . -49.42 -12.40 -18.20
C6A FAD N . -50.17 -13.56 -18.48
N6A FAD N . -50.29 -14.59 -17.64
N1A FAD N . -50.79 -13.61 -19.68
C2A FAD N . -50.68 -12.58 -20.52
N3A FAD N . -50.02 -11.43 -20.36
C4A FAD N . -49.40 -11.40 -19.16
N1 FAD N . -38.66 2.03 -16.02
C2 FAD N . -38.02 3.23 -16.25
O2 FAD N . -37.32 3.45 -17.26
N3 FAD N . -38.15 4.24 -15.32
C4 FAD N . -38.88 4.19 -14.13
O4 FAD N . -38.93 5.15 -13.38
C4X FAD N . -39.55 2.93 -13.90
N5 FAD N . -40.23 2.82 -12.81
C5X FAD N . -40.87 1.61 -12.57
C6 FAD N . -41.62 1.48 -11.40
C7 FAD N . -42.29 0.28 -11.13
C7M FAD N . -43.10 0.16 -9.86
C8 FAD N . -42.20 -0.80 -12.02
C8M FAD N . -42.90 -2.10 -11.75
C9 FAD N . -41.45 -0.64 -13.19
C9A FAD N . -40.79 0.54 -13.46
N10 FAD N . -40.05 0.72 -14.64
C10 FAD N . -39.38 1.90 -14.89
C1' FAD N . -39.88 -0.40 -15.56
C2' FAD N . -40.40 -0.18 -16.96
O2' FAD N . -41.83 -0.14 -16.93
C3' FAD N . -39.87 -1.31 -17.83
O3' FAD N . -39.54 -0.90 -19.14
C4' FAD N . -40.79 -2.53 -17.88
O4' FAD N . -41.76 -2.45 -16.82
C5' FAD N . -39.98 -3.80 -17.79
O5' FAD N . -40.19 -4.56 -19.01
P FAD N . -41.25 -5.72 -19.08
O1P FAD N . -40.73 -7.02 -18.44
O2P FAD N . -41.66 -5.58 -20.53
O3P FAD N . -42.37 -5.15 -18.11
S SO4 O . -42.14 29.76 -2.61
O1 SO4 O . -42.13 28.90 -3.78
O2 SO4 O . -43.02 30.90 -2.92
O3 SO4 O . -42.67 29.06 -1.45
O4 SO4 O . -40.77 30.20 -2.32
S SO4 P . -22.53 26.19 10.12
O1 SO4 P . -22.12 25.80 8.77
O2 SO4 P . -24.00 26.11 10.19
O3 SO4 P . -21.97 25.31 11.15
O4 SO4 P . -22.04 27.54 10.30
S SO4 Q . -34.99 22.37 -18.63
O1 SO4 Q . -34.15 21.89 -19.72
O2 SO4 Q . -36.29 22.71 -19.20
O3 SO4 Q . -35.16 21.35 -17.59
O4 SO4 Q . -34.29 23.53 -18.05
S SO4 R . -36.20 1.35 -12.47
O1 SO4 R . -37.55 0.96 -12.13
O2 SO4 R . -36.24 2.36 -13.52
O3 SO4 R . -35.50 0.17 -12.97
O4 SO4 R . -35.52 1.89 -11.29
PA FAD S . 18.08 -11.04 42.55
O1A FAD S . 19.19 -11.91 42.10
O2A FAD S . 16.69 -11.52 43.05
O5B FAD S . 18.69 -10.21 43.75
C5B FAD S . 17.95 -10.00 44.97
C4B FAD S . 18.90 -10.19 46.12
O4B FAD S . 18.35 -9.53 47.29
C3B FAD S . 19.13 -11.64 46.53
O3B FAD S . 20.47 -11.86 46.96
C2B FAD S . 18.10 -11.83 47.65
O2B FAD S . 18.37 -12.90 48.55
C1B FAD S . 18.18 -10.47 48.33
N9A FAD S . 17.00 -10.13 49.10
C8A FAD S . 15.68 -10.30 48.74
N7A FAD S . 14.83 -9.95 49.67
C5A FAD S . 15.63 -9.53 50.72
C6A FAD S . 15.33 -9.03 52.01
N6A FAD S . 14.10 -8.86 52.48
N1A FAD S . 16.38 -8.71 52.81
C2A FAD S . 17.62 -8.87 52.35
N3A FAD S . 18.02 -9.33 51.16
C4A FAD S . 16.97 -9.65 50.39
N1 FAD S . 20.14 -13.97 33.92
C2 FAD S . 20.90 -14.24 32.82
O2 FAD S . 21.73 -13.44 32.37
N3 FAD S . 20.76 -15.47 32.19
C4 FAD S . 19.91 -16.48 32.57
O4 FAD S . 19.88 -17.54 31.95
C4X FAD S . 19.10 -16.18 33.72
N5 FAD S . 18.26 -17.09 34.12
C5X FAD S . 17.49 -16.81 35.24
C6 FAD S . 16.59 -17.76 35.70
C7 FAD S . 15.79 -17.53 36.81
C7M FAD S . 14.82 -18.59 37.28
C8 FAD S . 15.88 -16.30 37.49
C8M FAD S . 15.03 -16.02 38.68
C9 FAD S . 16.79 -15.34 37.04
C9A FAD S . 17.58 -15.59 35.91
N10 FAD S . 18.51 -14.64 35.46
C10 FAD S . 19.29 -14.90 34.35
C1' FAD S . 18.59 -13.34 36.09
C2' FAD S . 19.93 -13.01 36.71
O2' FAD S . 20.15 -13.85 37.85
C3' FAD S . 19.89 -11.54 37.12
O3' FAD S . 21.11 -10.84 36.84
C4' FAD S . 19.46 -11.32 38.56
O4' FAD S . 18.65 -12.40 39.00
C5' FAD S . 18.73 -10.00 38.68
O5' FAD S . 19.38 -9.21 39.68
P FAD S . 18.61 -8.71 40.94
O1P FAD S . 19.85 -8.51 41.81
O2P FAD S . 17.66 -7.63 40.57
O3P FAD S . 17.78 -9.96 41.43
S SO4 T . 0.08 2.38 16.38
O1 SO4 T . -0.49 1.03 16.44
O2 SO4 T . -0.85 3.23 15.62
O3 SO4 T . 0.26 2.89 17.74
O4 SO4 T . 1.38 2.40 15.73
S SO4 U . 24.91 -41.13 19.27
O1 SO4 U . 25.73 -40.99 18.07
O2 SO4 U . 23.51 -41.31 18.89
O3 SO4 U . 25.08 -39.93 20.08
O4 SO4 U . 25.36 -42.27 20.07
S SO4 V . 9.82 -34.81 2.43
O1 SO4 V . 10.11 -35.81 1.41
O2 SO4 V . 8.43 -34.35 2.28
O3 SO4 V . 10.01 -35.35 3.79
O4 SO4 V . 10.77 -33.73 2.21
S SO4 W . 16.51 -14.22 31.38
O1 SO4 W . 15.94 -14.75 30.15
O2 SO4 W . 16.13 -12.83 31.55
O3 SO4 W . 16.01 -14.96 32.52
O4 SO4 W . 17.96 -14.30 31.28
#